data_6AJB
#
_entry.id   6AJB
#
_cell.length_a   120.520
_cell.length_b   70.464
_cell.length_c   121.929
_cell.angle_alpha   90.00
_cell.angle_beta   113.42
_cell.angle_gamma   90.00
#
_symmetry.space_group_name_H-M   'P 1 21 1'
#
loop_
_entity.id
_entity.type
_entity.pdbx_description
1 polymer 'Isocitrate dehydrogenase [NADP]'
2 non-polymer NICOTINAMIDE-ADENINE-DINUCLEOTIDE
3 non-polymer 'CALCIUM ION'
4 non-polymer '2-OXOGLUTARIC ACID'
#
_entity_poly.entity_id   1
_entity_poly.type   'polypeptide(L)'
_entity_poly.pdbx_seq_one_letter_code
;SNKISATGVLVELDGDEMTRVIWKKIKETLIFPFVNVPIEYYDLSMENRDKTEDRVTVEAAYAIKKHGVGVKCATITPDE
ARVKEFNLKKMWRSPNGTIRTILGGTVFREPIICSNVPRLVTTWKKPVVIGRHAFGDQYSATDAVVKEPGTFEMRFIPAN
GGEPKVYKVFDYKSGGVMMGMYNTDDSIRDFARSCFEFALARKWPLYLSTKNTILKHYDGRFKDIFAEMYKALYETKFKT
CGIFYEHRLIDDMVAHCMRSEGGYVWACKNYDGDVQSDSLAQGFGSLGMMTSILMTPDGKTVEVEAAHGTVTRHYRDYQK
GKETSTNPVASIFAWTRALAHRARVDNNNTLLEFTQRLEDVIIATIEAGAMTEDLAICIKGEKNVVRADYLNTDEFIDAV
SQRLKVAMQKSKV
;
_entity_poly.pdbx_strand_id   A,B,C,D
#
loop_
_chem_comp.id
_chem_comp.type
_chem_comp.name
_chem_comp.formula
AKG non-polymer '2-OXOGLUTARIC ACID' 'C5 H6 O5'
CA non-polymer 'CALCIUM ION' 'Ca 2'
NAD non-polymer NICOTINAMIDE-ADENINE-DINUCLEOTIDE 'C21 H27 N7 O14 P2'
#
# COMPACT_ATOMS: atom_id res chain seq x y z
N SER A 1 -15.66 10.16 -14.32
CA SER A 1 -15.37 8.94 -13.51
C SER A 1 -14.03 8.22 -13.88
N ASN A 2 -13.07 8.91 -14.51
CA ASN A 2 -11.80 8.29 -15.02
C ASN A 2 -10.79 7.91 -13.94
N LYS A 3 -10.77 8.71 -12.87
CA LYS A 3 -9.93 8.51 -11.68
C LYS A 3 -8.49 8.87 -12.00
N ILE A 4 -7.94 9.70 -11.16
CA ILE A 4 -6.94 10.68 -11.57
C ILE A 4 -5.52 10.13 -11.81
N SER A 5 -5.16 9.04 -11.15
CA SER A 5 -3.79 8.48 -11.19
C SER A 5 -2.65 9.51 -10.86
N ALA A 6 -1.39 9.09 -10.99
CA ALA A 6 -0.24 10.00 -10.86
C ALA A 6 0.92 9.61 -11.83
N THR A 7 2.07 10.29 -11.68
CA THR A 7 3.30 10.02 -12.48
C THR A 7 4.52 9.69 -11.56
N GLY A 8 4.79 10.58 -10.59
CA GLY A 8 5.80 10.35 -9.55
C GLY A 8 5.19 9.63 -8.37
N VAL A 9 6.00 9.40 -7.32
CA VAL A 9 5.59 8.53 -6.18
C VAL A 9 5.52 9.19 -4.79
N LEU A 10 4.84 8.52 -3.88
CA LEU A 10 4.35 9.11 -2.66
C LEU A 10 4.53 8.11 -1.54
N VAL A 11 5.18 8.52 -0.46
CA VAL A 11 5.48 7.62 0.63
C VAL A 11 4.48 7.73 1.79
N GLU A 12 3.88 6.58 2.12
CA GLU A 12 2.87 6.46 3.16
C GLU A 12 3.62 5.88 4.31
N LEU A 13 3.53 6.56 5.45
CA LEU A 13 4.10 6.09 6.72
C LEU A 13 2.90 5.91 7.64
N ASP A 14 2.73 4.68 8.09
CA ASP A 14 1.54 4.26 8.75
C ASP A 14 1.78 4.12 10.27
N GLY A 15 0.70 4.34 11.02
CA GLY A 15 0.76 4.70 12.41
C GLY A 15 0.17 3.77 13.45
N ASP A 16 -0.22 4.36 14.57
CA ASP A 16 -0.50 3.65 15.78
C ASP A 16 -1.85 4.02 16.27
N GLU A 17 -2.45 3.07 16.99
CA GLU A 17 -3.70 3.27 17.70
C GLU A 17 -4.77 3.97 16.87
N MET A 18 -5.51 4.90 17.44
CA MET A 18 -6.73 5.35 16.84
C MET A 18 -6.53 5.95 15.45
N THR A 19 -5.44 6.70 15.26
CA THR A 19 -5.23 7.35 13.98
C THR A 19 -4.93 6.35 12.86
N ARG A 20 -4.23 5.26 13.14
CA ARG A 20 -4.20 4.12 12.18
C ARG A 20 -5.59 3.62 11.72
N VAL A 21 -6.55 3.57 12.65
CA VAL A 21 -7.92 3.17 12.30
C VAL A 21 -8.56 4.22 11.41
N ILE A 22 -8.25 5.47 11.67
CA ILE A 22 -8.83 6.51 10.88
C ILE A 22 -8.12 6.63 9.54
N TRP A 23 -6.80 6.41 9.54
CA TRP A 23 -5.96 6.43 8.35
C TRP A 23 -6.48 5.44 7.31
N LYS A 24 -6.72 4.21 7.76
CA LYS A 24 -7.24 3.18 6.86
C LYS A 24 -8.57 3.69 6.27
N LYS A 25 -9.43 4.24 7.13
CA LYS A 25 -10.73 4.65 6.67
C LYS A 25 -10.61 5.68 5.54
N ILE A 26 -9.64 6.58 5.63
CA ILE A 26 -9.51 7.68 4.66
C ILE A 26 -8.97 7.22 3.28
N LYS A 27 -8.04 6.27 3.30
CA LYS A 27 -7.59 5.71 2.06
C LYS A 27 -8.69 4.86 1.34
N GLU A 28 -9.59 4.26 2.12
CA GLU A 28 -10.64 3.37 1.61
C GLU A 28 -11.78 4.14 0.94
N THR A 29 -12.09 5.26 1.58
CA THR A 29 -13.25 6.10 1.30
C THR A 29 -12.93 7.40 0.56
N LEU A 30 -11.91 8.12 1.01
CA LEU A 30 -11.62 9.42 0.46
C LEU A 30 -10.50 9.45 -0.54
N ILE A 31 -9.71 8.40 -0.69
CA ILE A 31 -8.56 8.53 -1.57
C ILE A 31 -8.60 7.49 -2.67
N PHE A 32 -8.42 6.22 -2.38
CA PHE A 32 -8.29 5.19 -3.44
C PHE A 32 -9.51 5.04 -4.38
N PRO A 33 -10.73 5.44 -3.92
CA PRO A 33 -11.84 5.66 -4.83
C PRO A 33 -11.55 6.67 -5.92
N PHE A 34 -11.07 7.85 -5.54
CA PHE A 34 -10.99 8.98 -6.46
C PHE A 34 -9.64 9.23 -7.13
N VAL A 35 -8.61 8.48 -6.77
CA VAL A 35 -7.30 8.68 -7.38
C VAL A 35 -6.41 7.48 -7.08
N ASN A 36 -5.55 7.16 -8.03
CA ASN A 36 -4.63 6.04 -7.90
C ASN A 36 -3.24 6.64 -7.75
N VAL A 37 -2.47 6.15 -6.78
CA VAL A 37 -1.16 6.72 -6.50
C VAL A 37 -0.18 5.61 -6.32
N PRO A 38 0.87 5.57 -7.15
CA PRO A 38 1.96 4.65 -6.78
C PRO A 38 2.54 5.06 -5.40
N ILE A 39 2.41 4.15 -4.43
CA ILE A 39 2.83 4.40 -3.07
C ILE A 39 3.99 3.42 -2.70
N GLU A 40 4.96 3.92 -1.93
CA GLU A 40 5.90 3.05 -1.20
C GLU A 40 5.37 3.09 0.22
N TYR A 41 5.00 1.93 0.74
CA TYR A 41 4.45 1.81 2.06
C TYR A 41 5.54 1.34 2.96
N TYR A 42 5.69 2.04 4.07
CA TYR A 42 6.45 1.59 5.21
C TYR A 42 5.47 1.61 6.36
N ASP A 43 5.37 0.52 7.14
CA ASP A 43 4.48 0.53 8.31
C ASP A 43 5.30 0.86 9.55
N LEU A 44 4.92 1.94 10.24
CA LEU A 44 5.63 2.45 11.42
C LEU A 44 4.70 2.33 12.64
N SER A 45 4.06 1.17 12.75
CA SER A 45 3.38 0.77 13.95
C SER A 45 4.44 0.49 14.93
N MET A 46 4.05 0.52 16.19
CA MET A 46 4.98 0.24 17.27
C MET A 46 5.48 -1.22 17.18
N GLU A 47 4.56 -2.11 16.82
CA GLU A 47 4.84 -3.53 16.70
C GLU A 47 5.88 -3.71 15.63
N ASN A 48 5.59 -3.16 14.45
CA ASN A 48 6.48 -3.29 13.29
C ASN A 48 7.81 -2.57 13.50
N ARG A 49 7.76 -1.39 14.09
CA ARG A 49 9.01 -0.70 14.45
C ARG A 49 9.92 -1.58 15.37
N ASP A 50 9.28 -2.36 16.26
CA ASP A 50 9.96 -3.30 17.14
C ASP A 50 10.55 -4.47 16.34
N LYS A 51 9.69 -5.16 15.61
CA LYS A 51 10.11 -6.35 14.84
C LYS A 51 11.35 -6.01 13.97
N THR A 52 11.24 -4.99 13.12
CA THR A 52 12.35 -4.60 12.24
C THR A 52 13.50 -3.93 12.99
N GLU A 53 13.22 -3.39 14.17
CA GLU A 53 14.21 -2.81 15.08
C GLU A 53 14.54 -1.43 14.56
N ASP A 54 13.51 -0.60 14.55
CA ASP A 54 13.53 0.77 14.01
C ASP A 54 14.05 0.90 12.57
N ARG A 55 14.19 -0.25 11.91
CA ARG A 55 14.85 -0.35 10.62
C ARG A 55 13.94 0.28 9.56
N VAL A 56 12.63 0.02 9.66
CA VAL A 56 11.63 0.64 8.77
C VAL A 56 11.53 2.14 8.89
N THR A 57 11.71 2.65 10.10
CA THR A 57 11.62 4.09 10.31
C THR A 57 12.66 4.82 9.48
N VAL A 58 13.90 4.31 9.51
CA VAL A 58 14.96 4.88 8.71
C VAL A 58 14.72 4.65 7.26
N GLU A 59 14.43 3.39 6.94
CA GLU A 59 14.07 2.97 5.59
C GLU A 59 13.10 4.01 4.98
N ALA A 60 12.02 4.28 5.71
CA ALA A 60 10.99 5.23 5.31
C ALA A 60 11.49 6.68 5.10
N ALA A 61 12.44 7.12 5.92
CA ALA A 61 12.92 8.50 5.86
C ALA A 61 13.76 8.73 4.60
N TYR A 62 14.69 7.81 4.34
CA TYR A 62 15.42 7.80 3.07
C TYR A 62 14.48 7.77 1.86
N ALA A 63 13.41 6.97 1.95
CA ALA A 63 12.44 6.92 0.85
C ALA A 63 11.91 8.31 0.53
N ILE A 64 11.46 9.01 1.56
CA ILE A 64 10.97 10.38 1.40
C ILE A 64 12.00 11.21 0.65
N LYS A 65 13.28 11.15 1.04
CA LYS A 65 14.32 11.90 0.31
C LYS A 65 14.37 11.57 -1.17
N LYS A 66 14.47 10.28 -1.49
CA LYS A 66 14.48 9.78 -2.86
C LYS A 66 13.33 10.32 -3.69
N HIS A 67 12.11 10.30 -3.13
CA HIS A 67 10.88 10.59 -3.87
C HIS A 67 10.35 12.02 -3.72
N GLY A 68 10.63 12.61 -2.57
CA GLY A 68 10.35 14.02 -2.31
C GLY A 68 9.08 14.34 -1.54
N VAL A 69 8.31 13.33 -1.12
CA VAL A 69 7.10 13.57 -0.30
C VAL A 69 6.78 12.43 0.65
N GLY A 70 6.35 12.77 1.87
CA GLY A 70 5.93 11.77 2.86
C GLY A 70 4.62 12.17 3.48
N VAL A 71 3.69 11.22 3.67
CA VAL A 71 2.56 11.46 4.55
C VAL A 71 2.65 10.55 5.74
N LYS A 72 2.38 11.07 6.93
CA LYS A 72 2.62 10.31 8.13
C LYS A 72 1.44 10.20 9.03
N CYS A 73 1.19 8.96 9.41
CA CYS A 73 0.19 8.67 10.41
C CYS A 73 0.83 8.83 11.76
N ALA A 74 0.01 9.13 12.77
CA ALA A 74 0.52 9.38 14.12
C ALA A 74 1.07 8.10 14.70
N THR A 75 2.17 8.25 15.41
CA THR A 75 2.94 7.16 15.92
C THR A 75 3.29 7.38 17.38
N ILE A 76 3.22 6.31 18.15
CA ILE A 76 3.58 6.27 19.55
C ILE A 76 5.08 6.47 19.71
N THR A 77 5.50 7.38 20.60
CA THR A 77 6.91 7.45 21.00
C THR A 77 7.12 6.55 22.20
N PRO A 78 8.23 5.80 22.20
CA PRO A 78 8.54 4.92 23.32
C PRO A 78 9.06 5.68 24.52
N ASP A 79 8.38 5.46 25.64
CA ASP A 79 8.76 5.97 26.94
C ASP A 79 8.84 4.70 27.79
N GLU A 80 8.94 4.88 29.11
CA GLU A 80 8.83 3.80 30.11
C GLU A 80 7.57 2.86 29.97
N ALA A 81 6.39 3.30 30.40
CA ALA A 81 5.20 2.44 30.40
C ALA A 81 4.93 1.76 29.05
N ARG A 82 5.42 2.35 27.97
CA ARG A 82 5.22 1.80 26.64
C ARG A 82 5.99 0.51 26.42
N VAL A 83 7.20 0.40 26.99
CA VAL A 83 7.97 -0.85 26.93
C VAL A 83 7.26 -2.03 27.64
N LYS A 84 6.50 -1.74 28.70
CA LYS A 84 5.79 -2.75 29.48
C LYS A 84 4.55 -3.23 28.74
N GLU A 85 3.76 -2.27 28.26
CA GLU A 85 2.55 -2.55 27.49
C GLU A 85 2.92 -3.28 26.22
N PHE A 86 3.85 -2.71 25.45
CA PHE A 86 4.28 -3.28 24.15
C PHE A 86 5.39 -4.36 24.19
N ASN A 87 5.96 -4.63 25.37
CA ASN A 87 7.00 -5.65 25.52
C ASN A 87 8.16 -5.36 24.59
N LEU A 88 8.70 -4.14 24.69
CA LEU A 88 9.67 -3.67 23.70
C LEU A 88 11.03 -4.19 24.10
N LYS A 89 11.92 -4.29 23.11
CA LYS A 89 13.26 -4.87 23.29
C LYS A 89 14.29 -3.81 23.70
N LYS A 90 13.92 -2.54 23.56
CA LYS A 90 14.90 -1.45 23.53
C LYS A 90 14.09 -0.22 23.23
N MET A 91 14.19 0.78 24.09
CA MET A 91 13.32 1.92 24.01
C MET A 91 13.77 2.85 22.86
N TRP A 92 13.11 2.64 21.70
CA TRP A 92 13.52 3.23 20.42
C TRP A 92 13.19 4.71 20.49
N ARG A 93 13.98 5.50 19.78
CA ARG A 93 13.89 6.93 19.88
C ARG A 93 12.59 7.32 19.18
N SER A 94 12.18 8.57 19.26
CA SER A 94 10.98 8.99 18.55
C SER A 94 11.18 8.81 17.06
N PRO A 95 10.15 8.39 16.36
CA PRO A 95 10.30 8.26 14.92
C PRO A 95 10.41 9.60 14.15
N ASN A 96 9.70 10.63 14.59
CA ASN A 96 9.82 11.92 13.92
C ASN A 96 11.22 12.43 14.12
N GLY A 97 11.75 12.22 15.34
CA GLY A 97 13.10 12.60 15.74
C GLY A 97 14.05 12.05 14.74
N THR A 98 14.04 10.71 14.66
CA THR A 98 14.82 9.92 13.68
C THR A 98 14.71 10.48 12.24
N ILE A 99 13.47 10.69 11.79
CA ILE A 99 13.14 11.20 10.46
C ILE A 99 13.60 12.62 10.17
N ARG A 100 13.33 13.55 11.10
CA ARG A 100 13.73 14.96 10.93
C ARG A 100 15.26 15.08 10.87
N THR A 101 15.98 14.33 11.70
CA THR A 101 17.44 14.18 11.49
C THR A 101 17.81 13.90 10.01
N ILE A 102 17.27 12.85 9.42
CA ILE A 102 17.78 12.34 8.16
C ILE A 102 17.43 13.28 7.02
N LEU A 103 16.19 13.74 6.96
CA LEU A 103 15.76 14.70 5.96
C LEU A 103 16.39 16.06 6.21
N GLY A 104 16.35 16.49 7.47
CA GLY A 104 16.72 17.85 7.83
C GLY A 104 15.51 18.74 7.61
N GLY A 105 15.69 20.05 7.68
CA GLY A 105 14.60 21.02 7.45
C GLY A 105 13.76 21.41 8.65
N THR A 106 12.73 22.20 8.36
CA THR A 106 12.05 23.02 9.37
C THR A 106 10.56 22.68 9.32
N VAL A 107 9.88 22.57 10.47
CA VAL A 107 8.43 22.19 10.56
C VAL A 107 7.47 23.40 10.52
N PHE A 108 6.34 23.31 9.83
CA PHE A 108 5.42 24.43 9.80
C PHE A 108 4.08 23.97 10.24
N ARG A 109 3.50 24.52 11.30
CA ARG A 109 2.16 24.06 11.73
C ARG A 109 1.05 24.95 11.10
N GLU A 110 0.34 24.44 10.09
CA GLU A 110 -0.75 25.19 9.43
C GLU A 110 -2.09 24.74 9.97
N PRO A 111 -2.97 25.66 10.44
CA PRO A 111 -4.31 25.26 10.95
C PRO A 111 -5.46 25.44 9.98
N ILE A 112 -6.49 24.67 10.20
CA ILE A 112 -7.61 24.64 9.29
C ILE A 112 -8.73 25.34 10.03
N ILE A 113 -9.42 26.20 9.29
CA ILE A 113 -10.34 27.17 9.83
C ILE A 113 -11.70 26.99 9.18
N CYS A 114 -12.79 27.20 9.93
CA CYS A 114 -14.13 27.07 9.34
C CYS A 114 -14.99 28.20 9.86
N SER A 115 -15.68 28.92 8.97
CA SER A 115 -16.62 29.99 9.35
C SER A 115 -17.29 29.70 10.71
N ASN A 116 -18.09 28.64 10.77
CA ASN A 116 -18.92 28.35 11.95
C ASN A 116 -18.21 27.90 13.22
N VAL A 117 -16.94 27.53 13.10
CA VAL A 117 -16.10 27.17 14.24
C VAL A 117 -15.28 28.38 14.81
N PRO A 118 -15.75 28.98 15.94
CA PRO A 118 -15.13 30.19 16.45
C PRO A 118 -13.77 29.88 17.02
N ARG A 119 -12.86 30.83 17.02
CA ARG A 119 -11.58 30.60 17.68
C ARG A 119 -11.69 31.22 19.05
N LEU A 120 -10.61 31.09 19.83
CA LEU A 120 -10.54 31.69 21.14
C LEU A 120 -10.13 33.13 20.98
N VAL A 121 -9.46 33.47 19.89
CA VAL A 121 -9.15 34.84 19.58
C VAL A 121 -10.12 35.38 18.53
N THR A 122 -10.91 36.40 18.89
CA THR A 122 -11.97 36.92 18.00
C THR A 122 -11.44 37.41 16.61
N THR A 123 -10.23 37.99 16.58
CA THR A 123 -9.70 38.65 15.40
C THR A 123 -9.17 37.74 14.35
N TRP A 124 -8.79 36.53 14.71
CA TRP A 124 -8.22 35.57 13.73
C TRP A 124 -9.22 35.14 12.63
N LYS A 125 -8.91 35.45 11.37
CA LYS A 125 -9.72 34.97 10.22
C LYS A 125 -8.97 34.00 9.30
N LYS A 126 -7.65 34.09 9.21
CA LYS A 126 -6.86 33.28 8.31
C LYS A 126 -5.72 32.66 9.10
N PRO A 127 -5.00 31.67 8.54
CA PRO A 127 -3.89 31.02 9.22
C PRO A 127 -2.73 31.90 9.73
N VAL A 128 -1.97 31.36 10.69
CA VAL A 128 -0.72 31.94 11.20
C VAL A 128 0.26 30.80 11.33
N VAL A 129 1.17 30.73 10.38
CA VAL A 129 2.06 29.59 10.28
C VAL A 129 3.44 29.80 10.93
N ILE A 130 3.57 29.32 12.19
CA ILE A 130 4.84 29.30 12.91
C ILE A 130 5.79 28.28 12.28
N GLY A 131 7.01 28.74 11.97
CA GLY A 131 8.18 27.91 11.67
C GLY A 131 9.13 28.06 12.85
N ARG A 132 9.44 26.93 13.49
CA ARG A 132 10.36 26.85 14.63
C ARG A 132 11.73 26.43 14.16
N HIS A 133 12.76 27.03 14.72
CA HIS A 133 14.13 26.69 14.36
C HIS A 133 14.67 25.66 15.37
N ALA A 134 14.52 24.37 15.04
CA ALA A 134 14.99 23.22 15.87
C ALA A 134 16.42 23.30 16.53
N PHE A 135 17.41 23.79 15.79
CA PHE A 135 18.82 23.75 16.22
C PHE A 135 19.16 24.66 17.41
N GLY A 136 19.88 24.07 18.37
CA GLY A 136 19.80 24.45 19.77
C GLY A 136 20.20 25.86 20.02
N ASP A 137 19.36 26.58 20.74
CA ASP A 137 19.83 27.78 21.44
C ASP A 137 20.15 27.28 22.86
N GLN A 138 19.32 27.71 23.81
CA GLN A 138 18.98 26.96 25.04
C GLN A 138 18.93 25.43 24.95
N TYR A 139 18.50 24.88 23.84
CA TYR A 139 18.29 23.44 23.76
C TYR A 139 19.59 22.64 23.59
N SER A 140 20.69 23.34 23.32
CA SER A 140 22.05 22.75 23.32
C SER A 140 23.04 23.55 24.20
N ALA A 141 22.51 24.28 25.17
CA ALA A 141 23.32 25.19 25.98
C ALA A 141 23.93 24.40 27.12
N THR A 142 24.98 24.92 27.77
CA THR A 142 25.44 24.38 29.04
C THR A 142 25.04 25.32 30.18
N ASP A 143 24.68 24.73 31.32
CA ASP A 143 24.23 25.48 32.49
C ASP A 143 24.60 24.75 33.78
N ALA A 144 24.86 25.54 34.83
CA ALA A 144 25.30 24.98 36.11
C ALA A 144 25.07 26.00 37.18
N VAL A 145 24.92 25.56 38.43
CA VAL A 145 24.77 26.55 39.49
C VAL A 145 26.17 27.01 39.95
N VAL A 146 26.24 28.29 40.32
CA VAL A 146 27.36 28.85 41.06
C VAL A 146 27.08 28.73 42.56
N LYS A 147 28.02 28.20 43.34
CA LYS A 147 27.91 28.18 44.82
C LYS A 147 28.87 29.20 45.49
N GLU A 148 30.16 29.04 45.17
CA GLU A 148 31.23 29.92 45.65
C GLU A 148 31.09 31.31 45.03
N PRO A 149 31.44 32.37 45.77
CA PRO A 149 31.69 33.64 45.05
C PRO A 149 32.81 33.43 44.03
N GLY A 150 32.79 34.18 42.93
CA GLY A 150 33.79 33.95 41.88
C GLY A 150 33.54 34.73 40.61
N THR A 151 33.80 34.15 39.45
CA THR A 151 33.72 34.89 38.18
C THR A 151 33.41 34.02 36.95
N PHE A 152 32.24 34.30 36.33
CA PHE A 152 31.87 33.63 35.09
C PHE A 152 32.52 34.34 33.94
N GLU A 153 33.30 33.57 33.17
CA GLU A 153 34.04 34.11 32.05
C GLU A 153 33.73 33.28 30.84
N MET A 154 33.94 33.87 29.66
CA MET A 154 33.76 33.19 28.38
C MET A 154 34.98 33.41 27.52
N ARG A 155 35.50 32.33 26.91
CA ARG A 155 36.56 32.47 25.91
C ARG A 155 36.12 31.91 24.59
N PHE A 156 36.38 32.68 23.52
CA PHE A 156 36.45 32.18 22.15
C PHE A 156 37.91 31.95 21.88
N ILE A 157 38.28 30.71 21.53
CA ILE A 157 39.68 30.23 21.38
C ILE A 157 39.92 29.85 19.91
N PRO A 158 40.41 30.82 19.06
CA PRO A 158 40.48 30.62 17.60
C PRO A 158 41.22 29.36 17.24
N ALA A 159 40.69 28.57 16.31
CA ALA A 159 41.36 27.31 15.92
C ALA A 159 42.68 27.53 15.14
N ASN A 160 42.92 28.73 14.59
CA ASN A 160 44.16 29.07 13.86
C ASN A 160 45.31 29.55 14.76
N GLY A 161 45.24 29.15 16.03
CA GLY A 161 46.23 29.57 17.01
C GLY A 161 46.16 31.00 17.52
N GLY A 162 45.40 31.88 16.90
CA GLY A 162 45.39 33.30 17.22
C GLY A 162 44.87 33.60 18.61
N GLU A 163 45.05 34.85 19.04
CA GLU A 163 44.85 35.25 20.44
C GLU A 163 43.39 35.19 20.81
N PRO A 164 43.07 34.39 21.85
CA PRO A 164 41.70 34.26 22.23
C PRO A 164 41.19 35.57 22.76
N LYS A 165 39.87 35.69 22.76
CA LYS A 165 39.24 36.82 23.39
C LYS A 165 38.33 36.34 24.53
N VAL A 166 38.60 36.88 25.74
CA VAL A 166 37.73 36.69 26.91
C VAL A 166 36.52 37.65 27.02
N TYR A 167 35.58 37.25 27.87
CA TYR A 167 34.49 38.10 28.23
C TYR A 167 34.16 37.82 29.70
N LYS A 168 34.36 38.81 30.58
CA LYS A 168 33.88 38.68 31.97
C LYS A 168 32.41 39.02 31.90
N VAL A 169 31.62 38.04 32.30
CA VAL A 169 30.19 38.13 32.29
C VAL A 169 29.75 38.61 33.65
N PHE A 170 30.21 37.94 34.67
CA PHE A 170 29.77 38.23 36.00
C PHE A 170 30.75 37.78 37.11
N ASP A 171 30.70 38.52 38.22
CA ASP A 171 31.32 38.18 39.50
C ASP A 171 30.22 37.92 40.53
N TYR A 172 30.07 36.67 40.93
CA TYR A 172 29.06 36.32 41.93
C TYR A 172 29.57 36.69 43.32
N LYS A 173 28.68 36.84 44.29
CA LYS A 173 29.08 37.08 45.68
C LYS A 173 28.34 36.14 46.65
N SER A 174 27.01 36.18 46.65
CA SER A 174 26.23 34.99 47.04
C SER A 174 26.44 34.00 45.91
N GLY A 175 25.73 32.89 45.99
CA GLY A 175 25.54 32.04 44.82
C GLY A 175 24.57 32.54 43.74
N GLY A 176 24.63 31.87 42.61
CA GLY A 176 23.74 32.09 41.48
C GLY A 176 23.72 30.92 40.49
N VAL A 177 23.85 31.25 39.20
CA VAL A 177 23.51 30.39 38.06
C VAL A 177 24.13 31.03 36.79
N MET A 178 24.49 30.18 35.82
CA MET A 178 25.22 30.63 34.61
C MET A 178 24.86 29.75 33.47
N MET A 179 24.72 30.36 32.30
CA MET A 179 24.42 29.64 31.07
C MET A 179 25.25 30.20 29.93
N GLY A 180 25.67 29.34 29.02
CA GLY A 180 26.33 29.77 27.79
C GLY A 180 25.66 29.07 26.63
N MET A 181 25.48 29.75 25.50
CA MET A 181 24.73 29.14 24.39
C MET A 181 25.17 29.54 23.01
N TYR A 182 24.78 28.73 22.03
CA TYR A 182 25.24 28.91 20.67
C TYR A 182 24.26 28.63 19.53
N ASN A 183 24.69 29.06 18.35
CA ASN A 183 24.09 28.72 17.08
C ASN A 183 25.06 28.82 15.92
N THR A 184 24.81 28.05 14.87
CA THR A 184 25.70 28.05 13.70
C THR A 184 25.08 29.00 12.71
N ASP A 185 25.91 29.56 11.84
CA ASP A 185 25.46 30.35 10.68
C ASP A 185 24.68 29.49 9.68
N ASP A 186 25.08 28.23 9.50
CA ASP A 186 24.50 27.36 8.50
C ASP A 186 23.13 26.91 8.95
N SER A 187 23.01 26.52 10.21
CA SER A 187 21.70 26.13 10.77
C SER A 187 20.59 27.19 10.57
N ILE A 188 20.97 28.45 10.83
CA ILE A 188 20.14 29.62 10.61
C ILE A 188 19.95 29.84 9.13
N ARG A 189 21.01 29.75 8.33
CA ARG A 189 20.84 29.92 6.88
C ARG A 189 19.81 28.87 6.28
N ASP A 190 19.76 27.65 6.84
CA ASP A 190 18.74 26.65 6.44
C ASP A 190 17.35 26.83 7.06
N PHE A 191 17.29 27.39 8.26
CA PHE A 191 16.03 27.83 8.78
C PHE A 191 15.48 28.86 7.78
N ALA A 192 16.29 29.86 7.44
CA ALA A 192 15.82 30.88 6.50
C ALA A 192 15.35 30.31 5.19
N ARG A 193 16.24 29.61 4.52
CA ARG A 193 15.91 29.04 3.21
C ARG A 193 14.53 28.39 3.22
N SER A 194 14.31 27.55 4.23
CA SER A 194 13.04 26.85 4.39
C SER A 194 11.81 27.77 4.58
N CYS A 195 11.87 28.67 5.55
CA CYS A 195 10.80 29.68 5.68
C CYS A 195 10.53 30.46 4.38
N PHE A 196 11.55 31.06 3.74
CA PHE A 196 11.33 31.72 2.42
C PHE A 196 10.73 30.79 1.40
N GLU A 197 11.19 29.55 1.41
CA GLU A 197 10.68 28.60 0.46
C GLU A 197 9.23 28.39 0.71
N PHE A 198 8.91 28.11 1.95
CA PHE A 198 7.56 27.86 2.32
C PHE A 198 6.64 29.07 2.03
N ALA A 199 7.02 30.28 2.45
CA ALA A 199 6.15 31.45 2.33
C ALA A 199 5.81 31.70 0.87
N LEU A 200 6.78 31.53 0.00
CA LEU A 200 6.56 31.73 -1.44
C LEU A 200 5.63 30.71 -1.99
N ALA A 201 5.88 29.46 -1.62
CA ALA A 201 5.07 28.39 -2.12
C ALA A 201 3.61 28.67 -1.76
N ARG A 202 3.36 29.01 -0.49
CA ARG A 202 2.03 29.35 -0.02
C ARG A 202 1.49 30.67 -0.54
N LYS A 203 2.35 31.56 -1.00
CA LYS A 203 1.95 32.92 -1.36
C LYS A 203 1.49 33.69 -0.09
N TRP A 204 2.00 33.35 1.09
CA TRP A 204 1.82 34.18 2.28
C TRP A 204 3.04 35.05 2.53
N PRO A 205 2.91 36.11 3.30
CA PRO A 205 4.11 36.87 3.78
C PRO A 205 4.86 36.18 4.92
N LEU A 206 6.00 36.70 5.32
CA LEU A 206 6.88 36.06 6.33
C LEU A 206 7.37 37.05 7.35
N TYR A 207 7.01 36.90 8.60
CA TYR A 207 7.63 37.72 9.64
C TYR A 207 8.69 36.90 10.33
N LEU A 208 9.87 37.47 10.52
CA LEU A 208 10.87 36.90 11.37
C LEU A 208 10.82 37.68 12.69
N SER A 209 10.73 37.00 13.83
CA SER A 209 10.81 37.65 15.14
C SER A 209 12.11 37.40 15.90
N THR A 210 12.76 38.46 16.37
CA THR A 210 13.91 38.32 17.28
C THR A 210 13.99 39.46 18.31
N LYS A 211 14.95 39.32 19.23
CA LYS A 211 15.19 40.29 20.30
C LYS A 211 16.59 40.97 20.13
N ASN A 212 16.85 41.40 18.89
CA ASN A 212 18.08 42.10 18.51
C ASN A 212 18.20 43.49 19.11
N THR A 213 17.16 43.97 19.79
CA THR A 213 17.30 45.15 20.63
C THR A 213 18.28 44.95 21.80
N ILE A 214 18.44 43.69 22.24
CA ILE A 214 19.25 43.32 23.40
C ILE A 214 20.44 42.42 23.06
N LEU A 215 20.14 41.37 22.31
CA LEU A 215 21.12 40.41 21.83
C LEU A 215 21.63 40.87 20.45
N LYS A 216 22.35 41.97 20.49
CA LYS A 216 22.62 42.74 19.29
C LYS A 216 23.43 41.93 18.27
N HIS A 217 24.41 41.19 18.73
CA HIS A 217 25.14 40.27 17.88
C HIS A 217 24.34 38.97 17.64
N TYR A 218 23.84 38.35 18.71
CA TYR A 218 23.18 37.01 18.63
C TYR A 218 21.93 36.99 17.77
N ASP A 219 20.95 37.78 18.20
CA ASP A 219 19.68 37.89 17.52
C ASP A 219 19.88 38.81 16.32
N GLY A 220 20.96 39.59 16.34
CA GLY A 220 21.41 40.31 15.15
C GLY A 220 21.73 39.42 13.98
N ARG A 221 22.58 38.43 14.22
CA ARG A 221 22.94 37.45 13.19
C ARG A 221 21.67 36.82 12.58
N PHE A 222 20.60 36.62 13.33
CA PHE A 222 19.40 36.12 12.66
C PHE A 222 18.85 37.17 11.69
N LYS A 223 18.57 38.37 12.19
CA LYS A 223 18.05 39.46 11.35
C LYS A 223 18.84 39.66 10.06
N ASP A 224 20.17 39.71 10.20
CA ASP A 224 21.14 39.86 9.09
C ASP A 224 21.07 38.77 8.02
N ILE A 225 21.19 37.51 8.43
CA ILE A 225 21.26 36.40 7.50
C ILE A 225 19.97 36.27 6.78
N PHE A 226 18.88 36.74 7.36
CA PHE A 226 17.61 36.80 6.66
C PHE A 226 17.59 37.80 5.56
N ALA A 227 17.81 39.04 5.91
CA ALA A 227 17.83 40.07 4.91
C ALA A 227 18.93 39.91 3.83
N GLU A 228 20.03 39.23 4.14
CA GLU A 228 21.05 38.89 3.15
C GLU A 228 20.31 38.11 2.09
N MET A 229 19.72 37.03 2.54
CA MET A 229 19.04 36.12 1.64
C MET A 229 17.81 36.71 1.00
N TYR A 230 17.16 37.64 1.69
CA TYR A 230 15.91 38.16 1.20
C TYR A 230 16.21 38.91 -0.06
N LYS A 231 17.07 39.93 0.00
CA LYS A 231 17.28 40.78 -1.18
C LYS A 231 18.42 40.36 -2.12
N ALA A 232 18.80 39.09 -2.01
CA ALA A 232 19.62 38.41 -3.01
C ALA A 232 18.80 37.45 -3.87
N LEU A 233 18.01 36.57 -3.26
CA LEU A 233 17.26 35.51 -3.94
C LEU A 233 15.78 35.69 -3.98
N TYR A 234 15.18 36.23 -2.92
CA TYR A 234 13.73 36.14 -2.73
C TYR A 234 12.93 37.42 -2.96
N GLU A 235 13.49 38.61 -2.72
CA GLU A 235 12.70 39.86 -2.94
C GLU A 235 12.10 40.04 -4.36
N THR A 236 12.77 39.61 -5.43
CA THR A 236 12.15 39.71 -6.74
C THR A 236 10.93 38.81 -6.73
N LYS A 237 11.11 37.56 -6.32
CA LYS A 237 10.03 36.54 -6.36
C LYS A 237 8.79 36.85 -5.53
N PHE A 238 8.99 37.36 -4.29
CA PHE A 238 7.92 37.72 -3.33
C PHE A 238 7.04 38.88 -3.77
N LYS A 239 7.64 39.85 -4.44
CA LYS A 239 6.97 41.06 -4.90
C LYS A 239 6.05 40.72 -6.10
N THR A 240 6.53 39.80 -6.98
CA THR A 240 5.74 39.21 -8.09
C THR A 240 4.46 38.61 -7.59
N CYS A 241 4.57 37.81 -6.50
CA CYS A 241 3.44 37.13 -5.86
C CYS A 241 2.64 38.00 -4.97
N GLY A 242 3.15 39.17 -4.66
CA GLY A 242 2.36 40.15 -3.96
C GLY A 242 2.46 39.89 -2.48
N ILE A 243 3.66 39.48 -2.05
CA ILE A 243 4.01 39.31 -0.64
C ILE A 243 5.36 40.01 -0.29
N PHE A 244 5.78 39.86 0.97
CA PHE A 244 6.98 40.51 1.49
C PHE A 244 7.60 39.70 2.61
N TYR A 245 8.74 40.16 3.10
CA TYR A 245 9.31 39.70 4.35
C TYR A 245 9.50 40.96 5.17
N GLU A 246 9.31 40.87 6.48
CA GLU A 246 9.87 41.86 7.38
C GLU A 246 10.26 41.33 8.76
N HIS A 247 11.33 41.90 9.34
CA HIS A 247 11.76 41.52 10.68
C HIS A 247 10.88 42.22 11.71
N ARG A 248 10.67 41.62 12.88
CA ARG A 248 10.07 42.36 14.00
C ARG A 248 10.57 41.91 15.36
N LEU A 249 10.65 42.86 16.29
CA LEU A 249 10.89 42.53 17.67
C LEU A 249 9.87 41.52 18.10
N ILE A 250 10.31 40.47 18.78
CA ILE A 250 9.39 39.42 19.30
C ILE A 250 8.20 39.99 20.11
N ASP A 251 8.43 41.14 20.75
CA ASP A 251 7.37 41.97 21.37
C ASP A 251 6.23 42.43 20.46
N ASP A 252 6.55 42.92 19.26
CA ASP A 252 5.56 43.19 18.23
C ASP A 252 4.82 41.97 17.93
N MET A 253 5.55 40.92 17.56
CA MET A 253 4.91 39.79 16.89
C MET A 253 3.80 39.17 17.70
N VAL A 254 4.00 38.97 18.99
CA VAL A 254 2.91 38.40 19.82
C VAL A 254 1.73 39.35 19.86
N ALA A 255 1.98 40.63 20.11
CA ALA A 255 0.92 41.66 20.04
C ALA A 255 0.24 41.77 18.64
N HIS A 256 1.02 41.74 17.56
CA HIS A 256 0.49 41.73 16.17
C HIS A 256 -0.36 40.48 15.91
N CYS A 257 0.25 39.32 16.12
CA CYS A 257 -0.43 38.02 16.13
C CYS A 257 -1.82 38.05 16.78
N MET A 258 -1.92 38.79 17.90
CA MET A 258 -3.15 38.96 18.67
C MET A 258 -4.14 39.93 18.02
N ARG A 259 -3.64 41.07 17.56
CA ARG A 259 -4.48 42.07 16.94
C ARG A 259 -4.85 41.69 15.49
N SER A 260 -4.12 40.75 14.91
CA SER A 260 -4.06 40.54 13.47
C SER A 260 -5.02 39.48 12.98
N GLU A 261 -5.79 39.86 11.94
CA GLU A 261 -6.57 38.98 11.08
C GLU A 261 -5.79 37.72 10.73
N GLY A 262 -4.50 37.88 10.48
CA GLY A 262 -3.59 36.78 10.20
C GLY A 262 -3.33 36.67 8.71
N GLY A 263 -3.07 35.44 8.27
CA GLY A 263 -2.61 35.16 6.91
C GLY A 263 -1.12 35.43 6.64
N TYR A 264 -0.23 34.83 7.41
CA TYR A 264 1.22 34.90 7.19
C TYR A 264 1.95 33.74 7.90
N VAL A 265 3.20 33.57 7.48
CA VAL A 265 4.17 32.71 8.13
C VAL A 265 4.97 33.54 9.14
N TRP A 266 5.15 32.96 10.29
CA TRP A 266 5.93 33.57 11.34
C TRP A 266 7.08 32.62 11.57
N ALA A 267 8.30 33.07 11.31
CA ALA A 267 9.45 32.26 11.69
C ALA A 267 9.89 32.72 13.05
N CYS A 268 10.12 31.79 13.97
CA CYS A 268 10.75 32.18 15.23
C CYS A 268 11.66 31.17 15.82
N LYS A 269 12.65 31.66 16.56
CA LYS A 269 13.69 30.85 17.18
C LYS A 269 13.20 29.72 18.04
N ASN A 270 14.09 28.80 18.31
CA ASN A 270 13.73 27.56 19.00
C ASN A 270 12.78 27.76 20.18
N TYR A 271 13.23 28.55 21.15
CA TYR A 271 12.46 28.81 22.34
C TYR A 271 11.20 29.59 21.99
N ASP A 272 11.35 30.62 21.18
CA ASP A 272 10.22 31.49 20.82
C ASP A 272 9.12 30.76 20.06
N GLY A 273 9.52 29.74 19.31
CA GLY A 273 8.63 28.89 18.55
C GLY A 273 7.99 27.84 19.42
N ASP A 274 8.78 27.15 20.24
CA ASP A 274 8.19 26.23 21.25
C ASP A 274 7.06 26.84 22.08
N VAL A 275 7.29 28.01 22.65
CA VAL A 275 6.32 28.61 23.57
C VAL A 275 5.07 29.03 22.84
N GLN A 276 5.21 29.84 21.78
CA GLN A 276 4.05 30.33 20.98
C GLN A 276 3.16 29.23 20.37
N SER A 277 3.78 28.30 19.67
CA SER A 277 3.07 27.18 19.09
C SER A 277 1.98 26.59 19.99
N ASP A 278 2.25 26.51 21.28
CA ASP A 278 1.30 25.90 22.22
C ASP A 278 0.19 26.78 22.76
N SER A 279 0.36 28.10 22.73
CA SER A 279 -0.77 28.99 22.97
C SER A 279 -1.50 29.11 21.64
N LEU A 280 -0.74 29.40 20.57
CA LEU A 280 -1.27 29.66 19.20
C LEU A 280 -2.25 28.55 18.83
N ALA A 281 -1.80 27.31 19.01
CA ALA A 281 -2.59 26.18 18.59
C ALA A 281 -3.81 25.96 19.51
N GLN A 282 -3.71 26.39 20.77
CA GLN A 282 -4.88 26.40 21.67
C GLN A 282 -5.94 27.44 21.24
N GLY A 283 -5.47 28.62 20.87
CA GLY A 283 -6.33 29.68 20.36
C GLY A 283 -7.20 29.27 19.19
N PHE A 284 -6.68 28.47 18.28
CA PHE A 284 -7.41 28.13 17.05
C PHE A 284 -8.48 27.06 17.25
N GLY A 285 -8.39 26.22 18.29
CA GLY A 285 -9.45 25.21 18.60
C GLY A 285 -8.93 23.81 18.88
N SER A 286 -9.61 22.80 18.37
CA SER A 286 -9.11 21.41 18.47
C SER A 286 -7.77 21.24 17.82
N LEU A 287 -7.02 20.23 18.29
CA LEU A 287 -5.78 19.82 17.64
C LEU A 287 -6.01 19.12 16.31
N GLY A 288 -7.21 18.58 16.11
CA GLY A 288 -7.59 17.92 14.85
C GLY A 288 -7.85 18.87 13.70
N MET A 289 -7.55 20.16 13.90
CA MET A 289 -7.64 21.18 12.87
C MET A 289 -6.27 21.74 12.51
N MET A 290 -5.21 20.98 12.73
CA MET A 290 -3.88 21.39 12.39
C MET A 290 -2.98 20.29 11.84
N THR A 291 -2.16 20.68 10.87
CA THR A 291 -1.15 19.86 10.19
C THR A 291 0.27 20.29 10.52
N SER A 292 1.17 19.32 10.58
CA SER A 292 2.60 19.58 10.72
C SER A 292 3.08 19.44 9.29
N ILE A 293 4.20 20.10 8.95
CA ILE A 293 4.87 19.91 7.65
C ILE A 293 6.33 20.38 7.64
N LEU A 294 7.21 19.39 7.61
CA LEU A 294 8.61 19.54 7.39
C LEU A 294 8.82 19.84 5.91
N MET A 295 9.59 20.89 5.65
CA MET A 295 9.96 21.36 4.36
C MET A 295 11.44 21.62 4.47
N THR A 296 12.19 20.86 3.69
CA THR A 296 13.63 21.04 3.58
C THR A 296 13.97 22.40 2.89
N PRO A 297 15.23 22.86 2.99
CA PRO A 297 15.60 24.20 2.51
C PRO A 297 15.52 24.52 1.00
N ASP A 298 15.82 23.54 0.16
CA ASP A 298 15.53 23.63 -1.29
C ASP A 298 14.04 23.84 -1.59
N GLY A 299 13.17 23.22 -0.79
CA GLY A 299 11.72 23.26 -0.99
C GLY A 299 11.18 22.10 -1.82
N LYS A 300 11.96 21.03 -2.00
CA LYS A 300 11.58 19.88 -2.83
C LYS A 300 11.18 18.64 -2.04
N THR A 301 11.81 18.40 -0.90
CA THR A 301 11.42 17.31 -0.01
C THR A 301 10.51 17.84 1.09
N VAL A 302 9.46 17.06 1.35
CA VAL A 302 8.40 17.43 2.26
C VAL A 302 7.81 16.17 2.91
N GLU A 303 7.30 16.34 4.13
CA GLU A 303 6.74 15.22 4.91
C GLU A 303 5.67 15.74 5.80
N VAL A 304 4.46 15.25 5.70
CA VAL A 304 3.34 15.95 6.32
C VAL A 304 2.52 15.00 7.18
N GLU A 305 2.09 15.44 8.35
CA GLU A 305 1.33 14.62 9.27
C GLU A 305 0.28 15.49 9.90
N ALA A 306 -0.52 14.95 10.79
CA ALA A 306 -1.37 15.77 11.66
C ALA A 306 -0.55 16.42 12.73
N ALA A 307 -0.93 17.59 13.19
CA ALA A 307 -0.25 18.15 14.34
C ALA A 307 -0.79 17.58 15.66
N HIS A 308 -1.04 16.28 15.73
CA HIS A 308 -1.54 15.66 16.95
C HIS A 308 -1.14 14.23 16.99
N GLY A 309 -1.37 13.62 18.14
CA GLY A 309 -0.86 12.31 18.45
C GLY A 309 -1.82 11.24 18.10
N THR A 310 -1.67 10.08 18.76
CA THR A 310 -2.39 8.86 18.37
C THR A 310 -3.77 8.77 19.01
N VAL A 311 -4.05 9.71 19.90
CA VAL A 311 -5.34 9.85 20.54
C VAL A 311 -5.73 8.50 21.13
N THR A 312 -4.94 8.12 22.14
CA THR A 312 -5.03 6.85 22.86
C THR A 312 -6.29 6.70 23.70
N ARG A 313 -6.69 7.78 24.37
CA ARG A 313 -7.97 7.83 25.13
C ARG A 313 -9.14 7.25 24.34
N HIS A 314 -9.22 7.59 23.05
CA HIS A 314 -10.28 7.09 22.15
C HIS A 314 -10.00 5.71 21.56
N TYR A 315 -8.73 5.33 21.49
CA TYR A 315 -8.37 4.02 20.99
C TYR A 315 -8.75 2.97 22.00
N ARG A 316 -8.78 3.33 23.28
CA ARG A 316 -9.30 2.39 24.29
C ARG A 316 -10.80 2.14 24.16
N ASP A 317 -11.57 3.16 23.77
CA ASP A 317 -13.00 2.95 23.58
C ASP A 317 -13.31 2.28 22.28
N TYR A 318 -12.48 2.51 21.25
CA TYR A 318 -12.68 1.76 20.01
C TYR A 318 -12.46 0.27 20.34
N GLN A 319 -11.49 -0.04 21.19
CA GLN A 319 -11.25 -1.42 21.58
C GLN A 319 -12.39 -2.05 22.33
N LYS A 320 -13.03 -1.24 23.17
CA LYS A 320 -14.11 -1.69 24.06
C LYS A 320 -15.48 -1.78 23.33
N GLY A 321 -15.53 -1.36 22.05
CA GLY A 321 -16.78 -1.32 21.29
C GLY A 321 -17.64 -0.07 21.42
N LYS A 322 -17.24 0.95 22.19
CA LYS A 322 -18.05 2.17 22.33
C LYS A 322 -17.82 3.12 21.14
N GLU A 323 -18.83 3.92 20.89
CA GLU A 323 -18.78 4.89 19.79
C GLU A 323 -17.63 5.83 20.07
N THR A 324 -17.00 6.27 19.00
CA THR A 324 -16.00 7.26 19.10
C THR A 324 -16.16 8.40 18.07
N SER A 325 -15.73 9.59 18.47
CA SER A 325 -15.76 10.72 17.56
C SER A 325 -14.46 11.57 17.52
N THR A 326 -13.37 10.85 17.29
CA THR A 326 -12.12 11.44 16.89
C THR A 326 -12.41 12.25 15.64
N ASN A 327 -11.79 13.42 15.53
CA ASN A 327 -11.85 14.33 14.37
C ASN A 327 -10.75 13.96 13.36
N PRO A 328 -11.10 13.77 12.08
CA PRO A 328 -10.10 13.34 11.04
C PRO A 328 -9.53 14.39 10.05
N VAL A 329 -9.95 15.67 10.13
CA VAL A 329 -9.55 16.61 9.05
C VAL A 329 -8.04 16.76 9.02
N ALA A 330 -7.39 17.01 10.16
CA ALA A 330 -5.92 17.08 10.19
C ALA A 330 -5.26 15.96 9.42
N SER A 331 -5.74 14.74 9.66
CA SER A 331 -5.22 13.57 9.06
C SER A 331 -5.54 13.62 7.60
N ILE A 332 -6.78 13.95 7.28
CA ILE A 332 -7.12 14.04 5.87
C ILE A 332 -6.25 15.08 5.17
N PHE A 333 -6.18 16.26 5.77
CA PHE A 333 -5.42 17.37 5.19
C PHE A 333 -3.93 17.06 5.05
N ALA A 334 -3.42 16.11 5.82
CA ALA A 334 -2.07 15.63 5.56
C ALA A 334 -1.98 14.93 4.24
N TRP A 335 -2.99 14.16 3.90
CA TRP A 335 -3.04 13.55 2.60
C TRP A 335 -3.13 14.58 1.46
N THR A 336 -3.96 15.61 1.66
CA THR A 336 -4.18 16.58 0.59
C THR A 336 -3.00 17.55 0.43
N ARG A 337 -2.45 18.06 1.52
CA ARG A 337 -1.16 18.76 1.46
C ARG A 337 -0.06 17.92 0.81
N ALA A 338 0.07 16.64 1.15
CA ALA A 338 1.18 15.83 0.62
C ALA A 338 1.01 15.56 -0.87
N LEU A 339 -0.19 15.12 -1.24
CA LEU A 339 -0.53 14.97 -2.63
C LEU A 339 -0.37 16.30 -3.35
N ALA A 340 -0.84 17.39 -2.73
CA ALA A 340 -0.72 18.72 -3.32
C ALA A 340 0.72 19.08 -3.68
N HIS A 341 1.68 18.62 -2.88
CA HIS A 341 3.09 18.74 -3.21
C HIS A 341 3.38 17.81 -4.37
N ARG A 342 3.18 16.51 -4.18
CA ARG A 342 3.38 15.53 -5.26
C ARG A 342 2.88 16.07 -6.60
N ALA A 343 1.70 16.69 -6.57
CA ALA A 343 1.10 17.23 -7.76
C ALA A 343 1.88 18.43 -8.32
N ARG A 344 2.20 19.41 -7.46
CA ARG A 344 2.92 20.62 -7.93
C ARG A 344 4.28 20.25 -8.53
N VAL A 345 4.92 19.20 -8.03
CA VAL A 345 6.22 18.74 -8.58
C VAL A 345 6.05 17.98 -9.93
N ASP A 346 4.95 17.24 -10.10
CA ASP A 346 4.67 16.58 -11.39
C ASP A 346 3.95 17.49 -12.42
N ASN A 347 4.03 18.81 -12.23
CA ASN A 347 3.23 19.78 -12.99
C ASN A 347 1.90 19.16 -13.40
N ASN A 348 1.29 18.44 -12.45
CA ASN A 348 0.17 17.53 -12.68
C ASN A 348 -1.11 18.12 -12.11
N ASN A 349 -1.91 18.71 -13.00
CA ASN A 349 -2.93 19.66 -12.60
C ASN A 349 -4.27 19.02 -12.26
N THR A 350 -4.51 17.81 -12.76
CA THR A 350 -5.71 17.05 -12.39
C THR A 350 -5.69 16.64 -10.88
N LEU A 351 -4.51 16.30 -10.35
CA LEU A 351 -4.37 15.94 -8.94
C LEU A 351 -4.45 17.15 -8.03
N LEU A 352 -3.71 18.19 -8.39
CA LEU A 352 -3.86 19.49 -7.75
C LEU A 352 -5.35 19.90 -7.62
N GLU A 353 -6.14 19.64 -8.66
CA GLU A 353 -7.56 19.94 -8.64
C GLU A 353 -8.26 19.14 -7.52
N PHE A 354 -7.91 17.86 -7.37
CA PHE A 354 -8.52 17.00 -6.33
C PHE A 354 -8.19 17.50 -4.94
N THR A 355 -6.90 17.67 -4.69
CA THR A 355 -6.41 18.10 -3.41
C THR A 355 -7.17 19.34 -2.95
N GLN A 356 -7.31 20.32 -3.84
CA GLN A 356 -8.21 21.46 -3.61
C GLN A 356 -9.64 20.99 -3.24
N ARG A 357 -10.34 20.29 -4.13
CA ARG A 357 -11.78 19.99 -3.92
C ARG A 357 -12.07 19.33 -2.59
N LEU A 358 -11.25 18.37 -2.25
CA LEU A 358 -11.37 17.64 -0.98
C LEU A 358 -11.21 18.57 0.24
N GLU A 359 -10.16 19.38 0.22
CA GLU A 359 -9.99 20.39 1.26
C GLU A 359 -11.25 21.25 1.30
N ASP A 360 -11.65 21.82 0.16
CA ASP A 360 -12.83 22.74 0.14
C ASP A 360 -14.11 22.12 0.62
N VAL A 361 -14.34 20.88 0.21
CA VAL A 361 -15.50 20.07 0.60
C VAL A 361 -15.52 19.72 2.07
N ILE A 362 -14.37 19.39 2.65
CA ILE A 362 -14.30 19.10 4.09
C ILE A 362 -14.75 20.34 4.86
N ILE A 363 -14.23 21.50 4.48
CA ILE A 363 -14.70 22.73 5.08
C ILE A 363 -16.20 22.83 4.85
N ALA A 364 -16.67 22.63 3.61
CA ALA A 364 -18.10 22.82 3.30
C ALA A 364 -18.98 22.00 4.26
N THR A 365 -18.59 20.75 4.40
CA THR A 365 -19.33 19.85 5.20
C THR A 365 -19.49 20.31 6.64
N ILE A 366 -18.41 20.82 7.23
CA ILE A 366 -18.45 21.31 8.60
C ILE A 366 -19.23 22.60 8.64
N GLU A 367 -18.98 23.48 7.67
CA GLU A 367 -19.64 24.79 7.61
C GLU A 367 -21.13 24.66 7.55
N ALA A 368 -21.57 23.79 6.62
CA ALA A 368 -22.96 23.36 6.46
C ALA A 368 -23.56 22.94 7.78
N GLY A 369 -22.88 22.05 8.51
CA GLY A 369 -23.31 21.62 9.88
C GLY A 369 -23.02 20.20 10.40
N ALA A 370 -22.45 19.32 9.56
CA ALA A 370 -21.97 17.99 9.96
C ALA A 370 -20.53 18.06 10.48
N MET A 371 -20.30 17.58 11.69
CA MET A 371 -19.01 17.68 12.31
C MET A 371 -18.79 16.62 13.35
N THR A 372 -17.56 16.57 13.84
CA THR A 372 -17.15 15.68 14.92
C THR A 372 -17.29 16.36 16.31
N GLU A 373 -17.07 15.60 17.39
CA GLU A 373 -17.54 16.00 18.74
C GLU A 373 -16.85 17.20 19.33
N ASP A 374 -15.59 17.42 18.92
CA ASP A 374 -14.85 18.62 19.30
C ASP A 374 -15.52 19.84 18.73
N LEU A 375 -15.83 19.82 17.45
CA LEU A 375 -16.30 21.04 16.80
C LEU A 375 -17.72 21.44 17.26
N ALA A 376 -18.56 20.48 17.60
CA ALA A 376 -19.79 20.81 18.29
C ALA A 376 -19.51 21.44 19.65
N ILE A 377 -18.48 20.95 20.35
CA ILE A 377 -18.07 21.54 21.61
C ILE A 377 -17.62 23.01 21.43
N CYS A 378 -16.84 23.32 20.39
CA CYS A 378 -16.42 24.72 20.08
C CYS A 378 -17.58 25.65 19.90
N ILE A 379 -18.52 25.25 19.04
CA ILE A 379 -19.70 26.03 18.70
C ILE A 379 -20.65 26.11 19.87
N LYS A 380 -20.98 24.98 20.51
CA LYS A 380 -22.14 24.93 21.41
C LYS A 380 -21.87 24.89 22.93
N GLY A 381 -20.98 24.06 23.45
CA GLY A 381 -20.77 24.10 24.89
C GLY A 381 -19.67 23.30 25.55
N GLU A 382 -19.94 22.01 25.74
CA GLU A 382 -19.23 21.06 26.62
C GLU A 382 -20.31 20.47 27.48
N LYS A 383 -21.20 21.35 27.88
CA LYS A 383 -22.54 21.00 28.28
C LYS A 383 -23.35 21.46 27.07
N ASN A 384 -24.67 21.30 27.13
CA ASN A 384 -25.59 21.66 26.04
C ASN A 384 -25.24 21.12 24.62
N VAL A 385 -24.42 20.06 24.56
CA VAL A 385 -24.06 19.37 23.32
C VAL A 385 -24.69 17.98 23.35
N VAL A 386 -25.69 17.77 22.51
CA VAL A 386 -26.40 16.47 22.40
C VAL A 386 -25.94 15.68 21.15
N ARG A 387 -26.45 14.47 21.02
CA ARG A 387 -25.91 13.55 20.05
C ARG A 387 -26.25 13.97 18.64
N ALA A 388 -27.42 14.57 18.42
CA ALA A 388 -27.79 15.08 17.08
C ALA A 388 -26.85 16.16 16.54
N ASP A 389 -25.95 16.69 17.36
CA ASP A 389 -25.06 17.75 16.93
C ASP A 389 -23.72 17.26 16.35
N TYR A 390 -23.36 16.01 16.57
CA TYR A 390 -22.08 15.50 16.07
C TYR A 390 -22.22 14.15 15.40
N LEU A 391 -21.41 13.93 14.37
CA LEU A 391 -21.32 12.66 13.70
C LEU A 391 -20.22 11.88 14.40
N ASN A 392 -20.26 10.56 14.29
CA ASN A 392 -19.16 9.70 14.72
C ASN A 392 -18.10 9.73 13.63
N THR A 393 -16.87 9.36 13.98
CA THR A 393 -15.76 9.41 13.01
C THR A 393 -16.15 8.86 11.61
N ASP A 394 -16.59 7.60 11.62
CA ASP A 394 -16.97 6.88 10.40
C ASP A 394 -18.08 7.56 9.65
N GLU A 395 -19.13 7.92 10.36
CA GLU A 395 -20.27 8.52 9.69
C GLU A 395 -20.02 9.97 9.30
N PHE A 396 -19.02 10.63 9.86
CA PHE A 396 -18.57 11.94 9.34
C PHE A 396 -17.82 11.78 8.04
N ILE A 397 -16.75 10.98 8.04
CA ILE A 397 -15.98 10.70 6.83
C ILE A 397 -16.97 10.39 5.70
N ASP A 398 -17.87 9.44 5.97
CA ASP A 398 -18.86 8.99 4.98
C ASP A 398 -19.85 10.05 4.61
N ALA A 399 -20.07 11.00 5.51
CA ALA A 399 -20.76 12.24 5.18
C ALA A 399 -20.01 13.19 4.21
N VAL A 400 -18.69 13.34 4.29
CA VAL A 400 -17.96 14.11 3.24
C VAL A 400 -17.85 13.28 1.96
N SER A 401 -17.83 11.95 2.08
CA SER A 401 -17.68 11.07 0.90
C SER A 401 -18.71 11.41 -0.14
N GLN A 402 -19.93 11.49 0.34
CA GLN A 402 -21.06 11.86 -0.49
C GLN A 402 -20.80 13.22 -1.12
N ARG A 403 -20.69 14.24 -0.28
CA ARG A 403 -20.52 15.61 -0.76
C ARG A 403 -19.33 15.84 -1.68
N LEU A 404 -18.34 14.95 -1.63
CA LEU A 404 -17.23 14.99 -2.56
C LEU A 404 -17.68 14.71 -3.99
N LYS A 405 -18.44 13.62 -4.18
CA LYS A 405 -19.00 13.28 -5.49
C LYS A 405 -19.84 14.45 -6.04
N VAL A 406 -20.80 14.87 -5.22
CA VAL A 406 -21.68 16.02 -5.50
C VAL A 406 -20.86 17.19 -6.09
N ALA A 407 -19.62 17.37 -5.62
CA ALA A 407 -18.69 18.35 -6.21
C ALA A 407 -17.51 17.77 -7.02
N MET A 408 -17.62 16.51 -7.49
CA MET A 408 -16.67 15.93 -8.47
C MET A 408 -17.20 16.27 -9.87
N GLN A 409 -17.42 17.58 -10.08
CA GLN A 409 -18.10 18.18 -11.23
C GLN A 409 -17.10 19.11 -11.95
N LYS A 410 -16.12 18.47 -12.59
CA LYS A 410 -15.28 19.05 -13.67
C LYS A 410 -14.58 17.87 -14.39
N SER B 1 -19.57 63.14 57.17
CA SER B 1 -19.20 63.10 55.72
C SER B 1 -18.77 64.48 55.20
N ASN B 2 -17.46 64.71 55.15
CA ASN B 2 -16.89 65.84 54.38
C ASN B 2 -15.55 65.47 53.69
N LYS B 3 -14.40 65.74 54.32
CA LYS B 3 -13.10 65.40 53.73
C LYS B 3 -12.38 64.50 54.74
N ILE B 4 -11.94 63.30 54.32
CA ILE B 4 -11.63 62.21 55.27
C ILE B 4 -10.16 61.94 55.63
N SER B 5 -9.24 61.97 54.66
CA SER B 5 -7.76 61.87 54.91
C SER B 5 -7.19 60.67 55.76
N ALA B 6 -5.85 60.56 55.82
CA ALA B 6 -5.13 59.50 56.57
C ALA B 6 -3.62 59.79 56.74
N THR B 7 -3.14 59.55 57.97
CA THR B 7 -1.91 60.19 58.47
C THR B 7 -0.57 59.40 58.27
N GLY B 8 -0.52 58.49 57.29
CA GLY B 8 0.76 58.06 56.69
C GLY B 8 1.10 59.07 55.60
N VAL B 9 1.91 58.73 54.60
CA VAL B 9 2.15 59.68 53.48
C VAL B 9 2.30 59.05 52.09
N LEU B 10 1.55 59.59 51.13
CA LEU B 10 1.75 59.32 49.73
C LEU B 10 3.00 60.02 49.28
N VAL B 11 3.66 59.43 48.28
CA VAL B 11 4.81 60.03 47.63
C VAL B 11 4.41 60.13 46.16
N GLU B 12 4.25 61.36 45.70
CA GLU B 12 3.81 61.64 44.33
C GLU B 12 4.99 61.89 43.43
N LEU B 13 5.04 61.22 42.29
CA LEU B 13 6.04 61.48 41.29
C LEU B 13 5.30 62.01 40.08
N ASP B 14 5.71 63.14 39.49
CA ASP B 14 4.80 63.89 38.61
C ASP B 14 4.81 63.59 37.11
N GLY B 15 5.90 63.13 36.52
CA GLY B 15 5.83 62.66 35.10
C GLY B 15 5.37 63.62 33.99
N ASP B 16 5.36 63.17 32.73
CA ASP B 16 5.22 64.16 31.65
C ASP B 16 4.23 63.83 30.48
N GLU B 17 4.10 64.82 29.58
CA GLU B 17 3.22 64.85 28.38
C GLU B 17 1.78 64.64 28.77
N MET B 18 1.02 63.84 28.04
CA MET B 18 -0.44 63.84 28.18
C MET B 18 -0.83 63.35 29.54
N THR B 19 -0.19 62.25 29.96
CA THR B 19 -0.41 61.71 31.29
C THR B 19 -0.28 62.81 32.35
N ARG B 20 0.68 63.73 32.18
CA ARG B 20 0.84 64.82 33.14
C ARG B 20 -0.39 65.68 33.26
N VAL B 21 -1.01 66.03 32.13
CA VAL B 21 -2.21 66.92 32.10
C VAL B 21 -3.44 66.25 32.78
N ILE B 22 -3.46 64.92 32.68
CA ILE B 22 -4.51 64.12 33.26
C ILE B 22 -4.31 63.99 34.75
N TRP B 23 -3.09 63.70 35.18
CA TRP B 23 -2.71 63.75 36.60
C TRP B 23 -3.34 64.97 37.31
N LYS B 24 -3.13 66.11 36.68
CA LYS B 24 -3.51 67.41 37.24
C LYS B 24 -5.01 67.52 37.35
N LYS B 25 -5.76 66.91 36.43
CA LYS B 25 -7.22 66.93 36.53
C LYS B 25 -7.77 65.89 37.50
N ILE B 26 -7.31 64.64 37.35
CA ILE B 26 -7.61 63.56 38.30
C ILE B 26 -7.65 64.11 39.72
N LYS B 27 -6.54 64.76 40.09
CA LYS B 27 -6.36 65.22 41.45
C LYS B 27 -7.40 66.23 41.81
N GLU B 28 -7.43 67.30 41.05
CA GLU B 28 -8.41 68.35 41.28
C GLU B 28 -9.78 67.74 41.40
N THR B 29 -10.21 66.96 40.41
CA THR B 29 -11.64 66.65 40.31
C THR B 29 -12.11 65.44 41.14
N LEU B 30 -11.31 64.37 41.15
CA LEU B 30 -11.71 63.07 41.73
C LEU B 30 -11.06 62.65 43.04
N ILE B 31 -9.90 63.20 43.41
CA ILE B 31 -9.28 62.74 44.67
C ILE B 31 -9.15 63.84 45.75
N PHE B 32 -8.60 65.01 45.43
CA PHE B 32 -8.34 66.04 46.48
C PHE B 32 -9.58 66.58 47.25
N PRO B 33 -10.74 66.76 46.58
CA PRO B 33 -12.00 67.13 47.27
C PRO B 33 -12.38 66.28 48.47
N PHE B 34 -12.28 64.95 48.30
CA PHE B 34 -12.82 63.96 49.22
C PHE B 34 -11.75 63.25 50.07
N VAL B 35 -10.49 63.61 49.85
CA VAL B 35 -9.32 63.02 50.53
C VAL B 35 -8.26 64.10 50.66
N ASN B 36 -7.59 64.17 51.81
CA ASN B 36 -6.58 65.22 52.06
C ASN B 36 -5.38 64.66 52.78
N VAL B 37 -4.86 63.53 52.30
CA VAL B 37 -3.72 62.90 52.97
C VAL B 37 -2.52 63.75 52.68
N PRO B 38 -1.60 63.83 53.63
CA PRO B 38 -0.40 64.62 53.39
C PRO B 38 0.47 63.87 52.39
N ILE B 39 1.16 64.64 51.55
CA ILE B 39 1.82 64.16 50.34
C ILE B 39 3.21 64.75 50.24
N GLU B 40 4.22 63.92 50.30
CA GLU B 40 5.51 64.36 49.85
C GLU B 40 5.46 64.31 48.33
N TYR B 41 5.75 65.43 47.69
CA TYR B 41 5.63 65.59 46.23
C TYR B 41 7.03 65.57 45.61
N TYR B 42 7.15 64.97 44.42
CA TYR B 42 8.32 65.12 43.54
C TYR B 42 7.81 65.39 42.14
N ASP B 43 8.74 65.78 41.24
CA ASP B 43 8.45 66.19 39.86
C ASP B 43 9.47 65.62 38.92
N LEU B 44 9.18 64.42 38.42
CA LEU B 44 10.05 63.77 37.45
C LEU B 44 9.74 64.18 35.98
N SER B 45 9.15 65.36 35.72
CA SER B 45 9.04 65.91 34.36
C SER B 45 10.43 65.88 33.78
N MET B 46 10.62 65.34 32.58
CA MET B 46 11.95 65.32 31.94
C MET B 46 12.58 66.71 31.92
N GLU B 47 11.75 67.73 31.79
CA GLU B 47 12.08 69.11 32.17
C GLU B 47 13.06 69.21 33.33
N ASN B 48 12.75 68.52 34.42
CA ASN B 48 13.57 68.53 35.65
C ASN B 48 14.71 67.47 35.80
N ARG B 49 14.53 66.31 35.16
CA ARG B 49 15.57 65.26 35.16
C ARG B 49 16.83 65.69 34.40
N ASP B 50 16.69 66.63 33.47
CA ASP B 50 17.81 67.30 32.81
C ASP B 50 18.34 68.43 33.72
N LYS B 51 17.44 69.20 34.33
CA LYS B 51 17.82 70.22 35.34
C LYS B 51 18.46 69.67 36.64
N THR B 52 18.37 68.36 36.90
CA THR B 52 18.92 67.77 38.13
C THR B 52 19.82 66.50 37.86
N GLU B 53 20.37 66.37 36.65
CA GLU B 53 21.25 65.25 36.23
C GLU B 53 20.69 63.86 36.65
N ASP B 54 19.39 63.65 36.40
CA ASP B 54 18.63 62.43 36.77
C ASP B 54 18.70 62.08 38.28
N ARG B 55 18.54 63.11 39.12
CA ARG B 55 18.71 62.98 40.58
C ARG B 55 17.48 63.31 41.46
N VAL B 56 16.33 63.61 40.86
CA VAL B 56 15.05 63.73 41.60
C VAL B 56 14.47 62.30 41.60
N THR B 57 14.48 61.69 40.42
CA THR B 57 14.43 60.24 40.20
C THR B 57 14.88 59.31 41.33
N VAL B 58 16.15 59.44 41.75
CA VAL B 58 16.78 58.55 42.75
C VAL B 58 16.44 59.01 44.21
N GLU B 59 16.38 60.33 44.39
CA GLU B 59 15.71 60.93 45.55
C GLU B 59 14.32 60.34 45.79
N ALA B 60 13.52 60.30 44.72
CA ALA B 60 12.13 59.87 44.80
C ALA B 60 11.98 58.37 45.06
N ALA B 61 12.91 57.61 44.50
CA ALA B 61 12.98 56.17 44.73
C ALA B 61 13.14 55.88 46.21
N TYR B 62 14.16 56.47 46.83
CA TYR B 62 14.40 56.28 48.27
C TYR B 62 13.28 57.00 49.03
N ALA B 63 12.71 58.05 48.46
CA ALA B 63 11.58 58.72 49.10
C ALA B 63 10.45 57.75 49.42
N ILE B 64 10.27 56.76 48.56
CA ILE B 64 9.19 55.76 48.70
C ILE B 64 9.56 54.72 49.74
N LYS B 65 10.73 54.10 49.60
CA LYS B 65 11.19 53.09 50.58
C LYS B 65 11.10 53.58 52.03
N LYS B 66 11.25 54.89 52.26
CA LYS B 66 11.04 55.46 53.57
C LYS B 66 9.57 55.45 53.91
N HIS B 67 8.74 56.04 53.05
CA HIS B 67 7.30 56.22 53.36
C HIS B 67 6.30 55.07 53.14
N GLY B 68 6.60 54.18 52.19
CA GLY B 68 5.90 52.91 52.03
C GLY B 68 4.85 52.84 50.92
N VAL B 69 4.56 53.96 50.24
CA VAL B 69 3.57 54.00 49.18
C VAL B 69 3.84 55.14 48.21
N GLY B 70 3.86 54.85 46.90
CA GLY B 70 4.02 55.91 45.86
C GLY B 70 3.06 55.91 44.66
N VAL B 71 2.76 57.10 44.13
CA VAL B 71 2.04 57.24 42.83
C VAL B 71 2.93 57.89 41.77
N LYS B 72 3.06 57.23 40.62
CA LYS B 72 3.88 57.72 39.55
C LYS B 72 3.00 57.89 38.36
N CYS B 73 3.17 59.04 37.76
CA CYS B 73 2.66 59.36 36.45
C CYS B 73 3.69 58.78 35.53
N ALA B 74 3.31 58.56 34.28
CA ALA B 74 4.27 58.11 33.28
C ALA B 74 5.23 59.24 32.91
N THR B 75 6.42 58.80 32.49
CA THR B 75 7.58 59.63 32.20
C THR B 75 8.23 59.24 30.84
N ILE B 76 8.99 60.17 30.25
CA ILE B 76 9.79 59.87 29.02
C ILE B 76 11.15 59.23 29.36
N THR B 77 11.37 58.03 28.81
CA THR B 77 12.62 57.25 28.93
C THR B 77 13.46 57.63 27.72
N PRO B 78 14.55 58.43 27.87
CA PRO B 78 15.17 58.97 26.65
C PRO B 78 15.69 57.96 25.62
N ASP B 79 15.23 58.16 24.39
CA ASP B 79 15.87 57.70 23.16
C ASP B 79 16.99 58.74 22.87
N GLU B 80 17.83 58.50 21.86
CA GLU B 80 18.77 59.54 21.37
C GLU B 80 18.01 60.75 20.75
N ALA B 81 16.96 60.44 19.98
CA ALA B 81 15.99 61.43 19.48
C ALA B 81 15.50 62.38 20.57
N ARG B 82 15.06 61.81 21.70
CA ARG B 82 14.50 62.58 22.82
C ARG B 82 15.42 63.70 23.33
N VAL B 83 16.73 63.49 23.16
CA VAL B 83 17.74 64.39 23.70
C VAL B 83 17.69 65.74 22.97
N LYS B 84 17.71 65.68 21.64
CA LYS B 84 17.61 66.88 20.81
C LYS B 84 16.36 67.71 21.16
N GLU B 85 15.21 67.03 21.35
CA GLU B 85 13.92 67.67 21.65
C GLU B 85 14.01 68.54 22.89
N PHE B 86 14.42 67.94 24.02
CA PHE B 86 14.43 68.66 25.31
C PHE B 86 15.76 69.33 25.57
N ASN B 87 16.79 68.50 25.80
CA ASN B 87 18.11 68.97 26.21
C ASN B 87 19.10 67.84 26.35
N LEU B 88 20.37 68.23 26.33
CA LEU B 88 21.48 67.29 26.22
C LEU B 88 21.88 66.72 27.62
N LYS B 89 23.13 66.88 28.04
CA LYS B 89 23.72 66.09 29.13
C LYS B 89 23.53 64.63 28.74
N LYS B 90 23.67 63.71 29.69
CA LYS B 90 23.62 62.28 29.35
C LYS B 90 22.25 61.91 28.72
N MET B 91 22.28 61.07 27.68
CA MET B 91 21.09 60.38 27.25
C MET B 91 20.73 59.43 28.40
N TRP B 92 19.86 59.89 29.31
CA TRP B 92 19.58 59.22 30.62
C TRP B 92 18.93 57.82 30.48
N ARG B 93 18.93 57.09 31.60
CA ARG B 93 18.22 55.81 31.73
C ARG B 93 16.81 56.00 32.30
N SER B 94 16.03 54.91 32.22
CA SER B 94 14.60 54.94 32.50
C SER B 94 14.33 55.04 34.00
N PRO B 95 13.61 56.09 34.44
CA PRO B 95 13.21 56.19 35.83
C PRO B 95 12.63 54.90 36.36
N ASN B 96 11.82 54.22 35.56
CA ASN B 96 11.25 52.97 36.02
C ASN B 96 12.34 51.97 36.36
N GLY B 97 13.32 51.80 35.48
CA GLY B 97 14.48 50.95 35.77
C GLY B 97 15.30 51.33 37.00
N THR B 98 15.31 52.64 37.31
CA THR B 98 15.99 53.19 38.49
C THR B 98 15.26 52.96 39.83
N ILE B 99 13.96 53.21 39.83
CA ILE B 99 13.18 53.10 41.04
C ILE B 99 13.03 51.62 41.32
N ARG B 100 12.65 50.85 40.30
CA ARG B 100 12.55 49.40 40.40
C ARG B 100 13.74 48.77 41.08
N THR B 101 14.92 49.30 40.72
CA THR B 101 16.23 48.84 41.21
C THR B 101 16.47 49.26 42.66
N ILE B 102 16.29 50.54 42.95
CA ILE B 102 16.46 51.05 44.29
C ILE B 102 15.49 50.38 45.28
N LEU B 103 14.23 50.23 44.90
CA LEU B 103 13.22 49.57 45.78
C LEU B 103 13.31 48.03 45.94
N GLY B 104 14.09 47.37 45.10
CA GLY B 104 14.08 45.92 45.01
C GLY B 104 12.70 45.50 44.56
N GLY B 105 12.56 44.20 44.33
CA GLY B 105 11.26 43.62 44.03
C GLY B 105 10.76 43.92 42.65
N THR B 106 9.46 43.72 42.48
CA THR B 106 8.86 43.23 41.21
C THR B 106 7.56 43.96 40.78
N VAL B 107 7.43 44.13 39.46
CA VAL B 107 6.32 44.84 38.88
C VAL B 107 5.22 43.88 38.42
N PHE B 108 4.01 44.14 38.89
CA PHE B 108 2.81 43.38 38.55
C PHE B 108 1.77 44.21 37.74
N ARG B 109 1.55 43.81 36.50
CA ARG B 109 0.52 44.35 35.61
C ARG B 109 -0.88 43.75 35.82
N GLU B 110 -1.91 44.60 35.93
CA GLU B 110 -3.31 44.16 36.20
C GLU B 110 -4.29 44.78 35.21
N PRO B 111 -5.00 43.97 34.39
CA PRO B 111 -6.08 44.56 33.61
C PRO B 111 -7.27 44.96 34.45
N ILE B 112 -8.04 45.93 33.98
CA ILE B 112 -9.31 46.33 34.59
C ILE B 112 -10.44 46.06 33.59
N ILE B 113 -11.33 45.15 33.93
CA ILE B 113 -12.31 44.64 32.99
C ILE B 113 -13.64 45.35 33.16
N CYS B 114 -14.40 45.43 32.09
CA CYS B 114 -15.81 45.79 32.20
C CYS B 114 -16.57 44.78 31.35
N SER B 115 -17.89 44.82 31.46
CA SER B 115 -18.72 43.78 30.86
C SER B 115 -19.10 44.12 29.42
N ASN B 116 -19.38 45.39 29.21
CA ASN B 116 -19.58 45.91 27.88
C ASN B 116 -18.29 46.04 27.09
N VAL B 117 -17.12 45.91 27.71
CA VAL B 117 -15.87 46.06 26.96
C VAL B 117 -15.21 44.71 26.74
N PRO B 118 -15.37 44.15 25.52
CA PRO B 118 -14.93 42.77 25.29
C PRO B 118 -13.43 42.67 25.22
N ARG B 119 -12.95 41.45 25.45
CA ARG B 119 -11.56 41.06 25.23
C ARG B 119 -11.43 40.40 23.88
N LEU B 120 -10.17 40.25 23.47
CA LEU B 120 -9.82 39.44 22.30
C LEU B 120 -9.88 37.92 22.55
N VAL B 121 -9.64 37.46 23.78
CA VAL B 121 -9.76 36.05 24.10
C VAL B 121 -11.07 35.80 24.81
N THR B 122 -11.90 34.96 24.20
CA THR B 122 -13.31 34.88 24.61
C THR B 122 -13.49 34.24 26.01
N THR B 123 -12.58 33.34 26.36
CA THR B 123 -12.62 32.62 27.65
C THR B 123 -12.25 33.44 28.88
N TRP B 124 -11.37 34.44 28.70
CA TRP B 124 -10.92 35.30 29.82
C TRP B 124 -12.10 36.07 30.39
N LYS B 125 -12.59 35.60 31.53
CA LYS B 125 -13.58 36.32 32.33
C LYS B 125 -12.96 36.96 33.60
N LYS B 126 -11.64 36.89 33.80
CA LYS B 126 -11.02 37.37 35.06
C LYS B 126 -9.53 37.81 34.95
N PRO B 127 -9.05 38.72 35.84
CA PRO B 127 -7.71 39.32 35.58
C PRO B 127 -6.55 38.34 35.75
N VAL B 128 -5.74 38.21 34.71
CA VAL B 128 -4.49 37.47 34.79
C VAL B 128 -3.36 38.48 35.02
N VAL B 129 -2.74 38.39 36.20
CA VAL B 129 -1.69 39.31 36.62
C VAL B 129 -0.31 38.70 36.39
N ILE B 130 0.43 39.26 35.43
CA ILE B 130 1.80 38.83 35.12
C ILE B 130 2.78 39.61 35.98
N GLY B 131 3.65 38.91 36.70
CA GLY B 131 4.74 39.53 37.49
C GLY B 131 6.11 39.17 36.91
N ARG B 132 6.91 40.19 36.60
CA ARG B 132 8.16 40.02 35.85
C ARG B 132 9.46 40.24 36.60
N HIS B 133 10.32 39.22 36.53
CA HIS B 133 11.52 39.18 37.31
C HIS B 133 12.52 40.27 36.91
N ALA B 134 12.59 40.66 35.65
CA ALA B 134 13.21 41.97 35.34
C ALA B 134 14.66 42.14 35.82
N PHE B 135 15.44 41.06 35.83
CA PHE B 135 16.85 41.13 36.17
C PHE B 135 17.56 39.90 35.66
N GLY B 136 18.80 40.14 35.26
CA GLY B 136 19.65 39.12 34.70
C GLY B 136 19.10 38.56 33.41
N ASP B 137 19.42 37.28 33.20
CA ASP B 137 18.95 36.49 32.07
C ASP B 137 19.42 37.21 30.78
N GLN B 138 18.72 37.06 29.68
CA GLN B 138 19.23 37.57 28.40
C GLN B 138 19.47 39.09 28.42
N TYR B 139 18.95 39.81 29.41
CA TYR B 139 18.99 41.28 29.38
C TYR B 139 20.27 41.90 29.89
N SER B 140 21.12 41.15 30.57
CA SER B 140 22.44 41.64 30.99
C SER B 140 23.41 40.48 30.84
N ALA B 141 23.80 40.29 29.58
CA ALA B 141 24.49 39.13 29.09
C ALA B 141 25.36 39.58 27.98
N THR B 142 26.37 38.79 27.73
CA THR B 142 27.38 39.15 26.77
C THR B 142 27.13 38.34 25.53
N ASP B 143 27.07 39.00 24.39
CA ASP B 143 26.90 38.34 23.14
C ASP B 143 28.00 38.73 22.16
N ALA B 144 28.15 37.90 21.14
CA ALA B 144 29.31 37.92 20.27
C ALA B 144 29.06 37.11 19.03
N VAL B 145 29.67 37.55 17.93
CA VAL B 145 29.58 36.88 16.62
C VAL B 145 30.81 36.05 16.43
N VAL B 146 30.74 34.99 15.63
CA VAL B 146 31.94 34.17 15.39
C VAL B 146 32.24 34.01 13.91
N LYS B 147 33.44 34.44 13.52
CA LYS B 147 33.87 34.58 12.11
C LYS B 147 34.99 33.59 11.74
N GLU B 148 35.87 33.27 12.70
CA GLU B 148 36.85 32.19 12.61
C GLU B 148 36.19 30.88 13.04
N PRO B 149 36.80 29.74 12.66
CA PRO B 149 36.59 28.50 13.39
C PRO B 149 37.23 28.57 14.78
N GLY B 150 36.70 27.85 15.75
CA GLY B 150 37.31 27.84 17.09
C GLY B 150 36.46 27.15 18.14
N THR B 151 36.77 27.37 19.41
CA THR B 151 35.99 26.86 20.55
C THR B 151 35.28 28.01 21.25
N PHE B 152 34.07 27.75 21.70
CA PHE B 152 33.46 28.60 22.70
C PHE B 152 33.45 27.80 24.01
N GLU B 153 34.26 28.25 24.99
CA GLU B 153 34.27 27.64 26.32
C GLU B 153 33.95 28.67 27.38
N MET B 154 33.48 28.17 28.52
CA MET B 154 33.06 28.96 29.65
C MET B 154 34.03 28.61 30.72
N ARG B 155 34.39 29.58 31.55
CA ARG B 155 35.19 29.34 32.78
C ARG B 155 34.50 29.98 33.97
N PHE B 156 34.25 29.18 35.00
CA PHE B 156 34.03 29.71 36.33
C PHE B 156 35.36 29.72 37.07
N ILE B 157 35.74 30.90 37.60
CA ILE B 157 37.00 31.15 38.33
C ILE B 157 36.77 31.50 39.82
N PRO B 158 36.86 30.52 40.75
CA PRO B 158 36.81 30.75 42.20
C PRO B 158 37.51 32.02 42.70
N ALA B 159 36.85 32.70 43.64
CA ALA B 159 37.37 33.95 44.21
C ALA B 159 38.36 33.63 45.31
N ASN B 160 38.07 32.63 46.13
CA ASN B 160 39.05 32.17 47.11
C ASN B 160 40.38 31.65 46.48
N GLY B 161 40.35 31.22 45.20
CA GLY B 161 41.55 30.79 44.49
C GLY B 161 41.56 29.35 44.00
N GLY B 162 40.48 28.58 44.20
CA GLY B 162 40.42 27.16 43.77
C GLY B 162 40.50 26.90 42.27
N GLU B 163 40.21 25.67 41.86
CA GLU B 163 40.23 25.23 40.43
C GLU B 163 39.33 26.07 39.54
N PRO B 164 39.91 26.85 38.60
CA PRO B 164 39.00 27.26 37.53
C PRO B 164 38.22 26.05 37.08
N LYS B 165 36.90 26.19 37.02
CA LYS B 165 36.03 25.20 36.41
C LYS B 165 35.76 25.58 34.94
N VAL B 166 36.15 24.69 34.00
CA VAL B 166 36.03 24.90 32.50
C VAL B 166 35.12 23.89 31.76
N TYR B 167 34.29 24.41 30.83
CA TYR B 167 33.29 23.64 30.02
C TYR B 167 33.43 23.93 28.50
N LYS B 168 33.69 22.90 27.70
CA LYS B 168 33.61 23.06 26.23
C LYS B 168 32.14 23.23 25.95
N VAL B 169 31.77 24.37 25.35
CA VAL B 169 30.37 24.59 25.01
C VAL B 169 30.12 24.19 23.57
N PHE B 170 31.04 24.53 22.64
CA PHE B 170 30.92 24.13 21.24
C PHE B 170 32.18 24.47 20.44
N ASP B 171 32.45 23.64 19.42
CA ASP B 171 33.52 23.86 18.41
C ASP B 171 33.01 24.22 17.00
N TYR B 172 33.18 25.49 16.61
CA TYR B 172 32.69 26.05 15.34
C TYR B 172 33.62 25.71 14.21
N LYS B 173 33.02 25.15 13.15
CA LYS B 173 33.72 24.79 11.95
C LYS B 173 33.60 25.91 10.92
N SER B 174 32.47 26.62 10.88
CA SER B 174 32.25 27.74 9.92
C SER B 174 32.03 28.98 10.79
N GLY B 175 30.97 29.74 10.59
CA GLY B 175 30.68 30.86 11.51
C GLY B 175 29.47 30.62 12.38
N GLY B 176 29.32 31.45 13.41
CA GLY B 176 28.14 31.39 14.26
C GLY B 176 28.04 32.54 15.25
N VAL B 177 27.47 32.26 16.42
CA VAL B 177 27.10 33.30 17.36
C VAL B 177 27.24 32.70 18.77
N MET B 178 27.35 33.51 19.81
CA MET B 178 27.56 32.94 21.12
C MET B 178 27.15 33.91 22.19
N MET B 179 26.80 33.39 23.36
CA MET B 179 26.23 34.25 24.39
C MET B 179 26.31 33.63 25.77
N GLY B 180 26.55 34.46 26.79
CA GLY B 180 26.45 34.02 28.18
C GLY B 180 25.56 34.92 28.99
N MET B 181 24.82 34.31 29.93
CA MET B 181 23.97 35.03 30.91
C MET B 181 24.10 34.51 32.31
N TYR B 182 23.79 35.40 33.25
CA TYR B 182 23.75 35.03 34.67
C TYR B 182 22.38 35.25 35.27
N ASN B 183 22.22 34.69 36.45
CA ASN B 183 21.29 35.22 37.42
C ASN B 183 21.82 34.93 38.82
N THR B 184 21.33 35.64 39.82
CA THR B 184 21.84 35.46 41.16
C THR B 184 20.75 34.91 42.05
N ASP B 185 21.16 34.14 43.06
CA ASP B 185 20.22 33.54 44.01
C ASP B 185 19.46 34.62 44.76
N ASP B 186 20.09 35.75 45.07
CA ASP B 186 19.43 36.89 45.78
C ASP B 186 18.32 37.55 45.01
N SER B 187 18.56 37.84 43.73
CA SER B 187 17.55 38.49 42.87
C SER B 187 16.35 37.58 42.66
N ILE B 188 16.61 36.29 42.44
CA ILE B 188 15.53 35.30 42.34
C ILE B 188 14.75 35.23 43.66
N ARG B 189 15.46 35.03 44.77
CA ARG B 189 14.82 34.91 46.06
C ARG B 189 13.91 36.09 46.33
N ASP B 190 14.33 37.28 45.91
CA ASP B 190 13.51 38.51 45.99
C ASP B 190 12.29 38.58 45.07
N PHE B 191 12.49 38.09 43.87
CA PHE B 191 11.39 37.84 42.97
C PHE B 191 10.38 36.92 43.65
N ALA B 192 10.87 35.84 44.25
CA ALA B 192 10.00 34.87 44.90
C ALA B 192 9.26 35.53 46.03
N ARG B 193 9.98 36.15 46.96
CA ARG B 193 9.32 36.86 48.07
C ARG B 193 8.22 37.81 47.57
N SER B 194 8.61 38.73 46.71
CA SER B 194 7.65 39.70 46.14
C SER B 194 6.42 39.04 45.52
N CYS B 195 6.61 37.91 44.87
CA CYS B 195 5.49 37.22 44.29
C CYS B 195 4.58 36.60 45.33
N PHE B 196 5.17 35.81 46.21
CA PHE B 196 4.34 35.09 47.18
C PHE B 196 3.52 36.11 47.97
N GLU B 197 4.19 37.18 48.36
CA GLU B 197 3.57 38.29 49.02
C GLU B 197 2.45 38.91 48.19
N PHE B 198 2.72 39.18 46.91
CA PHE B 198 1.71 39.82 46.05
C PHE B 198 0.48 38.96 45.87
N ALA B 199 0.63 37.66 45.63
CA ALA B 199 -0.58 36.83 45.46
C ALA B 199 -1.38 36.77 46.75
N LEU B 200 -0.67 36.70 47.87
CA LEU B 200 -1.27 36.55 49.19
C LEU B 200 -2.19 37.73 49.60
N ALA B 201 -1.73 38.95 49.34
CA ALA B 201 -2.52 40.15 49.55
C ALA B 201 -3.80 40.08 48.77
N ARG B 202 -3.66 39.84 47.49
CA ARG B 202 -4.79 39.95 46.58
C ARG B 202 -5.65 38.65 46.52
N LYS B 203 -5.27 37.62 47.27
CA LYS B 203 -6.10 36.42 47.48
C LYS B 203 -6.26 35.51 46.22
N TRP B 204 -5.22 35.46 45.42
CA TRP B 204 -5.22 34.76 44.15
C TRP B 204 -4.20 33.62 44.29
N PRO B 205 -4.27 32.61 43.39
CA PRO B 205 -3.29 31.52 43.40
C PRO B 205 -2.10 31.93 42.60
N LEU B 206 -1.09 31.09 42.46
CA LEU B 206 0.19 31.56 41.93
C LEU B 206 0.92 30.51 41.14
N TYR B 207 1.22 30.83 39.88
CA TYR B 207 2.01 29.98 39.02
C TYR B 207 3.36 30.64 38.77
N LEU B 208 4.37 29.85 38.47
CA LEU B 208 5.63 30.38 37.97
C LEU B 208 5.90 29.49 36.85
N SER B 209 6.42 30.05 35.77
CA SER B 209 6.81 29.23 34.64
C SER B 209 8.33 29.22 34.44
N THR B 210 8.85 28.02 34.20
CA THR B 210 10.23 27.82 33.75
C THR B 210 10.27 26.84 32.59
N LYS B 211 11.49 26.42 32.25
CA LYS B 211 11.77 25.36 31.31
C LYS B 211 12.90 24.48 31.89
N ASN B 212 12.73 24.07 33.16
CA ASN B 212 13.74 23.22 33.83
C ASN B 212 13.96 21.87 33.14
N THR B 213 12.96 21.41 32.39
CA THR B 213 13.05 20.33 31.40
C THR B 213 14.30 20.34 30.60
N ILE B 214 14.63 21.54 30.12
CA ILE B 214 15.69 21.74 29.19
C ILE B 214 16.92 22.19 29.94
N LEU B 215 16.76 23.31 30.67
CA LEU B 215 17.81 23.91 31.50
C LEU B 215 17.77 23.33 32.92
N LYS B 216 18.21 22.10 33.11
CA LYS B 216 17.97 21.45 34.39
C LYS B 216 18.44 22.28 35.56
N HIS B 217 19.63 22.90 35.45
CA HIS B 217 20.31 23.61 36.57
C HIS B 217 19.90 25.07 36.75
N TYR B 218 19.81 25.81 35.64
CA TYR B 218 19.47 27.25 35.63
C TYR B 218 18.01 27.49 35.99
N ASP B 219 17.10 26.92 35.20
CA ASP B 219 15.68 27.13 35.44
C ASP B 219 15.32 26.39 36.73
N GLY B 220 15.89 25.20 36.94
CA GLY B 220 15.69 24.43 38.20
C GLY B 220 15.85 25.30 39.44
N ARG B 221 16.99 25.96 39.55
CA ARG B 221 17.26 26.98 40.57
C ARG B 221 16.09 27.90 40.91
N PHE B 222 15.34 28.32 39.91
CA PHE B 222 14.13 29.09 40.13
C PHE B 222 13.09 28.19 40.80
N LYS B 223 12.82 27.06 40.16
CA LYS B 223 11.79 26.12 40.63
C LYS B 223 12.12 25.73 42.03
N ASP B 224 13.36 25.32 42.22
CA ASP B 224 13.87 24.82 43.50
C ASP B 224 13.71 25.92 44.56
N ILE B 225 13.88 27.20 44.22
CA ILE B 225 13.75 28.30 45.21
C ILE B 225 12.34 28.59 45.65
N PHE B 226 11.43 28.84 44.71
CA PHE B 226 10.01 28.97 45.02
C PHE B 226 9.50 27.73 45.77
N ALA B 227 9.95 26.53 45.37
CA ALA B 227 9.63 25.34 46.13
C ALA B 227 10.13 25.51 47.58
N GLU B 228 11.45 25.75 47.77
CA GLU B 228 12.13 26.03 49.09
C GLU B 228 11.30 27.00 49.95
N MET B 229 10.82 28.09 49.32
CA MET B 229 10.27 29.28 49.99
C MET B 229 8.80 29.17 50.31
N TYR B 230 8.06 28.58 49.39
CA TYR B 230 6.67 28.25 49.62
C TYR B 230 6.50 27.40 50.88
N LYS B 231 7.28 26.34 50.97
CA LYS B 231 7.14 25.41 52.07
C LYS B 231 7.72 25.96 53.38
N ALA B 232 8.69 26.85 53.29
CA ALA B 232 9.22 27.47 54.50
C ALA B 232 8.15 28.36 55.17
N LEU B 233 7.65 29.36 54.43
CA LEU B 233 7.00 30.56 54.99
C LEU B 233 5.61 30.94 54.46
N TYR B 234 5.07 30.22 53.49
CA TYR B 234 3.81 30.66 52.85
C TYR B 234 2.72 29.61 52.61
N GLU B 235 3.06 28.37 52.28
CA GLU B 235 2.05 27.31 51.97
C GLU B 235 0.89 27.27 52.96
N THR B 236 1.23 27.21 54.24
CA THR B 236 0.27 27.20 55.33
C THR B 236 -0.67 28.42 55.26
N LYS B 237 -0.07 29.59 55.02
CA LYS B 237 -0.80 30.86 54.85
C LYS B 237 -1.72 30.84 53.62
N PHE B 238 -1.24 30.19 52.55
CA PHE B 238 -2.02 30.01 51.32
C PHE B 238 -3.25 29.16 51.56
N LYS B 239 -3.06 27.93 52.03
CA LYS B 239 -4.20 27.08 52.42
C LYS B 239 -5.25 27.78 53.30
N THR B 240 -4.81 28.53 54.32
CA THR B 240 -5.67 29.37 55.19
C THR B 240 -6.58 30.34 54.42
N CYS B 241 -5.96 31.18 53.57
CA CYS B 241 -6.64 31.97 52.52
C CYS B 241 -7.45 31.12 51.55
N GLY B 242 -6.90 29.94 51.22
CA GLY B 242 -7.51 28.97 50.31
C GLY B 242 -7.07 29.35 48.92
N ILE B 243 -5.77 29.19 48.66
CA ILE B 243 -5.14 29.50 47.36
C ILE B 243 -3.90 28.59 47.30
N PHE B 244 -3.12 28.63 46.21
CA PHE B 244 -2.00 27.70 46.02
C PHE B 244 -0.86 28.26 45.22
N TYR B 245 0.25 27.52 45.19
CA TYR B 245 1.35 27.71 44.23
C TYR B 245 1.62 26.40 43.47
N GLU B 246 1.95 26.57 42.20
CA GLU B 246 2.27 25.46 41.34
C GLU B 246 3.36 26.02 40.44
N HIS B 247 4.11 25.15 39.78
CA HIS B 247 5.07 25.55 38.73
C HIS B 247 4.67 24.95 37.37
N ARG B 248 4.85 25.67 36.27
CA ARG B 248 4.62 25.10 34.94
C ARG B 248 5.74 25.35 33.95
N LEU B 249 5.99 24.35 33.11
CA LEU B 249 6.68 24.59 31.87
C LEU B 249 5.93 25.76 31.26
N ILE B 250 6.70 26.75 30.85
CA ILE B 250 6.21 27.86 30.04
C ILE B 250 5.16 27.45 28.98
N ASP B 251 5.38 26.37 28.23
CA ASP B 251 4.43 25.99 27.14
C ASP B 251 3.04 25.61 27.64
N ASP B 252 2.95 24.96 28.81
CA ASP B 252 1.66 24.80 29.47
C ASP B 252 1.11 26.15 29.75
N MET B 253 1.90 26.95 30.46
CA MET B 253 1.40 28.15 31.06
C MET B 253 0.71 29.01 30.03
N VAL B 254 1.38 29.29 28.93
CA VAL B 254 0.72 30.00 27.83
C VAL B 254 -0.53 29.33 27.23
N ALA B 255 -0.58 28.01 27.22
CA ALA B 255 -1.80 27.27 26.85
C ALA B 255 -2.83 27.50 27.90
N HIS B 256 -2.48 27.22 29.16
CA HIS B 256 -3.35 27.45 30.30
C HIS B 256 -3.85 28.85 30.25
N CYS B 257 -2.96 29.82 30.10
CA CYS B 257 -3.34 31.22 30.21
C CYS B 257 -4.52 31.51 29.31
N MET B 258 -4.27 31.18 28.03
CA MET B 258 -5.16 31.33 26.86
C MET B 258 -6.50 30.68 27.06
N ARG B 259 -6.49 29.44 27.55
CA ARG B 259 -7.71 28.63 27.73
C ARG B 259 -8.43 28.86 29.09
N SER B 260 -7.74 29.36 30.11
CA SER B 260 -8.33 29.63 31.43
C SER B 260 -9.10 30.97 31.54
N GLU B 261 -10.17 30.95 32.33
CA GLU B 261 -11.00 32.13 32.57
C GLU B 261 -10.31 33.28 33.33
N GLY B 262 -9.23 32.99 34.04
CA GLY B 262 -8.36 34.00 34.65
C GLY B 262 -8.33 33.94 36.17
N GLY B 263 -8.01 35.08 36.77
CA GLY B 263 -7.90 35.16 38.20
C GLY B 263 -6.71 34.41 38.77
N TYR B 264 -5.51 34.90 38.47
CA TYR B 264 -4.26 34.40 39.08
C TYR B 264 -3.09 35.37 38.91
N VAL B 265 -1.99 35.05 39.58
CA VAL B 265 -0.77 35.82 39.49
C VAL B 265 0.16 34.87 38.82
N TRP B 266 0.88 35.35 37.83
CA TRP B 266 1.69 34.50 37.00
C TRP B 266 3.12 35.00 37.04
N ALA B 267 3.98 34.36 37.84
CA ALA B 267 5.40 34.67 37.87
C ALA B 267 6.02 34.26 36.54
N CYS B 268 6.55 35.26 35.84
CA CYS B 268 7.35 35.07 34.64
C CYS B 268 8.79 35.48 34.88
N LYS B 269 9.69 34.77 34.20
CA LYS B 269 11.09 35.19 34.21
C LYS B 269 11.26 36.44 33.31
N ASN B 270 12.47 37.00 33.31
CA ASN B 270 12.70 38.33 32.73
C ASN B 270 12.26 38.42 31.24
N TYR B 271 12.63 37.42 30.40
CA TYR B 271 12.26 37.36 28.96
C TYR B 271 10.80 36.94 28.70
N ASP B 272 10.33 35.92 29.45
CA ASP B 272 8.88 35.51 29.44
C ASP B 272 7.98 36.63 29.90
N GLY B 273 8.48 37.50 30.75
CA GLY B 273 7.76 38.69 31.15
C GLY B 273 7.66 39.69 30.02
N ASP B 274 8.78 40.09 29.41
CA ASP B 274 8.72 41.02 28.23
C ASP B 274 7.80 40.53 27.10
N VAL B 275 7.92 39.22 26.80
CA VAL B 275 7.15 38.61 25.72
C VAL B 275 5.68 38.48 26.05
N GLN B 276 5.32 37.87 27.15
CA GLN B 276 3.88 37.66 27.43
C GLN B 276 3.07 38.94 27.72
N SER B 277 3.72 39.85 28.44
CA SER B 277 3.08 41.08 28.83
C SER B 277 2.52 41.91 27.65
N ASP B 278 3.19 41.90 26.48
CA ASP B 278 2.63 42.52 25.26
C ASP B 278 1.37 41.79 24.74
N SER B 279 1.39 40.44 24.82
CA SER B 279 0.23 39.60 24.44
C SER B 279 -1.02 39.94 25.29
N LEU B 280 -0.96 39.70 26.60
CA LEU B 280 -2.01 40.19 27.54
C LEU B 280 -2.50 41.63 27.30
N ALA B 281 -1.55 42.55 27.18
CA ALA B 281 -1.84 43.97 26.98
C ALA B 281 -2.75 44.17 25.77
N GLN B 282 -2.40 43.54 24.66
CA GLN B 282 -3.24 43.68 23.51
C GLN B 282 -4.51 42.89 23.77
N GLY B 283 -4.36 41.70 24.33
CA GLY B 283 -5.47 40.74 24.44
C GLY B 283 -6.63 41.10 25.33
N PHE B 284 -6.35 41.79 26.44
CA PHE B 284 -7.39 42.21 27.39
C PHE B 284 -8.14 43.42 26.87
N GLY B 285 -7.38 44.34 26.29
CA GLY B 285 -7.90 45.21 25.23
C GLY B 285 -7.06 46.44 24.97
N SER B 286 -7.35 47.48 25.72
CA SER B 286 -6.67 48.76 25.67
C SER B 286 -5.61 48.73 26.74
N LEU B 287 -4.44 49.25 26.43
CA LEU B 287 -3.41 49.45 27.45
C LEU B 287 -3.85 50.53 28.44
N GLY B 288 -4.79 51.38 28.05
CA GLY B 288 -5.38 52.34 28.97
C GLY B 288 -6.19 51.79 30.12
N MET B 289 -6.39 50.47 30.16
CA MET B 289 -6.99 49.77 31.30
C MET B 289 -6.00 48.73 31.82
N MET B 290 -4.99 49.22 32.57
CA MET B 290 -3.92 48.41 33.16
C MET B 290 -3.09 49.22 34.18
N THR B 291 -2.75 48.61 35.31
CA THR B 291 -1.91 49.25 36.33
C THR B 291 -0.73 48.35 36.63
N SER B 292 0.49 48.89 36.47
CA SER B 292 1.70 48.32 37.10
C SER B 292 1.64 48.56 38.59
N ILE B 293 2.06 47.58 39.38
CA ILE B 293 2.38 47.85 40.80
C ILE B 293 3.65 47.17 41.22
N LEU B 294 4.46 47.92 41.97
CA LEU B 294 5.80 47.49 42.38
C LEU B 294 5.75 47.14 43.86
N MET B 295 6.03 45.89 44.16
CA MET B 295 5.97 45.44 45.53
C MET B 295 7.38 45.11 45.91
N THR B 296 7.68 45.29 47.19
CA THR B 296 8.98 44.93 47.73
C THR B 296 8.87 43.49 48.24
N PRO B 297 10.01 42.84 48.49
CA PRO B 297 9.96 41.44 48.96
C PRO B 297 9.35 41.30 50.36
N ASP B 298 9.67 42.24 51.23
CA ASP B 298 9.01 42.34 52.53
C ASP B 298 7.52 42.59 52.43
N GLY B 299 7.03 42.95 51.25
CA GLY B 299 5.59 43.06 50.98
C GLY B 299 4.94 44.37 51.43
N LYS B 300 5.71 45.27 52.06
CA LYS B 300 5.15 46.31 52.96
C LYS B 300 5.22 47.71 52.39
N THR B 301 5.44 47.77 51.09
CA THR B 301 6.01 48.94 50.44
C THR B 301 5.71 48.77 48.98
N VAL B 302 5.31 49.84 48.31
CA VAL B 302 4.64 49.73 47.02
C VAL B 302 4.79 51.01 46.22
N GLU B 303 4.76 50.85 44.89
CA GLU B 303 4.76 51.99 43.99
C GLU B 303 3.95 51.67 42.75
N VAL B 304 2.84 52.38 42.59
CA VAL B 304 1.83 52.03 41.60
C VAL B 304 1.64 53.17 40.65
N GLU B 305 1.34 52.82 39.40
CA GLU B 305 1.26 53.73 38.27
C GLU B 305 0.31 53.21 37.19
N ALA B 306 0.29 53.86 36.04
CA ALA B 306 -0.34 53.24 34.90
C ALA B 306 0.69 52.34 34.23
N ALA B 307 0.16 51.46 33.39
CA ALA B 307 0.95 50.51 32.67
C ALA B 307 1.13 50.95 31.24
N HIS B 308 0.80 52.19 30.93
CA HIS B 308 1.01 52.73 29.59
C HIS B 308 2.02 53.84 29.68
N GLY B 309 2.32 54.44 28.53
CA GLY B 309 3.24 55.55 28.48
C GLY B 309 2.62 56.92 28.67
N THR B 310 3.31 57.94 28.16
CA THR B 310 2.90 59.32 28.31
C THR B 310 1.86 59.72 27.28
N VAL B 311 1.59 58.86 26.29
CA VAL B 311 0.67 59.16 25.19
C VAL B 311 1.10 60.43 24.44
N THR B 312 2.19 60.28 23.68
CA THR B 312 2.84 61.38 22.97
C THR B 312 1.88 61.95 21.91
N ARG B 313 1.38 61.05 21.05
CA ARG B 313 0.48 61.39 19.95
C ARG B 313 -0.70 62.25 20.36
N HIS B 314 -1.28 61.97 21.53
CA HIS B 314 -2.38 62.75 22.10
C HIS B 314 -1.89 64.07 22.58
N TYR B 315 -0.73 64.07 23.21
CA TYR B 315 -0.15 65.29 23.70
C TYR B 315 0.00 66.29 22.56
N ARG B 316 0.40 65.81 21.38
CA ARG B 316 0.52 66.69 20.19
C ARG B 316 -0.77 67.41 19.81
N ASP B 317 -1.90 66.71 19.86
CA ASP B 317 -3.21 67.33 19.68
C ASP B 317 -3.63 68.29 20.81
N TYR B 318 -3.06 68.13 22.02
CA TYR B 318 -3.26 69.07 23.13
C TYR B 318 -2.60 70.40 22.80
N GLN B 319 -1.37 70.31 22.31
CA GLN B 319 -0.59 71.46 21.83
C GLN B 319 -1.24 72.11 20.59
N LYS B 320 -1.55 71.33 19.55
CA LYS B 320 -2.31 71.84 18.38
C LYS B 320 -3.45 72.73 18.85
N GLY B 321 -4.00 72.45 20.03
CA GLY B 321 -5.14 73.14 20.58
C GLY B 321 -6.36 72.23 20.60
N LYS B 322 -6.28 71.08 19.89
CA LYS B 322 -7.42 70.13 19.70
C LYS B 322 -7.97 69.40 20.91
N GLU B 323 -9.18 68.92 20.77
CA GLU B 323 -9.83 68.08 21.77
C GLU B 323 -9.19 66.68 21.77
N THR B 324 -9.13 66.03 22.93
CA THR B 324 -8.61 64.65 23.01
C THR B 324 -9.35 63.75 23.99
N SER B 325 -9.11 62.45 23.84
CA SER B 325 -9.90 61.40 24.50
C SER B 325 -8.91 60.36 24.96
N THR B 326 -8.17 60.71 26.01
CA THR B 326 -7.17 59.81 26.64
C THR B 326 -7.84 59.09 27.79
N ASN B 327 -7.57 57.78 27.94
CA ASN B 327 -8.16 57.02 29.04
C ASN B 327 -7.53 57.34 30.40
N PRO B 328 -8.27 58.04 31.29
CA PRO B 328 -7.63 58.50 32.49
C PRO B 328 -7.69 57.43 33.56
N VAL B 329 -8.33 56.33 33.25
CA VAL B 329 -8.74 55.37 34.23
C VAL B 329 -7.59 54.61 34.88
N ALA B 330 -6.62 54.17 34.09
CA ALA B 330 -5.48 53.46 34.67
C ALA B 330 -4.78 54.36 35.68
N SER B 331 -4.67 55.63 35.28
CA SER B 331 -4.10 56.72 36.07
C SER B 331 -4.93 56.96 37.35
N ILE B 332 -6.25 57.11 37.23
CA ILE B 332 -7.13 57.26 38.40
C ILE B 332 -7.00 56.07 39.32
N PHE B 333 -7.03 54.88 38.72
CA PHE B 333 -6.81 53.66 39.47
C PHE B 333 -5.48 53.63 40.17
N ALA B 334 -4.44 54.09 39.47
CA ALA B 334 -3.13 54.29 40.10
C ALA B 334 -3.26 54.85 41.53
N TRP B 335 -3.94 55.99 41.62
CA TRP B 335 -4.21 56.68 42.87
C TRP B 335 -4.98 55.81 43.82
N THR B 336 -6.11 55.26 43.39
CA THR B 336 -6.92 54.48 44.31
C THR B 336 -6.12 53.27 44.78
N ARG B 337 -5.45 52.61 43.86
CA ARG B 337 -4.78 51.35 44.23
C ARG B 337 -3.76 51.66 45.35
N ALA B 338 -2.95 52.71 45.15
CA ALA B 338 -1.99 53.20 46.17
C ALA B 338 -2.75 53.49 47.47
N LEU B 339 -3.48 54.61 47.52
CA LEU B 339 -4.30 55.02 48.66
C LEU B 339 -4.91 53.87 49.43
N ALA B 340 -5.36 52.85 48.72
CA ALA B 340 -5.89 51.66 49.38
C ALA B 340 -4.81 50.91 50.18
N HIS B 341 -3.57 50.88 49.69
CA HIS B 341 -2.44 50.34 50.44
C HIS B 341 -2.10 51.15 51.67
N ARG B 342 -2.09 52.48 51.54
CA ARG B 342 -1.94 53.37 52.71
C ARG B 342 -3.09 53.20 53.69
N ALA B 343 -4.30 52.98 53.20
CA ALA B 343 -5.42 52.71 54.08
C ALA B 343 -5.21 51.40 54.89
N ARG B 344 -4.84 50.29 54.24
CA ARG B 344 -4.69 49.00 54.94
C ARG B 344 -3.48 48.90 55.86
N VAL B 345 -2.59 49.89 55.86
CA VAL B 345 -1.51 49.98 56.88
C VAL B 345 -1.89 50.91 58.07
N ASP B 346 -2.65 51.98 57.80
CA ASP B 346 -3.19 52.89 58.84
C ASP B 346 -4.44 52.31 59.58
N ASN B 347 -4.85 51.05 59.30
CA ASN B 347 -6.15 50.52 59.76
C ASN B 347 -7.23 51.59 59.51
N ASN B 348 -7.49 51.95 58.24
CA ASN B 348 -8.38 53.12 57.90
C ASN B 348 -9.52 52.78 56.95
N ASN B 349 -10.69 52.52 57.51
CA ASN B 349 -11.82 52.05 56.71
C ASN B 349 -12.66 53.11 56.01
N THR B 350 -12.47 54.38 56.40
CA THR B 350 -13.07 55.52 55.67
C THR B 350 -12.45 55.69 54.26
N LEU B 351 -11.12 55.69 54.19
CA LEU B 351 -10.41 55.91 52.94
C LEU B 351 -10.47 54.68 52.11
N LEU B 352 -10.22 53.52 52.71
CA LEU B 352 -10.31 52.23 52.03
C LEU B 352 -11.55 52.15 51.19
N GLU B 353 -12.68 52.41 51.82
CA GLU B 353 -13.97 52.32 51.13
C GLU B 353 -14.12 53.35 50.02
N PHE B 354 -13.67 54.57 50.26
CA PHE B 354 -13.67 55.57 49.18
C PHE B 354 -12.87 55.10 47.94
N THR B 355 -11.76 54.38 48.16
CA THR B 355 -11.01 53.81 47.04
C THR B 355 -11.82 52.73 46.33
N GLN B 356 -12.59 51.95 47.08
CA GLN B 356 -13.54 51.02 46.44
C GLN B 356 -14.67 51.74 45.69
N ARG B 357 -15.25 52.77 46.32
CA ARG B 357 -16.43 53.46 45.77
C ARG B 357 -16.11 54.22 44.50
N LEU B 358 -14.89 54.74 44.38
CA LEU B 358 -14.42 55.41 43.16
C LEU B 358 -14.19 54.38 42.03
N GLU B 359 -13.51 53.28 42.32
CA GLU B 359 -13.27 52.19 41.35
C GLU B 359 -14.57 51.56 40.85
N ASP B 360 -15.53 51.36 41.76
CA ASP B 360 -16.87 50.90 41.41
C ASP B 360 -17.57 51.93 40.52
N VAL B 361 -17.43 53.21 40.85
CA VAL B 361 -18.12 54.29 40.13
C VAL B 361 -17.57 54.47 38.74
N ILE B 362 -16.26 54.30 38.58
CA ILE B 362 -15.66 54.31 37.22
C ILE B 362 -16.17 53.14 36.38
N ILE B 363 -16.23 51.93 36.93
CA ILE B 363 -16.64 50.81 36.14
C ILE B 363 -18.11 50.92 35.73
N ALA B 364 -18.94 51.37 36.66
CA ALA B 364 -20.38 51.47 36.44
C ALA B 364 -20.66 52.53 35.39
N THR B 365 -19.85 53.59 35.35
CA THR B 365 -19.91 54.61 34.29
C THR B 365 -19.66 54.03 32.85
N ILE B 366 -18.56 53.32 32.67
CA ILE B 366 -18.22 52.67 31.39
C ILE B 366 -19.33 51.72 31.02
N GLU B 367 -19.74 50.90 31.97
CA GLU B 367 -20.82 49.94 31.73
C GLU B 367 -22.17 50.56 31.34
N ALA B 368 -22.38 51.85 31.62
CA ALA B 368 -23.56 52.62 31.23
C ALA B 368 -23.39 53.42 29.95
N GLY B 369 -22.23 53.30 29.32
CA GLY B 369 -22.01 53.80 27.94
C GLY B 369 -21.04 54.94 27.83
N ALA B 370 -20.87 55.68 28.92
CA ALA B 370 -19.96 56.85 28.96
C ALA B 370 -18.55 56.32 29.05
N MET B 371 -17.81 56.46 27.95
CA MET B 371 -16.46 55.94 27.86
C MET B 371 -15.67 56.76 26.85
N THR B 372 -14.44 56.35 26.63
CA THR B 372 -13.45 57.08 25.85
C THR B 372 -13.13 56.37 24.50
N GLU B 373 -12.54 57.09 23.55
CA GLU B 373 -12.33 56.58 22.17
C GLU B 373 -11.80 55.17 22.21
N ASP B 374 -10.77 54.95 23.01
CA ASP B 374 -10.07 53.65 22.98
C ASP B 374 -10.97 52.51 23.38
N LEU B 375 -11.92 52.76 24.26
CA LEU B 375 -12.77 51.70 24.76
C LEU B 375 -13.94 51.50 23.81
N ALA B 376 -14.48 52.61 23.28
CA ALA B 376 -15.33 52.54 22.09
C ALA B 376 -14.71 51.60 21.00
N ILE B 377 -13.39 51.70 20.75
CA ILE B 377 -12.77 50.84 19.71
C ILE B 377 -12.68 49.37 20.12
N CYS B 378 -12.51 49.12 21.43
CA CYS B 378 -12.59 47.75 21.95
C CYS B 378 -13.96 47.11 21.68
N ILE B 379 -15.05 47.87 21.91
CA ILE B 379 -16.38 47.30 21.67
C ILE B 379 -16.54 47.24 20.18
N LYS B 380 -16.48 48.37 19.50
CA LYS B 380 -16.86 48.41 18.08
C LYS B 380 -15.69 47.98 17.18
N GLY B 381 -14.73 48.87 16.94
CA GLY B 381 -13.57 48.54 16.12
C GLY B 381 -13.01 49.77 15.46
N GLU B 382 -11.68 49.77 15.27
CA GLU B 382 -10.89 51.00 14.96
C GLU B 382 -11.53 51.82 13.82
N LYS B 383 -11.73 51.19 12.67
CA LYS B 383 -12.30 51.86 11.51
C LYS B 383 -13.74 52.37 11.75
N ASN B 384 -14.51 51.67 12.58
CA ASN B 384 -15.96 51.86 12.66
C ASN B 384 -16.55 52.68 13.82
N VAL B 385 -15.73 53.56 14.39
CA VAL B 385 -16.08 54.36 15.57
C VAL B 385 -16.25 55.80 15.12
N VAL B 386 -17.15 56.53 15.78
CA VAL B 386 -17.38 57.94 15.47
C VAL B 386 -17.63 58.77 16.73
N ARG B 387 -17.59 60.10 16.57
CA ARG B 387 -17.52 61.03 17.70
C ARG B 387 -18.54 60.74 18.78
N ALA B 388 -19.82 60.78 18.47
CA ALA B 388 -20.81 60.47 19.49
C ALA B 388 -20.86 58.96 19.85
N ASP B 389 -19.71 58.23 19.80
CA ASP B 389 -19.59 56.88 20.44
C ASP B 389 -18.77 56.96 21.77
N TYR B 390 -18.13 58.10 22.06
CA TYR B 390 -17.31 58.27 23.29
C TYR B 390 -17.40 59.71 23.83
N LEU B 391 -16.74 59.94 24.96
CA LEU B 391 -16.46 61.27 25.52
C LEU B 391 -14.96 61.69 25.35
N ASN B 392 -14.68 62.99 25.44
CA ASN B 392 -13.26 63.41 25.59
C ASN B 392 -12.75 63.18 27.01
N THR B 393 -11.46 63.35 27.23
CA THR B 393 -10.86 63.09 28.53
C THR B 393 -11.58 63.87 29.62
N ASP B 394 -11.90 65.13 29.33
CA ASP B 394 -12.59 66.04 30.26
C ASP B 394 -13.97 65.58 30.64
N GLU B 395 -14.76 65.21 29.64
CA GLU B 395 -16.14 64.84 29.89
C GLU B 395 -16.22 63.53 30.64
N PHE B 396 -15.33 62.58 30.35
CA PHE B 396 -15.29 61.34 31.10
C PHE B 396 -15.14 61.64 32.58
N ILE B 397 -14.15 62.46 32.91
CA ILE B 397 -13.81 62.76 34.30
C ILE B 397 -14.95 63.48 35.04
N ASP B 398 -15.52 64.49 34.39
CA ASP B 398 -16.71 65.16 34.91
C ASP B 398 -17.95 64.23 34.89
N ALA B 399 -18.00 63.24 33.99
CA ALA B 399 -19.07 62.19 34.04
C ALA B 399 -18.95 61.27 35.24
N VAL B 400 -17.73 60.80 35.53
CA VAL B 400 -17.49 59.95 36.70
C VAL B 400 -17.51 60.71 38.03
N SER B 401 -17.17 62.00 38.01
CA SER B 401 -17.31 62.85 39.18
C SER B 401 -18.74 62.94 39.62
N GLN B 402 -19.62 63.35 38.71
CA GLN B 402 -21.05 63.56 39.03
C GLN B 402 -21.70 62.23 39.52
N ARG B 403 -21.40 61.15 38.81
CA ARG B 403 -21.81 59.80 39.19
C ARG B 403 -21.30 59.45 40.57
N LEU B 404 -20.06 59.86 40.86
CA LEU B 404 -19.44 59.63 42.18
C LEU B 404 -20.13 60.35 43.31
N LYS B 405 -20.29 61.67 43.19
CA LYS B 405 -21.01 62.46 44.23
C LYS B 405 -22.43 61.94 44.56
N VAL B 406 -23.17 61.43 43.58
CA VAL B 406 -24.52 60.88 43.87
C VAL B 406 -24.44 59.60 44.69
N ALA B 407 -23.50 58.71 44.38
CA ALA B 407 -23.31 57.50 45.19
C ALA B 407 -22.60 57.74 46.56
N MET B 408 -21.97 58.91 46.73
CA MET B 408 -21.49 59.36 48.07
C MET B 408 -22.62 59.69 49.06
N GLN B 409 -23.72 60.22 48.55
CA GLN B 409 -24.91 60.48 49.36
C GLN B 409 -25.62 59.16 49.77
N LYS B 410 -26.24 58.46 48.82
CA LYS B 410 -27.07 57.26 49.11
C LYS B 410 -26.20 56.17 49.78
N SER B 411 -26.49 55.86 51.05
CA SER B 411 -25.61 54.96 51.87
C SER B 411 -26.31 54.45 53.17
N THR C 7 12.03 4.44 -11.78
CA THR C 7 10.62 4.97 -11.65
C THR C 7 9.55 3.97 -12.14
N GLY C 8 9.70 2.71 -11.73
CA GLY C 8 8.85 1.62 -12.22
C GLY C 8 8.07 0.99 -11.09
N VAL C 9 6.77 0.79 -11.33
CA VAL C 9 5.82 0.44 -10.27
C VAL C 9 5.20 -0.91 -10.53
N LEU C 10 4.65 -1.49 -9.48
CA LEU C 10 4.01 -2.79 -9.53
C LEU C 10 2.57 -2.50 -9.25
N VAL C 11 1.67 -3.35 -9.70
CA VAL C 11 0.27 -3.17 -9.38
C VAL C 11 -0.24 -4.35 -8.52
N GLU C 12 -0.54 -4.08 -7.26
CA GLU C 12 -0.95 -5.13 -6.31
C GLU C 12 -2.46 -5.21 -6.44
N LEU C 13 -3.01 -6.43 -6.55
CA LEU C 13 -4.44 -6.66 -6.57
C LEU C 13 -4.73 -7.54 -5.40
N ASP C 14 -5.51 -7.03 -4.45
CA ASP C 14 -5.75 -7.76 -3.19
C ASP C 14 -6.97 -8.63 -3.34
N GLY C 15 -7.01 -9.76 -2.66
CA GLY C 15 -8.06 -10.76 -2.88
C GLY C 15 -8.89 -11.20 -1.68
N ASP C 16 -9.22 -12.50 -1.64
CA ASP C 16 -10.27 -13.01 -0.76
C ASP C 16 -9.94 -14.15 0.26
N GLU C 17 -10.79 -14.21 1.30
CA GLU C 17 -10.92 -15.36 2.20
C GLU C 17 -9.55 -15.77 2.73
N MET C 18 -9.12 -17.01 2.55
CA MET C 18 -7.87 -17.50 3.13
C MET C 18 -6.65 -17.01 2.38
N THR C 19 -6.68 -16.76 1.05
CA THR C 19 -5.45 -16.22 0.39
C THR C 19 -5.18 -14.77 0.79
N ARG C 20 -6.22 -14.02 1.10
CA ARG C 20 -6.04 -12.64 1.54
C ARG C 20 -5.25 -12.57 2.81
N VAL C 21 -5.38 -13.58 3.67
CA VAL C 21 -4.60 -13.61 4.92
C VAL C 21 -3.13 -14.00 4.73
N ILE C 22 -2.89 -14.99 3.89
CA ILE C 22 -1.54 -15.34 3.41
C ILE C 22 -0.86 -14.10 2.71
N TRP C 23 -1.66 -13.25 2.04
CA TRP C 23 -1.16 -12.04 1.36
C TRP C 23 -0.59 -11.01 2.31
N LYS C 24 -1.28 -10.78 3.43
CA LYS C 24 -0.83 -9.78 4.37
C LYS C 24 0.45 -10.32 4.96
N LYS C 25 0.49 -11.57 5.41
CA LYS C 25 1.74 -12.07 5.95
C LYS C 25 2.84 -12.16 4.91
N ILE C 26 2.50 -12.50 3.66
CA ILE C 26 3.56 -12.60 2.64
C ILE C 26 4.29 -11.27 2.56
N LYS C 27 3.59 -10.16 2.32
CA LYS C 27 4.25 -8.85 2.24
C LYS C 27 4.96 -8.43 3.54
N GLU C 28 4.22 -8.49 4.67
CA GLU C 28 4.73 -8.23 6.05
C GLU C 28 6.07 -8.86 6.39
N THR C 29 6.26 -10.11 5.99
CA THR C 29 7.35 -10.93 6.46
C THR C 29 8.48 -11.26 5.43
N LEU C 30 8.19 -11.44 4.14
CA LEU C 30 9.22 -11.88 3.16
C LEU C 30 9.50 -10.91 2.01
N ILE C 31 8.86 -9.73 2.03
CA ILE C 31 9.02 -8.74 0.97
C ILE C 31 9.36 -7.35 1.57
N PHE C 32 8.39 -6.57 2.04
CA PHE C 32 8.62 -5.20 2.55
C PHE C 32 9.80 -5.07 3.50
N PRO C 33 10.00 -6.04 4.41
CA PRO C 33 11.26 -5.98 5.21
C PRO C 33 12.54 -5.79 4.41
N PHE C 34 12.68 -6.49 3.28
CA PHE C 34 13.89 -6.58 2.45
C PHE C 34 13.88 -5.74 1.16
N VAL C 35 12.72 -5.33 0.67
CA VAL C 35 12.64 -4.68 -0.65
C VAL C 35 11.55 -3.66 -0.56
N ASN C 36 11.63 -2.64 -1.41
CA ASN C 36 10.76 -1.49 -1.24
C ASN C 36 10.37 -1.04 -2.61
N VAL C 37 9.11 -1.30 -2.98
CA VAL C 37 8.58 -1.01 -4.32
C VAL C 37 7.38 -0.09 -4.29
N PRO C 38 7.40 0.91 -5.13
CA PRO C 38 6.19 1.67 -5.37
C PRO C 38 5.09 0.80 -5.98
N ILE C 39 4.04 0.61 -5.21
CA ILE C 39 2.89 -0.20 -5.58
C ILE C 39 1.69 0.71 -5.86
N GLU C 40 0.92 0.39 -6.89
CA GLU C 40 -0.38 1.04 -7.16
C GLU C 40 -1.36 -0.05 -6.79
N TYR C 41 -2.13 0.20 -5.72
CA TYR C 41 -2.88 -0.85 -5.00
C TYR C 41 -4.38 -0.77 -5.21
N TYR C 42 -4.96 -1.88 -5.67
CA TYR C 42 -6.39 -1.96 -5.99
C TYR C 42 -6.97 -3.14 -5.24
N ASP C 43 -7.99 -2.89 -4.42
CA ASP C 43 -8.52 -3.94 -3.56
C ASP C 43 -9.68 -4.68 -4.21
N LEU C 44 -9.41 -5.85 -4.80
CA LEU C 44 -10.46 -6.71 -5.35
C LEU C 44 -11.05 -7.70 -4.28
N SER C 45 -11.13 -7.28 -3.02
CA SER C 45 -11.97 -7.98 -2.07
C SER C 45 -13.38 -8.01 -2.68
N MET C 46 -14.12 -9.04 -2.31
CA MET C 46 -15.52 -9.20 -2.75
C MET C 46 -16.34 -7.95 -2.37
N GLU C 47 -16.19 -7.54 -1.09
CA GLU C 47 -16.84 -6.33 -0.55
C GLU C 47 -16.62 -5.14 -1.44
N ASN C 48 -15.36 -4.88 -1.76
CA ASN C 48 -14.99 -3.67 -2.49
C ASN C 48 -15.31 -3.75 -3.95
N ARG C 49 -15.21 -4.95 -4.55
CA ARG C 49 -15.75 -5.13 -5.91
C ARG C 49 -17.23 -4.80 -5.96
N ASP C 50 -17.97 -5.18 -4.91
CA ASP C 50 -19.40 -4.85 -4.84
C ASP C 50 -19.70 -3.37 -4.54
N LYS C 51 -19.19 -2.86 -3.44
CA LYS C 51 -19.40 -1.46 -3.09
C LYS C 51 -19.19 -0.58 -4.32
N THR C 52 -18.16 -0.88 -5.10
CA THR C 52 -17.80 -0.07 -6.25
C THR C 52 -18.47 -0.49 -7.54
N GLU C 53 -18.95 -1.73 -7.59
CA GLU C 53 -19.73 -2.24 -8.72
C GLU C 53 -18.78 -2.59 -9.87
N ASP C 54 -17.99 -3.65 -9.63
CA ASP C 54 -16.84 -4.13 -10.46
C ASP C 54 -15.87 -3.02 -10.97
N ARG C 55 -15.94 -1.81 -10.41
CA ARG C 55 -15.20 -0.68 -10.97
C ARG C 55 -13.69 -0.78 -10.73
N VAL C 56 -13.31 -1.38 -9.61
CA VAL C 56 -11.89 -1.57 -9.26
C VAL C 56 -11.14 -2.55 -10.14
N THR C 57 -11.88 -3.49 -10.71
CA THR C 57 -11.34 -4.52 -11.55
C THR C 57 -11.08 -3.93 -12.95
N VAL C 58 -11.96 -3.01 -13.37
CA VAL C 58 -11.75 -2.26 -14.62
C VAL C 58 -10.44 -1.54 -14.34
N GLU C 59 -10.44 -0.75 -13.27
CA GLU C 59 -9.32 0.10 -12.96
C GLU C 59 -8.02 -0.70 -12.85
N ALA C 60 -7.98 -1.68 -11.93
CA ALA C 60 -6.79 -2.53 -11.71
C ALA C 60 -6.12 -3.00 -13.03
N ALA C 61 -6.95 -3.55 -13.90
CA ALA C 61 -6.54 -4.06 -15.20
C ALA C 61 -5.82 -3.00 -15.98
N TYR C 62 -6.49 -1.86 -16.14
CA TYR C 62 -5.91 -0.82 -16.98
C TYR C 62 -4.53 -0.46 -16.50
N ALA C 63 -4.44 -0.14 -15.22
CA ALA C 63 -3.16 0.10 -14.58
C ALA C 63 -2.09 -0.95 -14.94
N ILE C 64 -2.47 -2.23 -15.04
CA ILE C 64 -1.48 -3.24 -15.43
C ILE C 64 -0.95 -2.92 -16.83
N LYS C 65 -1.81 -2.46 -17.74
CA LYS C 65 -1.36 -2.01 -19.07
C LYS C 65 -0.43 -0.80 -19.00
N LYS C 66 -0.81 0.19 -18.19
CA LYS C 66 -0.03 1.40 -17.89
C LYS C 66 1.35 1.13 -17.30
N HIS C 67 1.44 0.19 -16.34
CA HIS C 67 2.71 -0.08 -15.61
C HIS C 67 3.53 -1.31 -16.07
N GLY C 68 2.87 -2.37 -16.51
CA GLY C 68 3.55 -3.56 -17.04
C GLY C 68 3.30 -4.83 -16.23
N VAL C 69 3.12 -4.70 -14.92
CA VAL C 69 3.11 -5.88 -14.07
C VAL C 69 1.95 -5.80 -13.08
N GLY C 70 1.56 -6.97 -12.59
CA GLY C 70 0.56 -7.08 -11.53
C GLY C 70 0.57 -8.41 -10.77
N VAL C 71 0.47 -8.31 -9.46
CA VAL C 71 0.45 -9.51 -8.66
C VAL C 71 -0.95 -9.60 -8.21
N LYS C 72 -1.45 -10.82 -8.11
CA LYS C 72 -2.83 -10.98 -7.79
C LYS C 72 -3.05 -12.15 -6.89
N CYS C 73 -3.74 -11.80 -5.80
CA CYS C 73 -4.31 -12.71 -4.84
C CYS C 73 -5.54 -13.32 -5.48
N ALA C 74 -5.73 -14.61 -5.23
CA ALA C 74 -6.96 -15.28 -5.64
C ALA C 74 -8.18 -14.52 -5.08
N THR C 75 -8.93 -13.96 -6.00
CA THR C 75 -10.20 -13.40 -5.67
C THR C 75 -11.32 -14.42 -5.79
N ILE C 76 -12.43 -14.19 -5.08
CA ILE C 76 -13.68 -14.96 -5.27
C ILE C 76 -14.38 -14.56 -6.58
N THR C 77 -14.54 -15.52 -7.48
CA THR C 77 -15.24 -15.26 -8.73
C THR C 77 -16.69 -15.79 -8.50
N PRO C 78 -17.70 -14.89 -8.41
CA PRO C 78 -18.91 -15.20 -7.65
C PRO C 78 -20.01 -15.93 -8.42
N ASP C 79 -20.91 -16.55 -7.67
CA ASP C 79 -22.02 -17.30 -8.22
C ASP C 79 -23.20 -17.29 -7.24
N GLU C 80 -24.25 -18.04 -7.57
CA GLU C 80 -25.57 -17.96 -6.89
C GLU C 80 -25.47 -18.19 -5.38
N ALA C 81 -24.76 -19.25 -4.99
CA ALA C 81 -24.51 -19.59 -3.59
C ALA C 81 -23.89 -18.40 -2.83
N ARG C 82 -22.96 -17.70 -3.52
CA ARG C 82 -22.25 -16.54 -2.96
C ARG C 82 -23.09 -15.28 -2.83
N VAL C 83 -23.83 -14.94 -3.89
CA VAL C 83 -24.66 -13.71 -3.87
C VAL C 83 -25.59 -13.72 -2.67
N LYS C 84 -26.07 -14.91 -2.33
CA LYS C 84 -26.80 -15.13 -1.09
C LYS C 84 -25.88 -14.71 0.03
N GLU C 85 -24.75 -15.41 0.18
CA GLU C 85 -23.87 -15.27 1.33
C GLU C 85 -23.49 -13.82 1.65
N PHE C 86 -23.29 -13.00 0.62
CA PHE C 86 -22.89 -11.60 0.83
C PHE C 86 -24.01 -10.53 0.73
N ASN C 87 -25.09 -10.81 0.00
CA ASN C 87 -26.11 -9.81 -0.47
C ASN C 87 -25.51 -8.93 -1.55
N LEU C 88 -25.16 -9.56 -2.66
CA LEU C 88 -24.59 -8.84 -3.77
C LEU C 88 -25.64 -8.13 -4.59
N LYS C 89 -25.21 -7.06 -5.23
CA LYS C 89 -26.10 -6.15 -5.93
C LYS C 89 -26.44 -6.78 -7.26
N LYS C 90 -25.46 -7.42 -7.89
CA LYS C 90 -25.69 -8.28 -9.06
C LYS C 90 -24.70 -9.44 -9.03
N MET C 91 -24.83 -10.39 -9.95
CA MET C 91 -23.88 -11.51 -10.05
C MET C 91 -22.66 -11.08 -10.89
N TRP C 92 -21.68 -10.48 -10.22
CA TRP C 92 -20.52 -9.90 -10.88
C TRP C 92 -19.73 -10.90 -11.72
N ARG C 93 -19.24 -10.40 -12.84
CA ARG C 93 -18.34 -11.16 -13.68
C ARG C 93 -17.12 -11.63 -12.88
N SER C 94 -16.62 -12.80 -13.24
CA SER C 94 -15.32 -13.26 -12.74
C SER C 94 -14.26 -12.21 -13.04
N PRO C 95 -13.29 -12.04 -12.15
CA PRO C 95 -12.42 -10.90 -12.37
C PRO C 95 -11.22 -11.21 -13.23
N ASN C 96 -10.78 -12.48 -13.24
CA ASN C 96 -9.74 -12.90 -14.17
C ASN C 96 -10.27 -12.83 -15.57
N GLY C 97 -11.58 -13.02 -15.71
CA GLY C 97 -12.25 -12.75 -16.97
C GLY C 97 -12.20 -11.29 -17.39
N THR C 98 -12.80 -10.42 -16.57
CA THR C 98 -12.78 -8.97 -16.79
C THR C 98 -11.39 -8.46 -17.23
N ILE C 99 -10.32 -9.00 -16.62
CA ILE C 99 -8.94 -8.50 -16.78
C ILE C 99 -8.31 -9.11 -17.99
N ARG C 100 -8.27 -10.44 -18.05
CA ARG C 100 -7.94 -11.12 -19.28
C ARG C 100 -8.54 -10.39 -20.49
N THR C 101 -9.84 -10.03 -20.43
CA THR C 101 -10.51 -9.25 -21.48
C THR C 101 -9.68 -8.00 -21.85
N ILE C 102 -9.52 -7.13 -20.86
CA ILE C 102 -8.95 -5.81 -21.04
C ILE C 102 -7.48 -5.93 -21.40
N LEU C 103 -6.71 -6.60 -20.56
CA LEU C 103 -5.34 -6.95 -20.91
C LEU C 103 -5.24 -7.73 -22.22
N GLY C 104 -5.82 -8.94 -22.25
CA GLY C 104 -5.59 -9.92 -23.33
C GLY C 104 -4.20 -10.53 -23.32
N GLY C 105 -4.09 -11.84 -23.47
CA GLY C 105 -2.80 -12.47 -23.77
C GLY C 105 -2.94 -13.93 -23.57
N THR C 106 -1.81 -14.63 -23.50
CA THR C 106 -1.81 -16.07 -23.23
C THR C 106 -1.39 -16.38 -21.79
N VAL C 107 -2.08 -17.35 -21.17
CA VAL C 107 -1.85 -17.69 -19.75
C VAL C 107 -0.97 -18.93 -19.68
N PHE C 108 0.07 -18.87 -18.87
CA PHE C 108 0.99 -19.99 -18.71
C PHE C 108 0.98 -20.44 -17.26
N ARG C 109 0.83 -21.73 -16.98
CA ARG C 109 0.78 -22.20 -15.59
C ARG C 109 2.10 -22.93 -15.22
N GLU C 110 2.89 -22.40 -14.29
CA GLU C 110 4.22 -22.97 -14.06
C GLU C 110 4.21 -23.70 -12.75
N PRO C 111 4.41 -25.01 -12.78
CA PRO C 111 4.56 -25.71 -11.50
C PRO C 111 5.90 -25.44 -10.87
N ILE C 112 5.93 -25.48 -9.55
CA ILE C 112 7.13 -25.38 -8.77
C ILE C 112 7.49 -26.78 -8.36
N ILE C 113 8.77 -27.13 -8.33
CA ILE C 113 9.16 -28.50 -7.95
C ILE C 113 10.22 -28.57 -6.84
N CYS C 114 10.04 -29.48 -5.90
CA CYS C 114 11.04 -29.73 -4.84
C CYS C 114 11.51 -31.18 -4.99
N SER C 115 12.83 -31.43 -4.95
CA SER C 115 13.30 -32.81 -5.14
C SER C 115 12.50 -33.80 -4.29
N ASN C 116 12.34 -33.51 -3.02
CA ASN C 116 11.60 -34.37 -2.09
C ASN C 116 10.03 -34.49 -2.20
N VAL C 117 9.31 -33.64 -2.96
CA VAL C 117 7.85 -33.93 -3.17
C VAL C 117 7.66 -34.85 -4.39
N PRO C 118 7.41 -36.16 -4.18
CA PRO C 118 7.28 -37.05 -5.35
C PRO C 118 6.02 -36.74 -6.17
N ARG C 119 6.18 -36.72 -7.48
CA ARG C 119 5.07 -36.53 -8.40
C ARG C 119 4.47 -37.90 -8.67
N LEU C 120 3.25 -37.89 -9.23
CA LEU C 120 2.60 -39.14 -9.66
C LEU C 120 3.24 -39.72 -10.91
N VAL C 121 3.94 -38.86 -11.66
CA VAL C 121 4.68 -39.25 -12.84
C VAL C 121 6.18 -39.22 -12.54
N THR C 122 6.84 -40.36 -12.74
CA THR C 122 8.22 -40.57 -12.27
C THR C 122 9.27 -39.83 -13.08
N THR C 123 9.08 -39.69 -14.38
CA THR C 123 10.11 -39.14 -15.24
C THR C 123 10.25 -37.64 -15.15
N TRP C 124 9.23 -36.94 -14.64
CA TRP C 124 9.27 -35.48 -14.51
C TRP C 124 10.22 -35.02 -13.43
N LYS C 125 11.23 -34.26 -13.83
CA LYS C 125 12.13 -33.61 -12.91
C LYS C 125 12.29 -32.09 -13.11
N LYS C 126 11.82 -31.57 -14.25
CA LYS C 126 11.81 -30.14 -14.54
C LYS C 126 10.36 -29.79 -14.92
N PRO C 127 9.94 -28.55 -14.68
CA PRO C 127 8.54 -28.23 -14.89
C PRO C 127 8.12 -28.30 -16.37
N VAL C 128 6.79 -28.31 -16.62
CA VAL C 128 6.20 -28.35 -17.98
C VAL C 128 5.17 -27.25 -18.02
N VAL C 129 5.39 -26.27 -18.87
CA VAL C 129 4.52 -25.11 -18.86
C VAL C 129 3.54 -25.08 -20.00
N ILE C 130 2.32 -25.53 -19.76
CA ILE C 130 1.28 -25.34 -20.73
C ILE C 130 0.88 -23.88 -20.80
N GLY C 131 0.80 -23.40 -22.05
CA GLY C 131 0.07 -22.18 -22.39
C GLY C 131 -1.13 -22.58 -23.19
N ARG C 132 -2.31 -22.12 -22.77
CA ARG C 132 -3.55 -22.40 -23.53
C ARG C 132 -3.92 -21.27 -24.44
N HIS C 133 -4.44 -21.60 -25.61
CA HIS C 133 -5.00 -20.62 -26.48
C HIS C 133 -6.18 -19.87 -25.84
N ALA C 134 -7.40 -20.37 -25.88
CA ALA C 134 -8.58 -19.66 -25.25
C ALA C 134 -9.52 -18.81 -26.16
N PHE C 135 -9.07 -18.28 -27.30
CA PHE C 135 -10.02 -17.61 -28.23
C PHE C 135 -10.66 -18.71 -29.05
N GLY C 136 -11.98 -18.68 -29.10
CA GLY C 136 -12.76 -19.90 -29.11
C GLY C 136 -12.70 -20.81 -30.32
N ASP C 137 -12.13 -22.02 -30.16
CA ASP C 137 -12.34 -23.10 -31.15
C ASP C 137 -13.77 -23.58 -30.87
N GLN C 138 -13.95 -24.57 -29.97
CA GLN C 138 -15.31 -25.10 -29.67
C GLN C 138 -16.01 -24.40 -28.50
N TYR C 139 -15.39 -23.34 -27.97
CA TYR C 139 -15.91 -22.61 -26.82
C TYR C 139 -16.89 -21.53 -27.26
N SER C 140 -16.58 -20.94 -28.42
CA SER C 140 -17.53 -20.24 -29.28
C SER C 140 -17.82 -21.06 -30.56
N ALA C 141 -18.69 -22.07 -30.42
CA ALA C 141 -19.21 -22.82 -31.59
C ALA C 141 -20.75 -22.88 -31.67
N THR C 142 -21.28 -23.07 -32.86
CA THR C 142 -22.74 -23.24 -32.98
C THR C 142 -23.02 -24.68 -33.29
N ASP C 143 -23.75 -25.34 -32.37
CA ASP C 143 -24.14 -26.76 -32.55
C ASP C 143 -25.62 -27.00 -32.26
N ALA C 144 -26.13 -28.08 -32.84
CA ALA C 144 -27.53 -28.42 -32.70
C ALA C 144 -27.75 -29.86 -33.07
N VAL C 145 -28.64 -30.51 -32.32
CA VAL C 145 -29.11 -31.87 -32.65
C VAL C 145 -29.95 -31.83 -33.92
N VAL C 146 -29.89 -32.93 -34.67
CA VAL C 146 -30.58 -33.09 -35.93
C VAL C 146 -31.63 -34.20 -35.80
N LYS C 147 -32.90 -33.83 -35.90
CA LYS C 147 -34.03 -34.78 -35.70
C LYS C 147 -34.65 -35.40 -36.99
N GLU C 148 -34.53 -34.73 -38.14
CA GLU C 148 -35.05 -35.21 -39.45
C GLU C 148 -33.90 -35.69 -40.33
N PRO C 149 -34.18 -36.62 -41.25
CA PRO C 149 -33.26 -36.84 -42.36
C PRO C 149 -33.08 -35.57 -43.21
N GLY C 150 -31.85 -35.30 -43.64
CA GLY C 150 -31.57 -34.11 -44.41
C GLY C 150 -30.09 -33.97 -44.74
N THR C 151 -29.69 -32.72 -45.02
CA THR C 151 -28.33 -32.37 -45.49
C THR C 151 -27.78 -31.15 -44.76
N PHE C 152 -26.56 -31.31 -44.23
CA PHE C 152 -25.81 -30.30 -43.46
C PHE C 152 -24.89 -29.56 -44.44
N GLU C 153 -25.00 -28.23 -44.46
CA GLU C 153 -24.24 -27.35 -45.34
C GLU C 153 -23.38 -26.30 -44.61
N MET C 154 -22.32 -25.89 -45.30
CA MET C 154 -21.46 -24.78 -44.91
C MET C 154 -21.32 -23.81 -46.09
N ARG C 155 -21.58 -22.53 -45.81
CA ARG C 155 -21.34 -21.46 -46.73
C ARG C 155 -20.25 -20.59 -46.16
N PHE C 156 -19.36 -20.11 -47.03
CA PHE C 156 -18.59 -18.89 -46.77
C PHE C 156 -19.14 -17.79 -47.69
N ILE C 157 -19.61 -16.69 -47.12
CA ILE C 157 -20.24 -15.58 -47.88
C ILE C 157 -19.37 -14.30 -47.84
N PRO C 158 -18.58 -14.02 -48.91
CA PRO C 158 -17.68 -12.85 -48.88
C PRO C 158 -18.41 -11.54 -48.68
N ALA C 159 -17.70 -10.56 -48.12
CA ALA C 159 -18.26 -9.21 -47.94
C ALA C 159 -18.24 -8.41 -49.25
N ASN C 160 -17.18 -8.58 -50.05
CA ASN C 160 -17.09 -8.02 -51.42
C ASN C 160 -18.13 -8.63 -52.34
N GLY C 161 -18.12 -8.24 -53.63
CA GLY C 161 -18.93 -8.90 -54.68
C GLY C 161 -19.29 -10.35 -54.32
N GLY C 162 -18.26 -11.18 -54.16
CA GLY C 162 -18.39 -12.48 -53.53
C GLY C 162 -19.21 -13.51 -54.27
N GLU C 163 -18.53 -14.47 -54.87
CA GLU C 163 -19.12 -15.77 -55.19
C GLU C 163 -19.08 -16.58 -53.87
N PRO C 164 -20.26 -16.98 -53.28
CA PRO C 164 -20.12 -17.94 -52.16
C PRO C 164 -19.31 -19.17 -52.53
N LYS C 165 -18.69 -19.82 -51.52
CA LYS C 165 -18.26 -21.22 -51.64
C LYS C 165 -18.99 -22.02 -50.60
N VAL C 166 -19.30 -23.25 -50.97
CA VAL C 166 -20.38 -24.04 -50.37
C VAL C 166 -19.98 -25.52 -50.31
N TYR C 167 -20.14 -26.14 -49.15
CA TYR C 167 -19.70 -27.53 -48.95
C TYR C 167 -20.87 -28.33 -48.38
N LYS C 168 -21.21 -29.45 -49.02
CA LYS C 168 -22.12 -30.42 -48.39
C LYS C 168 -21.25 -31.03 -47.31
N VAL C 169 -21.58 -30.84 -46.04
CA VAL C 169 -20.80 -31.48 -44.99
C VAL C 169 -21.15 -32.96 -44.93
N PHE C 170 -22.45 -33.25 -44.84
CA PHE C 170 -22.92 -34.61 -44.64
C PHE C 170 -24.38 -34.79 -45.06
N ASP C 171 -24.71 -35.96 -45.60
CA ASP C 171 -26.08 -36.35 -45.94
C ASP C 171 -26.58 -37.31 -44.86
N TYR C 172 -27.38 -36.76 -43.93
CA TYR C 172 -27.96 -37.53 -42.81
C TYR C 172 -29.05 -38.44 -43.33
N LYS C 173 -28.91 -39.73 -43.05
CA LYS C 173 -29.87 -40.77 -43.42
C LYS C 173 -30.87 -41.07 -42.31
N SER C 174 -30.75 -40.33 -41.22
CA SER C 174 -31.57 -40.46 -40.03
C SER C 174 -30.95 -39.42 -39.10
N GLY C 175 -31.46 -39.34 -37.87
CA GLY C 175 -31.02 -38.33 -36.91
C GLY C 175 -29.53 -38.33 -36.59
N GLY C 176 -29.15 -37.37 -35.75
CA GLY C 176 -27.79 -37.24 -35.32
C GLY C 176 -27.55 -35.87 -34.72
N VAL C 177 -26.39 -35.27 -35.05
CA VAL C 177 -25.91 -34.13 -34.30
C VAL C 177 -24.78 -33.41 -35.06
N MET C 178 -24.82 -32.07 -35.08
CA MET C 178 -23.88 -31.23 -35.88
C MET C 178 -23.37 -29.99 -35.18
N MET C 179 -22.26 -29.51 -35.70
CA MET C 179 -21.52 -28.36 -35.19
C MET C 179 -20.68 -27.64 -36.28
N GLY C 180 -20.41 -26.36 -36.08
CA GLY C 180 -19.38 -25.68 -36.84
C GLY C 180 -18.73 -24.72 -35.89
N MET C 181 -17.40 -24.58 -36.00
CA MET C 181 -16.57 -23.66 -35.15
C MET C 181 -15.56 -22.89 -36.00
N TYR C 182 -14.90 -21.91 -35.38
CA TYR C 182 -13.98 -21.04 -36.11
C TYR C 182 -12.81 -20.59 -35.24
N ASN C 183 -11.86 -19.90 -35.86
CA ASN C 183 -10.76 -19.23 -35.18
C ASN C 183 -10.12 -18.20 -36.12
N THR C 184 -9.43 -17.19 -35.57
CA THR C 184 -8.82 -16.12 -36.38
C THR C 184 -7.28 -16.21 -36.51
N ASP C 185 -6.74 -15.60 -37.56
CA ASP C 185 -5.28 -15.37 -37.72
C ASP C 185 -4.74 -14.41 -36.63
N ASP C 186 -5.49 -13.34 -36.38
CA ASP C 186 -5.20 -12.37 -35.32
C ASP C 186 -4.96 -13.03 -33.97
N SER C 187 -5.92 -13.84 -33.55
CA SER C 187 -5.91 -14.44 -32.21
C SER C 187 -4.80 -15.50 -32.07
N ILE C 188 -4.66 -16.27 -33.12
CA ILE C 188 -3.66 -17.31 -33.26
C ILE C 188 -2.28 -16.71 -33.26
N ARG C 189 -2.08 -15.57 -33.91
CA ARG C 189 -0.75 -14.99 -33.98
C ARG C 189 -0.34 -14.32 -32.66
N ASP C 190 -1.32 -13.79 -31.94
CA ASP C 190 -1.12 -13.37 -30.54
C ASP C 190 -0.70 -14.53 -29.62
N PHE C 191 -1.45 -15.64 -29.69
CA PHE C 191 -1.11 -16.88 -28.99
C PHE C 191 0.32 -17.33 -29.33
N ALA C 192 0.74 -17.14 -30.58
CA ALA C 192 2.10 -17.51 -30.99
C ALA C 192 3.17 -16.57 -30.42
N ARG C 193 2.94 -15.26 -30.47
CA ARG C 193 3.95 -14.29 -29.99
C ARG C 193 4.28 -14.52 -28.52
N SER C 194 3.22 -14.64 -27.73
CA SER C 194 3.36 -14.76 -26.30
C SER C 194 4.00 -16.09 -25.96
N CYS C 195 3.64 -17.15 -26.68
CA CYS C 195 4.34 -18.41 -26.46
C CYS C 195 5.85 -18.32 -26.81
N PHE C 196 6.23 -17.65 -27.89
CA PHE C 196 7.67 -17.47 -28.22
C PHE C 196 8.35 -16.55 -27.20
N GLU C 197 7.73 -15.42 -26.87
CA GLU C 197 8.26 -14.51 -25.85
C GLU C 197 8.43 -15.13 -24.44
N PHE C 198 7.51 -16.00 -24.05
CA PHE C 198 7.57 -16.72 -22.78
C PHE C 198 8.73 -17.69 -22.79
N ALA C 199 8.76 -18.61 -23.75
CA ALA C 199 9.89 -19.55 -23.95
C ALA C 199 11.24 -18.84 -23.86
N LEU C 200 11.34 -17.74 -24.60
CA LEU C 200 12.54 -16.93 -24.69
C LEU C 200 12.98 -16.26 -23.38
N ALA C 201 12.03 -15.84 -22.53
CA ALA C 201 12.36 -15.27 -21.19
C ALA C 201 12.74 -16.36 -20.17
N ARG C 202 12.25 -17.56 -20.42
CA ARG C 202 12.50 -18.67 -19.53
C ARG C 202 13.69 -19.51 -19.93
N LYS C 203 14.20 -19.26 -21.14
CA LYS C 203 15.11 -20.17 -21.86
C LYS C 203 14.72 -21.64 -21.67
N TRP C 204 13.48 -21.90 -22.08
CA TRP C 204 13.01 -23.24 -22.31
C TRP C 204 12.63 -23.40 -23.79
N PRO C 205 12.58 -24.63 -24.27
CA PRO C 205 12.06 -24.87 -25.61
C PRO C 205 10.50 -24.74 -25.76
N LEU C 206 9.99 -24.61 -26.99
CA LEU C 206 8.55 -24.56 -27.26
C LEU C 206 8.07 -25.77 -28.09
N TYR C 207 6.87 -26.25 -27.81
CA TYR C 207 6.22 -27.23 -28.63
C TYR C 207 4.76 -26.86 -28.82
N LEU C 208 4.31 -26.76 -30.07
CA LEU C 208 2.90 -26.64 -30.38
C LEU C 208 2.41 -28.01 -30.67
N SER C 209 1.17 -28.29 -30.30
CA SER C 209 0.48 -29.52 -30.66
C SER C 209 -0.84 -29.20 -31.37
N THR C 210 -0.99 -29.74 -32.56
CA THR C 210 -2.22 -29.69 -33.35
C THR C 210 -2.48 -31.09 -33.86
N LYS C 211 -3.67 -31.37 -34.37
CA LYS C 211 -3.85 -32.60 -35.07
C LYS C 211 -4.00 -32.21 -36.53
N ASN C 212 -2.90 -31.75 -37.11
CA ASN C 212 -2.97 -31.12 -38.45
C ASN C 212 -3.06 -32.10 -39.60
N THR C 213 -2.72 -33.38 -39.36
CA THR C 213 -2.80 -34.37 -40.40
C THR C 213 -4.29 -34.70 -40.71
N ILE C 214 -5.18 -34.40 -39.77
CA ILE C 214 -6.63 -34.63 -39.88
C ILE C 214 -7.47 -33.36 -40.07
N LEU C 215 -7.05 -32.24 -39.52
CA LEU C 215 -7.66 -30.95 -39.79
C LEU C 215 -6.59 -30.13 -40.54
N LYS C 216 -6.43 -30.45 -41.82
CA LYS C 216 -5.28 -30.03 -42.63
C LYS C 216 -5.34 -28.55 -42.88
N HIS C 217 -6.56 -28.05 -42.95
CA HIS C 217 -6.80 -26.63 -43.14
C HIS C 217 -6.85 -25.91 -41.78
N TYR C 218 -7.63 -26.45 -40.84
CA TYR C 218 -7.89 -25.80 -39.54
C TYR C 218 -6.70 -25.76 -38.63
N ASP C 219 -6.18 -26.95 -38.37
CA ASP C 219 -5.04 -27.11 -37.51
C ASP C 219 -3.76 -26.83 -38.29
N GLY C 220 -3.77 -27.08 -39.61
CA GLY C 220 -2.68 -26.67 -40.51
C GLY C 220 -2.43 -25.17 -40.56
N ARG C 221 -3.45 -24.38 -40.24
CA ARG C 221 -3.29 -22.95 -40.08
C ARG C 221 -2.39 -22.61 -38.90
N PHE C 222 -2.59 -23.26 -37.77
CA PHE C 222 -1.77 -22.99 -36.59
C PHE C 222 -0.33 -23.33 -36.95
N LYS C 223 -0.09 -24.57 -37.38
CA LYS C 223 1.26 -25.10 -37.61
C LYS C 223 2.13 -24.18 -38.48
N ASP C 224 1.53 -23.75 -39.61
CA ASP C 224 2.09 -22.78 -40.56
C ASP C 224 2.42 -21.48 -39.83
N ILE C 225 1.40 -20.76 -39.34
CA ILE C 225 1.61 -19.47 -38.62
C ILE C 225 2.76 -19.46 -37.58
N PHE C 226 2.91 -20.53 -36.81
CA PHE C 226 4.02 -20.61 -35.87
C PHE C 226 5.33 -20.64 -36.63
N ALA C 227 5.46 -21.56 -37.58
CA ALA C 227 6.74 -21.79 -38.23
C ALA C 227 7.14 -20.59 -39.09
N GLU C 228 6.16 -19.85 -39.59
CA GLU C 228 6.37 -18.48 -40.06
C GLU C 228 7.08 -17.68 -38.98
N MET C 229 6.37 -17.43 -37.88
CA MET C 229 6.90 -16.65 -36.76
C MET C 229 8.33 -17.02 -36.34
N TYR C 230 8.59 -18.32 -36.24
CA TYR C 230 9.89 -18.81 -35.80
C TYR C 230 10.94 -18.36 -36.83
N LYS C 231 10.83 -18.88 -38.06
CA LYS C 231 11.72 -18.53 -39.20
C LYS C 231 12.22 -17.10 -39.10
N ALA C 232 11.27 -16.17 -39.06
CA ALA C 232 11.59 -14.76 -39.22
C ALA C 232 12.10 -14.02 -37.99
N LEU C 233 11.48 -14.27 -36.83
CA LEU C 233 11.63 -13.43 -35.64
C LEU C 233 12.41 -14.09 -34.50
N TYR C 234 12.16 -15.36 -34.26
CA TYR C 234 12.81 -16.09 -33.16
C TYR C 234 13.39 -17.36 -33.78
N GLU C 235 14.68 -17.55 -33.69
CA GLU C 235 15.36 -18.76 -34.18
C GLU C 235 16.81 -18.42 -34.04
N THR C 236 17.24 -17.37 -34.76
CA THR C 236 18.53 -16.77 -34.49
C THR C 236 18.58 -16.41 -32.99
N LYS C 237 17.45 -15.94 -32.46
CA LYS C 237 17.29 -15.71 -31.01
C LYS C 237 17.35 -17.00 -30.19
N PHE C 238 16.55 -18.00 -30.53
CA PHE C 238 16.47 -19.27 -29.74
C PHE C 238 17.76 -20.14 -29.80
N LYS C 239 18.32 -20.24 -31.01
CA LYS C 239 19.59 -20.95 -31.27
C LYS C 239 20.71 -20.35 -30.49
N THR C 240 20.65 -19.04 -30.25
CA THR C 240 21.62 -18.36 -29.40
C THR C 240 21.70 -19.11 -28.08
N CYS C 241 20.58 -19.37 -27.40
CA CYS C 241 20.64 -19.92 -26.03
C CYS C 241 20.30 -21.42 -25.88
N GLY C 242 20.66 -22.23 -26.87
CA GLY C 242 20.51 -23.67 -26.76
C GLY C 242 19.08 -24.19 -27.00
N ILE C 243 18.08 -23.30 -26.89
CA ILE C 243 16.64 -23.66 -26.97
C ILE C 243 16.14 -23.73 -28.42
N PHE C 244 14.95 -24.28 -28.62
CA PHE C 244 14.39 -24.57 -29.94
C PHE C 244 12.86 -24.51 -29.92
N TYR C 245 12.25 -24.68 -31.10
CA TYR C 245 10.79 -24.87 -31.31
C TYR C 245 10.52 -26.08 -32.26
N GLU C 246 9.47 -26.84 -31.93
CA GLU C 246 9.12 -28.04 -32.68
C GLU C 246 7.61 -28.18 -32.65
N HIS C 247 6.97 -28.44 -33.80
CA HIS C 247 5.55 -28.78 -33.81
C HIS C 247 5.37 -30.26 -33.74
N ARG C 248 4.46 -30.73 -32.91
CA ARG C 248 4.10 -32.15 -32.83
C ARG C 248 2.61 -32.40 -32.85
N LEU C 249 2.25 -33.61 -33.26
CA LEU C 249 0.87 -34.00 -33.27
C LEU C 249 0.52 -34.12 -31.81
N ILE C 250 -0.65 -33.62 -31.46
CA ILE C 250 -1.19 -33.79 -30.10
C ILE C 250 -0.98 -35.20 -29.50
N ASP C 251 -1.30 -36.25 -30.26
CA ASP C 251 -1.08 -37.67 -29.80
C ASP C 251 0.38 -37.96 -29.39
N ASP C 252 1.29 -37.42 -30.21
CA ASP C 252 2.71 -37.51 -29.97
C ASP C 252 2.99 -36.78 -28.67
N MET C 253 2.61 -35.52 -28.63
CA MET C 253 2.95 -34.66 -27.49
C MET C 253 2.59 -35.21 -26.10
N VAL C 254 1.41 -35.82 -25.94
CA VAL C 254 1.00 -36.30 -24.62
C VAL C 254 1.85 -37.49 -24.16
N ALA C 255 2.36 -38.27 -25.12
CA ALA C 255 3.25 -39.37 -24.78
C ALA C 255 4.56 -38.76 -24.31
N HIS C 256 5.17 -38.00 -25.21
CA HIS C 256 6.43 -37.30 -25.02
C HIS C 256 6.43 -36.62 -23.67
N CYS C 257 5.30 -36.02 -23.32
CA CYS C 257 5.12 -35.36 -22.05
C CYS C 257 5.39 -36.28 -20.91
N MET C 258 4.75 -37.46 -20.97
CA MET C 258 4.95 -38.52 -20.00
C MET C 258 6.40 -39.05 -19.93
N ARG C 259 7.06 -39.13 -21.08
CA ARG C 259 8.42 -39.70 -21.26
C ARG C 259 9.56 -38.80 -20.79
N SER C 260 9.38 -37.50 -20.98
CA SER C 260 10.50 -36.60 -20.91
C SER C 260 10.65 -36.13 -19.47
N GLU C 261 11.83 -35.60 -19.17
CA GLU C 261 12.03 -34.96 -17.87
C GLU C 261 11.21 -33.66 -17.70
N GLY C 262 10.79 -33.04 -18.80
CA GLY C 262 10.06 -31.79 -18.70
C GLY C 262 11.06 -30.73 -19.07
N GLY C 263 10.93 -29.56 -18.47
CA GLY C 263 11.77 -28.43 -18.79
C GLY C 263 11.43 -27.81 -20.13
N TYR C 264 10.16 -27.46 -20.34
CA TYR C 264 9.70 -26.77 -21.59
C TYR C 264 8.27 -26.13 -21.53
N VAL C 265 8.03 -25.26 -22.51
CA VAL C 265 6.72 -24.68 -22.73
C VAL C 265 5.98 -25.48 -23.79
N TRP C 266 4.69 -25.66 -23.59
CA TRP C 266 3.82 -26.46 -24.44
C TRP C 266 2.53 -25.68 -24.82
N ALA C 267 2.54 -25.14 -26.04
CA ALA C 267 1.37 -24.49 -26.59
C ALA C 267 0.22 -25.57 -26.92
N CYS C 268 -0.89 -25.42 -26.23
CA CYS C 268 -2.06 -26.23 -26.48
C CYS C 268 -3.10 -25.34 -27.11
N LYS C 269 -3.93 -25.93 -27.96
CA LYS C 269 -5.09 -25.27 -28.51
C LYS C 269 -6.11 -25.27 -27.42
N ASN C 270 -7.10 -24.38 -27.58
CA ASN C 270 -8.10 -24.11 -26.56
C ASN C 270 -8.50 -25.37 -25.81
N TYR C 271 -9.05 -26.32 -26.57
CA TYR C 271 -9.59 -27.55 -26.01
C TYR C 271 -8.50 -28.44 -25.39
N ASP C 272 -7.34 -28.54 -26.02
CA ASP C 272 -6.32 -29.47 -25.53
C ASP C 272 -5.65 -28.95 -24.29
N GLY C 273 -5.72 -27.65 -24.07
CA GLY C 273 -5.27 -27.10 -22.82
C GLY C 273 -6.26 -27.37 -21.71
N ASP C 274 -7.56 -27.18 -21.96
CA ASP C 274 -8.58 -27.48 -20.96
C ASP C 274 -8.36 -28.91 -20.38
N VAL C 275 -8.23 -29.89 -21.28
CA VAL C 275 -8.02 -31.31 -20.91
C VAL C 275 -6.66 -31.54 -20.24
N GLN C 276 -5.58 -31.15 -20.91
CA GLN C 276 -4.24 -31.52 -20.47
C GLN C 276 -3.72 -30.84 -19.19
N SER C 277 -4.23 -29.66 -18.89
CA SER C 277 -3.81 -28.91 -17.72
C SER C 277 -4.16 -29.60 -16.41
N ASP C 278 -5.44 -29.94 -16.30
CA ASP C 278 -5.98 -30.70 -15.17
C ASP C 278 -5.24 -32.02 -15.03
N SER C 279 -4.82 -32.62 -16.16
CA SER C 279 -3.97 -33.80 -16.15
C SER C 279 -2.53 -33.61 -15.59
N LEU C 280 -1.89 -32.48 -15.88
CA LEU C 280 -0.58 -32.18 -15.29
C LEU C 280 -0.75 -31.99 -13.82
N ALA C 281 -1.68 -31.07 -13.51
CA ALA C 281 -1.95 -30.58 -12.17
C ALA C 281 -1.91 -31.73 -11.17
N GLN C 282 -2.72 -32.74 -11.48
CA GLN C 282 -2.81 -33.95 -10.68
C GLN C 282 -1.46 -34.66 -10.58
N GLY C 283 -0.87 -34.96 -11.72
CA GLY C 283 0.40 -35.67 -11.80
C GLY C 283 1.58 -34.99 -11.11
N PHE C 284 1.52 -33.66 -11.02
CA PHE C 284 2.57 -32.85 -10.38
C PHE C 284 2.48 -32.83 -8.86
N GLY C 285 1.27 -33.00 -8.31
CA GLY C 285 1.03 -32.96 -6.86
C GLY C 285 0.26 -31.71 -6.48
N SER C 286 0.64 -31.06 -5.37
CA SER C 286 -0.23 -30.06 -4.76
C SER C 286 -0.54 -28.87 -5.65
N LEU C 287 -1.79 -28.41 -5.61
CA LEU C 287 -2.21 -27.12 -6.21
C LEU C 287 -1.55 -25.89 -5.56
N GLY C 288 -1.10 -26.05 -4.31
CA GLY C 288 -0.29 -25.06 -3.62
C GLY C 288 1.09 -24.74 -4.25
N MET C 289 1.52 -25.50 -5.28
CA MET C 289 2.82 -25.31 -5.93
C MET C 289 2.74 -24.84 -7.37
N MET C 290 1.72 -24.05 -7.74
CA MET C 290 1.65 -23.56 -9.10
C MET C 290 1.17 -22.13 -9.26
N THR C 291 1.91 -21.37 -10.07
CA THR C 291 1.51 -20.03 -10.50
C THR C 291 0.94 -19.98 -11.93
N SER C 292 0.14 -18.95 -12.19
CA SER C 292 -0.33 -18.62 -13.53
C SER C 292 0.07 -17.20 -13.85
N ILE C 293 0.99 -17.09 -14.76
CA ILE C 293 1.49 -15.81 -15.27
C ILE C 293 0.93 -15.61 -16.68
N LEU C 294 0.07 -14.59 -16.86
CA LEU C 294 -0.50 -14.19 -18.15
C LEU C 294 0.39 -13.20 -18.85
N MET C 295 1.04 -13.60 -19.95
CA MET C 295 1.97 -12.75 -20.69
C MET C 295 1.30 -12.18 -21.92
N THR C 296 1.67 -10.97 -22.30
CA THR C 296 1.06 -10.32 -23.45
C THR C 296 1.78 -10.79 -24.69
N PRO C 297 1.12 -10.66 -25.86
CA PRO C 297 1.77 -10.72 -27.16
C PRO C 297 3.20 -10.09 -27.24
N ASP C 298 3.38 -8.79 -27.02
CA ASP C 298 4.73 -8.17 -27.09
C ASP C 298 5.76 -8.78 -26.13
N GLY C 299 5.29 -9.35 -25.02
CA GLY C 299 6.17 -10.01 -24.03
C GLY C 299 6.54 -9.16 -22.82
N LYS C 300 5.79 -8.07 -22.59
CA LYS C 300 6.21 -7.00 -21.68
C LYS C 300 5.18 -6.58 -20.62
N THR C 301 3.89 -6.72 -20.90
CA THR C 301 2.89 -6.65 -19.84
C THR C 301 2.72 -8.09 -19.36
N VAL C 302 2.50 -8.24 -18.06
CA VAL C 302 2.41 -9.52 -17.40
C VAL C 302 1.62 -9.36 -16.13
N GLU C 303 0.95 -10.41 -15.75
CA GLU C 303 0.05 -10.38 -14.63
C GLU C 303 0.16 -11.75 -14.02
N VAL C 304 0.52 -11.83 -12.76
CA VAL C 304 0.90 -13.12 -12.20
C VAL C 304 0.11 -13.35 -10.90
N GLU C 305 -0.15 -14.62 -10.64
CA GLU C 305 -0.99 -15.10 -9.56
C GLU C 305 -0.81 -16.62 -9.35
N ALA C 306 -1.21 -17.10 -8.17
CA ALA C 306 -1.19 -18.53 -7.88
C ALA C 306 -2.23 -19.20 -8.72
N ALA C 307 -2.06 -20.51 -8.93
CA ALA C 307 -2.99 -21.28 -9.79
C ALA C 307 -3.99 -22.06 -8.94
N HIS C 308 -4.71 -21.33 -8.10
CA HIS C 308 -5.69 -21.94 -7.23
C HIS C 308 -6.61 -20.88 -6.71
N GLY C 309 -7.50 -21.26 -5.83
CA GLY C 309 -8.57 -20.40 -5.41
C GLY C 309 -8.28 -19.78 -4.08
N THR C 310 -9.34 -19.25 -3.49
CA THR C 310 -9.27 -18.58 -2.21
C THR C 310 -9.15 -19.57 -1.06
N VAL C 311 -9.24 -20.86 -1.35
CA VAL C 311 -9.08 -21.91 -0.36
C VAL C 311 -10.09 -21.76 0.83
N THR C 312 -11.31 -21.37 0.48
CA THR C 312 -12.40 -21.22 1.42
C THR C 312 -12.34 -22.19 2.60
N ARG C 313 -12.25 -23.48 2.33
CA ARG C 313 -12.37 -24.47 3.40
C ARG C 313 -11.52 -24.10 4.61
N HIS C 314 -10.28 -23.74 4.36
CA HIS C 314 -9.37 -23.40 5.44
C HIS C 314 -9.73 -22.06 6.09
N TYR C 315 -10.17 -21.08 5.29
CA TYR C 315 -10.60 -19.75 5.81
C TYR C 315 -11.66 -19.91 6.84
N ARG C 316 -12.55 -20.87 6.60
CA ARG C 316 -13.65 -21.14 7.52
C ARG C 316 -13.10 -21.43 8.94
N ASP C 317 -12.27 -22.47 9.04
CA ASP C 317 -11.50 -22.77 10.27
C ASP C 317 -10.68 -21.56 10.83
N TYR C 318 -10.09 -20.77 9.94
CA TYR C 318 -9.37 -19.56 10.33
C TYR C 318 -10.25 -18.62 11.13
N GLN C 319 -11.49 -18.41 10.66
CA GLN C 319 -12.53 -17.60 11.33
C GLN C 319 -12.89 -18.15 12.71
N LYS C 320 -13.04 -19.48 12.78
CA LYS C 320 -13.35 -20.16 14.04
C LYS C 320 -12.17 -20.14 14.99
N GLY C 321 -10.99 -19.81 14.49
CA GLY C 321 -9.79 -19.66 15.30
C GLY C 321 -8.92 -20.90 15.35
N LYS C 322 -9.03 -21.76 14.36
CA LYS C 322 -8.30 -23.01 14.39
C LYS C 322 -6.98 -22.81 13.64
N GLU C 323 -5.94 -23.54 14.07
CA GLU C 323 -4.69 -23.68 13.31
C GLU C 323 -4.99 -24.13 11.87
N THR C 324 -4.13 -23.72 10.95
CA THR C 324 -4.37 -23.81 9.54
C THR C 324 -3.06 -24.09 8.85
N SER C 325 -3.04 -24.99 7.87
CA SER C 325 -1.82 -25.20 7.10
C SER C 325 -1.98 -25.03 5.62
N THR C 326 -2.40 -23.85 5.21
CA THR C 326 -2.46 -23.49 3.80
C THR C 326 -1.05 -23.17 3.26
N ASN C 327 -0.69 -23.80 2.15
CA ASN C 327 0.64 -23.69 1.54
C ASN C 327 0.78 -22.32 0.86
N PRO C 328 1.68 -21.47 1.33
CA PRO C 328 1.82 -20.17 0.65
C PRO C 328 2.67 -20.11 -0.62
N VAL C 329 3.30 -21.19 -1.10
CA VAL C 329 4.40 -20.93 -2.04
C VAL C 329 3.93 -20.28 -3.34
N ALA C 330 2.85 -20.79 -3.90
CA ALA C 330 2.33 -20.25 -5.16
C ALA C 330 2.10 -18.75 -5.04
N SER C 331 1.41 -18.37 -3.94
CA SER C 331 1.20 -16.96 -3.58
C SER C 331 2.50 -16.14 -3.38
N ILE C 332 3.57 -16.74 -2.89
CA ILE C 332 4.86 -16.01 -2.79
C ILE C 332 5.58 -15.89 -4.15
N PHE C 333 5.75 -17.07 -4.77
CA PHE C 333 6.26 -17.18 -6.13
C PHE C 333 5.48 -16.27 -7.05
N ALA C 334 4.24 -15.94 -6.72
CA ALA C 334 3.58 -14.94 -7.51
C ALA C 334 4.43 -13.69 -7.41
N TRP C 335 4.66 -13.24 -6.18
CA TRP C 335 5.39 -11.98 -5.97
C TRP C 335 6.77 -11.95 -6.61
N THR C 336 7.51 -13.05 -6.52
CA THR C 336 8.85 -13.13 -7.12
C THR C 336 8.86 -13.11 -8.64
N ARG C 337 8.02 -13.92 -9.24
CA ARG C 337 7.84 -13.83 -10.67
C ARG C 337 7.39 -12.45 -11.12
N ALA C 338 6.53 -11.78 -10.34
CA ALA C 338 6.02 -10.46 -10.75
C ALA C 338 7.14 -9.45 -10.64
N LEU C 339 7.78 -9.46 -9.49
CA LEU C 339 8.95 -8.62 -9.26
C LEU C 339 10.13 -8.93 -10.21
N ALA C 340 10.38 -10.22 -10.51
CA ALA C 340 11.50 -10.60 -11.41
C ALA C 340 11.29 -9.96 -12.79
N HIS C 341 10.05 -10.02 -13.26
CA HIS C 341 9.66 -9.34 -14.47
C HIS C 341 9.65 -7.81 -14.33
N ARG C 342 9.19 -7.29 -13.19
CA ARG C 342 9.33 -5.84 -12.92
C ARG C 342 10.81 -5.36 -12.99
N ALA C 343 11.77 -6.25 -12.65
CA ALA C 343 13.18 -5.91 -12.52
C ALA C 343 14.01 -6.13 -13.78
N ARG C 344 13.74 -7.20 -14.51
CA ARG C 344 14.33 -7.38 -15.84
C ARG C 344 13.99 -6.18 -16.75
N VAL C 345 12.73 -5.72 -16.67
CA VAL C 345 12.24 -4.59 -17.48
C VAL C 345 12.87 -3.27 -17.06
N ASP C 346 12.88 -3.00 -15.76
CA ASP C 346 13.58 -1.84 -15.19
C ASP C 346 15.11 -1.93 -15.13
N ASN C 347 15.72 -3.04 -15.56
CA ASN C 347 17.16 -3.25 -15.36
C ASN C 347 17.62 -2.89 -13.94
N ASN C 348 17.41 -3.83 -13.03
CA ASN C 348 17.55 -3.60 -11.63
C ASN C 348 18.17 -4.87 -11.08
N ASN C 349 19.49 -4.93 -11.27
CA ASN C 349 20.34 -6.05 -10.90
C ASN C 349 20.06 -6.55 -9.48
N THR C 350 19.91 -5.66 -8.49
CA THR C 350 19.63 -6.06 -7.09
C THR C 350 18.22 -6.64 -6.84
N LEU C 351 17.21 -6.13 -7.53
CA LEU C 351 15.83 -6.60 -7.33
C LEU C 351 15.67 -7.94 -7.96
N LEU C 352 16.19 -8.12 -9.17
CA LEU C 352 16.27 -9.46 -9.74
C LEU C 352 17.03 -10.38 -8.80
N GLU C 353 18.16 -9.92 -8.26
CA GLU C 353 19.00 -10.74 -7.37
C GLU C 353 18.16 -11.30 -6.22
N PHE C 354 17.33 -10.44 -5.62
CA PHE C 354 16.39 -10.83 -4.53
C PHE C 354 15.46 -12.01 -4.88
N THR C 355 14.59 -11.80 -5.86
CA THR C 355 13.63 -12.82 -6.25
C THR C 355 14.37 -14.16 -6.37
N GLN C 356 15.45 -14.13 -7.14
CA GLN C 356 16.39 -15.24 -7.25
C GLN C 356 16.61 -16.00 -5.92
N ARG C 357 17.03 -15.32 -4.84
CA ARG C 357 17.29 -16.01 -3.54
C ARG C 357 16.00 -16.51 -2.94
N LEU C 358 15.09 -15.58 -2.67
CA LEU C 358 13.79 -15.97 -2.12
C LEU C 358 13.15 -17.20 -2.79
N GLU C 359 13.34 -17.40 -4.10
CA GLU C 359 12.98 -18.72 -4.70
C GLU C 359 13.91 -19.85 -4.26
N ASP C 360 15.23 -19.70 -4.34
CA ASP C 360 16.09 -20.82 -3.90
C ASP C 360 15.86 -21.16 -2.41
N VAL C 361 15.53 -20.15 -1.62
CA VAL C 361 15.39 -20.28 -0.17
C VAL C 361 14.13 -21.04 0.21
N ILE C 362 13.01 -20.66 -0.41
CA ILE C 362 11.69 -21.30 -0.23
C ILE C 362 11.76 -22.78 -0.50
N ILE C 363 12.34 -23.10 -1.65
CA ILE C 363 12.53 -24.46 -2.06
C ILE C 363 13.39 -25.22 -1.03
N ALA C 364 14.53 -24.63 -0.68
CA ALA C 364 15.49 -25.18 0.27
C ALA C 364 14.90 -25.44 1.61
N THR C 365 14.06 -24.51 2.04
CA THR C 365 13.27 -24.66 3.27
C THR C 365 12.50 -25.99 3.26
N ILE C 366 11.85 -26.26 2.13
CA ILE C 366 11.11 -27.49 1.92
C ILE C 366 11.98 -28.71 1.82
N GLU C 367 13.05 -28.59 1.08
CA GLU C 367 13.98 -29.68 0.92
C GLU C 367 14.67 -30.09 2.26
N ALA C 368 14.70 -29.19 3.23
CA ALA C 368 15.16 -29.54 4.56
C ALA C 368 14.05 -30.13 5.46
N GLY C 369 12.83 -30.26 4.94
CA GLY C 369 11.73 -30.77 5.73
C GLY C 369 10.92 -29.74 6.48
N ALA C 370 11.10 -28.45 6.20
CA ALA C 370 10.12 -27.47 6.66
C ALA C 370 8.96 -27.34 5.64
N MET C 371 7.73 -27.70 6.00
CA MET C 371 6.71 -27.73 4.98
C MET C 371 5.31 -27.73 5.55
N THR C 372 4.33 -27.34 4.72
CA THR C 372 2.94 -27.28 5.13
C THR C 372 2.23 -28.62 4.89
N GLU C 373 1.15 -28.83 5.62
CA GLU C 373 0.47 -30.14 5.76
C GLU C 373 0.33 -30.95 4.47
N ASP C 374 -0.11 -30.29 3.39
CA ASP C 374 -0.29 -30.94 2.05
C ASP C 374 0.96 -31.67 1.49
N LEU C 375 2.09 -31.00 1.51
CA LEU C 375 3.29 -31.56 0.92
C LEU C 375 3.80 -32.66 1.79
N ALA C 376 3.47 -32.55 3.06
CA ALA C 376 3.74 -33.62 4.00
C ALA C 376 2.90 -34.83 3.70
N ILE C 377 1.66 -34.62 3.26
CA ILE C 377 0.76 -35.69 2.84
C ILE C 377 1.25 -36.37 1.53
N CYS C 378 1.79 -35.59 0.59
CA CYS C 378 2.38 -36.20 -0.63
C CYS C 378 3.44 -37.26 -0.31
N ILE C 379 4.19 -37.05 0.75
CA ILE C 379 5.36 -37.83 1.01
C ILE C 379 4.99 -39.01 1.88
N LYS C 380 4.15 -38.80 2.90
CA LYS C 380 3.90 -39.83 3.95
C LYS C 380 2.51 -40.51 3.86
N GLY C 381 1.46 -39.78 3.45
CA GLY C 381 0.08 -40.31 3.28
C GLY C 381 -0.85 -39.90 4.43
N GLU C 382 -2.04 -39.37 4.11
CA GLU C 382 -2.94 -38.77 5.13
C GLU C 382 -2.76 -39.35 6.50
N LYS C 383 -2.78 -40.67 6.53
CA LYS C 383 -2.96 -41.42 7.74
C LYS C 383 -1.65 -42.13 8.14
N ASN C 384 -0.77 -41.37 8.77
CA ASN C 384 0.70 -41.59 8.81
C ASN C 384 1.32 -40.26 9.27
N VAL C 385 0.83 -39.15 8.69
CA VAL C 385 1.15 -37.75 9.04
C VAL C 385 0.83 -37.41 10.51
N VAL C 386 1.83 -36.85 11.22
CA VAL C 386 1.72 -36.34 12.60
C VAL C 386 1.98 -34.82 12.63
N ARG C 387 2.06 -34.23 13.83
CA ARG C 387 2.12 -32.76 14.02
C ARG C 387 3.43 -32.15 13.58
N ALA C 388 4.52 -32.71 14.09
CA ALA C 388 5.84 -32.20 13.77
C ALA C 388 6.32 -32.86 12.51
N ASP C 389 5.41 -33.04 11.54
CA ASP C 389 5.75 -33.28 10.15
C ASP C 389 5.48 -32.08 9.27
N TYR C 390 4.79 -31.09 9.80
CA TYR C 390 4.44 -29.91 9.03
C TYR C 390 4.40 -28.66 9.94
N LEU C 391 4.52 -27.49 9.32
CA LEU C 391 4.34 -26.21 9.98
C LEU C 391 2.98 -25.65 9.59
N ASN C 392 2.29 -24.96 10.50
CA ASN C 392 1.16 -24.14 10.11
C ASN C 392 1.70 -22.95 9.34
N THR C 393 0.86 -22.34 8.53
CA THR C 393 1.30 -21.41 7.49
C THR C 393 2.22 -20.30 7.96
N ASP C 394 1.90 -19.72 9.11
CA ASP C 394 2.71 -18.64 9.76
C ASP C 394 4.06 -19.13 10.10
N GLU C 395 4.10 -20.28 10.76
CA GLU C 395 5.36 -20.83 11.20
C GLU C 395 6.20 -21.40 10.06
N PHE C 396 5.61 -21.60 8.88
CA PHE C 396 6.36 -21.89 7.67
C PHE C 396 6.92 -20.65 7.04
N ILE C 397 6.15 -19.59 7.00
CA ILE C 397 6.65 -18.32 6.48
C ILE C 397 7.75 -17.82 7.43
N ASP C 398 7.54 -17.93 8.73
CA ASP C 398 8.62 -17.71 9.70
C ASP C 398 9.87 -18.45 9.25
N ALA C 399 9.69 -19.73 8.91
CA ALA C 399 10.79 -20.58 8.57
C ALA C 399 11.49 -20.11 7.32
N VAL C 400 10.77 -19.58 6.33
CA VAL C 400 11.46 -19.12 5.11
C VAL C 400 12.04 -17.74 5.35
N SER C 401 11.39 -16.91 6.14
CA SER C 401 11.97 -15.61 6.51
C SER C 401 13.36 -15.80 7.09
N GLN C 402 13.52 -16.83 7.92
CA GLN C 402 14.72 -17.02 8.72
C GLN C 402 15.84 -17.47 7.86
N ARG C 403 15.60 -18.45 7.02
CA ARG C 403 16.60 -18.86 6.05
C ARG C 403 16.87 -17.73 5.03
N LEU C 404 15.87 -16.92 4.75
CA LEU C 404 16.03 -15.77 3.84
C LEU C 404 16.99 -14.68 4.39
N LYS C 405 16.98 -14.40 5.70
CA LYS C 405 17.97 -13.47 6.30
C LYS C 405 19.41 -13.99 6.15
N VAL C 406 19.63 -15.30 6.39
CA VAL C 406 20.96 -15.93 6.26
C VAL C 406 21.43 -16.01 4.80
N ALA C 407 20.53 -16.03 3.86
CA ALA C 407 20.95 -15.98 2.47
C ALA C 407 21.31 -14.56 2.10
N MET C 408 20.57 -13.59 2.65
CA MET C 408 20.78 -12.18 2.28
C MET C 408 22.05 -11.59 2.89
N GLN C 409 22.65 -12.29 3.86
CA GLN C 409 23.93 -11.88 4.49
C GLN C 409 25.12 -12.29 3.61
N LYS C 410 25.25 -13.60 3.37
CA LYS C 410 26.29 -14.12 2.47
C LYS C 410 26.25 -13.31 1.18
N SER C 411 27.43 -13.03 0.62
CA SER C 411 27.62 -12.01 -0.44
C SER C 411 27.22 -10.58 0.04
N LYS C 412 27.80 -10.20 1.19
CA LYS C 412 27.82 -8.82 1.74
C LYS C 412 28.64 -7.79 0.92
N VAL C 413 28.53 -6.50 1.29
CA VAL C 413 29.35 -5.37 0.75
C VAL C 413 29.85 -5.48 -0.72
N SER D 1 4.65 -80.31 -35.99
CA SER D 1 6.05 -80.04 -36.45
C SER D 1 6.06 -79.24 -37.74
N ASN D 2 5.35 -79.78 -38.74
CA ASN D 2 5.07 -79.12 -40.02
C ASN D 2 4.11 -77.90 -39.85
N LYS D 3 3.46 -77.47 -40.93
CA LYS D 3 2.75 -76.19 -40.94
C LYS D 3 1.26 -76.35 -40.57
N ILE D 4 0.64 -75.24 -40.17
CA ILE D 4 -0.79 -75.16 -39.82
C ILE D 4 -1.44 -74.12 -40.75
N SER D 5 -2.76 -74.18 -40.94
CA SER D 5 -3.48 -73.16 -41.72
C SER D 5 -4.91 -72.93 -41.20
N ALA D 6 -5.64 -72.02 -41.86
CA ALA D 6 -7.12 -71.85 -41.71
C ALA D 6 -7.76 -71.41 -43.03
N THR D 7 -9.07 -71.61 -43.16
CA THR D 7 -9.81 -71.46 -44.45
C THR D 7 -10.64 -70.18 -44.57
N GLY D 8 -10.34 -69.16 -43.76
CA GLY D 8 -10.89 -67.84 -43.95
C GLY D 8 -9.79 -66.93 -44.45
N VAL D 9 -10.17 -65.89 -45.17
CA VAL D 9 -9.18 -65.02 -45.80
C VAL D 9 -8.91 -63.86 -44.85
N LEU D 10 -7.62 -63.53 -44.74
CA LEU D 10 -7.10 -62.52 -43.84
C LEU D 10 -6.61 -61.33 -44.70
N VAL D 11 -7.28 -60.20 -44.57
CA VAL D 11 -6.94 -59.04 -45.38
C VAL D 11 -5.73 -58.35 -44.73
N GLU D 12 -4.71 -58.03 -45.52
CA GLU D 12 -3.50 -57.36 -45.06
C GLU D 12 -3.33 -55.98 -45.70
N LEU D 13 -3.35 -54.94 -44.90
CA LEU D 13 -3.02 -53.57 -45.33
C LEU D 13 -1.58 -53.17 -44.90
N ASP D 14 -0.77 -52.69 -45.84
CA ASP D 14 0.69 -52.64 -45.62
C ASP D 14 1.29 -51.32 -45.10
N GLY D 15 0.69 -50.17 -45.41
CA GLY D 15 1.28 -48.90 -44.93
C GLY D 15 2.76 -48.64 -45.26
N ASP D 16 3.38 -47.67 -44.59
CA ASP D 16 4.73 -47.19 -44.97
C ASP D 16 5.57 -46.61 -43.82
N GLU D 17 6.86 -46.38 -44.11
CA GLU D 17 7.88 -45.87 -43.16
C GLU D 17 8.47 -47.00 -42.26
N MET D 18 8.80 -46.75 -41.00
CA MET D 18 9.52 -47.77 -40.19
C MET D 18 8.65 -48.91 -39.74
N THR D 19 7.32 -48.75 -39.73
CA THR D 19 6.43 -49.89 -39.48
C THR D 19 6.30 -50.80 -40.72
N ARG D 20 6.61 -50.28 -41.90
CA ARG D 20 6.73 -51.13 -43.09
C ARG D 20 7.87 -52.13 -42.88
N VAL D 21 9.06 -51.60 -42.65
CA VAL D 21 10.25 -52.43 -42.43
C VAL D 21 9.95 -53.55 -41.45
N ILE D 22 9.38 -53.20 -40.29
CA ILE D 22 9.09 -54.12 -39.17
C ILE D 22 8.10 -55.22 -39.60
N TRP D 23 7.05 -54.84 -40.35
CA TRP D 23 5.97 -55.74 -40.90
C TRP D 23 6.48 -56.95 -41.78
N LYS D 24 7.42 -56.71 -42.72
CA LYS D 24 8.12 -57.79 -43.46
C LYS D 24 8.74 -58.78 -42.48
N LYS D 25 9.55 -58.26 -41.55
CA LYS D 25 10.23 -59.07 -40.56
C LYS D 25 9.26 -59.94 -39.78
N ILE D 26 8.21 -59.33 -39.22
CA ILE D 26 7.31 -60.10 -38.33
C ILE D 26 6.65 -61.22 -39.18
N LYS D 27 6.20 -60.85 -40.39
CA LYS D 27 5.64 -61.81 -41.33
C LYS D 27 6.66 -62.89 -41.65
N GLU D 28 7.78 -62.49 -42.25
CA GLU D 28 8.86 -63.41 -42.66
C GLU D 28 9.39 -64.31 -41.51
N THR D 29 9.51 -63.79 -40.29
CA THR D 29 10.11 -64.56 -39.18
C THR D 29 9.06 -65.16 -38.25
N LEU D 30 8.19 -64.33 -37.67
CA LEU D 30 7.28 -64.83 -36.64
C LEU D 30 6.04 -65.65 -37.10
N ILE D 31 5.34 -65.17 -38.13
CA ILE D 31 4.06 -65.77 -38.45
C ILE D 31 4.12 -66.71 -39.67
N PHE D 32 4.80 -66.33 -40.75
CA PHE D 32 4.81 -67.17 -42.01
C PHE D 32 5.50 -68.56 -41.96
N PRO D 33 6.68 -68.67 -41.32
CA PRO D 33 7.27 -69.99 -41.15
C PRO D 33 6.32 -71.10 -40.67
N PHE D 34 5.38 -70.79 -39.76
CA PHE D 34 4.57 -71.79 -39.04
C PHE D 34 3.13 -71.93 -39.52
N VAL D 35 2.61 -70.92 -40.23
CA VAL D 35 1.18 -70.76 -40.55
C VAL D 35 1.01 -70.33 -42.01
N ASN D 36 0.22 -71.09 -42.79
CA ASN D 36 -0.17 -70.61 -44.11
C ASN D 36 -1.65 -70.33 -44.13
N VAL D 37 -2.01 -69.10 -43.75
CA VAL D 37 -3.39 -68.64 -43.87
C VAL D 37 -3.51 -67.82 -45.12
N PRO D 38 -4.69 -67.83 -45.76
CA PRO D 38 -4.87 -67.01 -46.95
C PRO D 38 -4.84 -65.53 -46.64
N ILE D 39 -3.93 -64.78 -47.28
CA ILE D 39 -3.98 -63.30 -47.23
C ILE D 39 -4.65 -62.74 -48.48
N GLU D 40 -5.03 -61.47 -48.36
CA GLU D 40 -5.54 -60.64 -49.44
C GLU D 40 -4.84 -59.27 -49.29
N TYR D 41 -3.54 -59.28 -49.58
CA TYR D 41 -2.67 -58.10 -49.52
C TYR D 41 -3.19 -56.88 -50.29
N TYR D 42 -3.64 -55.84 -49.58
CA TYR D 42 -3.83 -54.49 -50.15
C TYR D 42 -2.68 -53.61 -49.62
N ASP D 43 -1.95 -52.94 -50.51
CA ASP D 43 -0.79 -52.10 -50.13
C ASP D 43 -1.19 -50.61 -49.96
N LEU D 44 -0.98 -50.12 -48.72
CA LEU D 44 -1.42 -48.79 -48.33
C LEU D 44 -0.29 -47.79 -48.18
N SER D 45 0.86 -48.08 -48.80
CA SER D 45 1.96 -47.11 -48.93
C SER D 45 1.43 -45.77 -49.42
N MET D 46 2.17 -44.70 -49.22
CA MET D 46 1.75 -43.38 -49.72
C MET D 46 1.82 -43.36 -51.24
N GLU D 47 2.91 -43.99 -51.74
CA GLU D 47 3.18 -44.19 -53.16
C GLU D 47 1.93 -44.78 -53.83
N ASN D 48 1.37 -45.86 -53.26
CA ASN D 48 0.22 -46.58 -53.87
C ASN D 48 -1.24 -46.12 -53.55
N ARG D 49 -1.40 -45.27 -52.54
CA ARG D 49 -2.61 -44.46 -52.41
C ARG D 49 -2.64 -43.25 -53.37
N ASP D 50 -1.50 -42.57 -53.55
CA ASP D 50 -1.41 -41.49 -54.56
C ASP D 50 -1.55 -42.02 -55.99
N LYS D 51 -1.05 -43.25 -56.21
CA LYS D 51 -1.18 -43.91 -57.50
C LYS D 51 -2.65 -44.20 -57.80
N THR D 52 -3.30 -44.99 -56.95
CA THR D 52 -4.68 -45.43 -57.15
C THR D 52 -5.71 -44.50 -56.47
N GLU D 53 -5.29 -43.28 -56.15
CA GLU D 53 -6.17 -42.18 -55.67
C GLU D 53 -7.09 -42.55 -54.51
N ASP D 54 -6.49 -43.16 -53.48
CA ASP D 54 -7.21 -43.63 -52.29
C ASP D 54 -8.37 -44.54 -52.74
N ARG D 55 -8.06 -45.50 -53.63
CA ARG D 55 -8.97 -46.60 -53.92
C ARG D 55 -8.50 -47.92 -53.36
N VAL D 56 -7.19 -48.17 -53.25
CA VAL D 56 -6.72 -49.31 -52.42
C VAL D 56 -7.35 -49.29 -51.04
N THR D 57 -7.32 -48.11 -50.43
CA THR D 57 -7.86 -47.88 -49.07
C THR D 57 -9.31 -48.39 -48.90
N VAL D 58 -10.15 -48.01 -49.85
CA VAL D 58 -11.56 -48.36 -49.78
C VAL D 58 -11.77 -49.76 -50.35
N GLU D 59 -10.97 -50.20 -51.34
CA GLU D 59 -10.98 -51.62 -51.73
C GLU D 59 -10.77 -52.55 -50.53
N ALA D 60 -9.72 -52.26 -49.75
CA ALA D 60 -9.31 -53.09 -48.58
C ALA D 60 -10.34 -53.09 -47.45
N ALA D 61 -11.03 -51.96 -47.23
CA ALA D 61 -11.98 -51.83 -46.14
C ALA D 61 -13.23 -52.62 -46.44
N TYR D 62 -13.66 -52.55 -47.69
CA TYR D 62 -14.75 -53.41 -48.17
C TYR D 62 -14.32 -54.90 -48.31
N ALA D 63 -13.01 -55.16 -48.44
CA ALA D 63 -12.42 -56.51 -48.37
C ALA D 63 -12.47 -57.13 -46.99
N ILE D 64 -12.12 -56.34 -46.00
CA ILE D 64 -12.20 -56.74 -44.58
C ILE D 64 -13.65 -57.05 -44.30
N LYS D 65 -14.50 -56.09 -44.63
CA LYS D 65 -15.93 -56.17 -44.37
C LYS D 65 -16.57 -57.35 -45.07
N LYS D 66 -16.00 -57.85 -46.16
CA LYS D 66 -16.41 -59.14 -46.78
C LYS D 66 -15.83 -60.36 -46.07
N HIS D 67 -14.54 -60.29 -45.70
CA HIS D 67 -13.79 -61.44 -45.13
C HIS D 67 -13.83 -61.61 -43.62
N GLY D 68 -14.14 -60.52 -42.90
CA GLY D 68 -14.22 -60.50 -41.43
C GLY D 68 -12.96 -60.13 -40.62
N VAL D 69 -11.77 -60.13 -41.24
CA VAL D 69 -10.52 -59.80 -40.55
C VAL D 69 -9.57 -59.00 -41.43
N GLY D 70 -8.76 -58.15 -40.80
CA GLY D 70 -7.77 -57.35 -41.49
C GLY D 70 -6.71 -56.77 -40.56
N VAL D 71 -5.48 -57.30 -40.63
CA VAL D 71 -4.34 -56.78 -39.90
C VAL D 71 -3.87 -55.56 -40.69
N LYS D 72 -3.74 -54.39 -40.05
CA LYS D 72 -3.20 -53.19 -40.70
C LYS D 72 -1.90 -52.68 -40.08
N CYS D 73 -0.96 -52.35 -40.97
CA CYS D 73 0.27 -51.57 -40.68
C CYS D 73 0.05 -50.05 -40.81
N ALA D 74 0.96 -49.27 -40.25
CA ALA D 74 0.74 -47.85 -40.06
C ALA D 74 0.92 -47.00 -41.34
N THR D 75 0.00 -46.06 -41.55
CA THR D 75 -0.05 -45.25 -42.75
C THR D 75 0.28 -43.78 -42.47
N ILE D 76 1.04 -43.16 -43.37
CA ILE D 76 1.18 -41.70 -43.39
C ILE D 76 -0.18 -41.07 -43.74
N THR D 77 -0.60 -40.14 -42.90
CA THR D 77 -1.78 -39.36 -43.14
C THR D 77 -1.25 -37.98 -43.54
N PRO D 78 -1.36 -37.62 -44.82
CA PRO D 78 -0.54 -36.52 -45.35
C PRO D 78 -1.01 -35.07 -45.08
N ASP D 79 -0.05 -34.23 -44.71
CA ASP D 79 -0.20 -32.76 -44.57
C ASP D 79 0.56 -32.11 -45.76
N GLU D 80 0.93 -30.83 -45.69
CA GLU D 80 1.43 -30.09 -46.86
C GLU D 80 2.90 -30.46 -47.08
N ALA D 81 3.64 -30.55 -45.96
CA ALA D 81 5.06 -31.03 -45.91
C ALA D 81 5.29 -32.43 -46.55
N ARG D 82 4.24 -33.24 -46.53
CA ARG D 82 4.15 -34.54 -47.21
C ARG D 82 3.74 -34.41 -48.71
N VAL D 83 2.84 -33.48 -49.06
CA VAL D 83 2.54 -33.14 -50.46
C VAL D 83 3.82 -32.70 -51.14
N LYS D 84 4.59 -31.89 -50.41
CA LYS D 84 5.93 -31.47 -50.82
C LYS D 84 6.93 -32.65 -50.81
N GLU D 85 6.90 -33.52 -49.77
CA GLU D 85 7.84 -34.66 -49.62
C GLU D 85 7.75 -35.62 -50.80
N PHE D 86 6.74 -36.48 -50.79
CA PHE D 86 6.44 -37.36 -51.91
C PHE D 86 5.75 -36.40 -52.87
N ASN D 87 5.97 -36.46 -54.18
CA ASN D 87 5.15 -35.61 -55.04
C ASN D 87 3.74 -36.22 -55.21
N LEU D 88 2.80 -35.72 -54.41
CA LEU D 88 1.38 -36.16 -54.36
C LEU D 88 0.47 -35.20 -55.11
N LYS D 89 -0.68 -35.70 -55.55
CA LYS D 89 -1.63 -34.87 -56.29
C LYS D 89 -2.57 -34.09 -55.35
N LYS D 90 -2.95 -34.67 -54.20
CA LYS D 90 -4.09 -34.16 -53.41
C LYS D 90 -3.78 -33.62 -52.01
N MET D 91 -3.19 -34.44 -51.14
CA MET D 91 -3.23 -34.23 -49.66
C MET D 91 -4.39 -35.09 -49.16
N TRP D 92 -4.22 -36.39 -49.37
CA TRP D 92 -5.24 -37.39 -49.21
C TRP D 92 -5.75 -37.48 -47.78
N ARG D 93 -7.01 -37.92 -47.64
CA ARG D 93 -7.64 -38.08 -46.32
C ARG D 93 -7.06 -39.31 -45.62
N SER D 94 -7.03 -39.26 -44.29
CA SER D 94 -6.67 -40.40 -43.41
C SER D 94 -7.21 -41.78 -43.89
N PRO D 95 -6.31 -42.76 -44.20
CA PRO D 95 -6.78 -44.08 -44.58
C PRO D 95 -7.63 -44.74 -43.50
N ASN D 96 -7.30 -44.42 -42.24
CA ASN D 96 -8.02 -44.93 -41.09
C ASN D 96 -9.40 -44.32 -41.00
N GLY D 97 -9.50 -43.02 -41.21
CA GLY D 97 -10.83 -42.38 -41.23
C GLY D 97 -11.76 -43.15 -42.13
N THR D 98 -11.41 -43.12 -43.41
CA THR D 98 -12.00 -43.98 -44.38
C THR D 98 -12.34 -45.36 -43.79
N ILE D 99 -11.34 -46.19 -43.47
CA ILE D 99 -11.67 -47.62 -43.23
C ILE D 99 -12.58 -47.75 -42.01
N ARG D 100 -12.37 -46.89 -41.04
CA ARG D 100 -13.20 -46.92 -39.83
C ARG D 100 -14.64 -46.50 -40.11
N THR D 101 -14.78 -45.47 -40.94
CA THR D 101 -16.08 -44.97 -41.35
C THR D 101 -16.77 -46.07 -42.18
N ILE D 102 -16.03 -46.89 -42.94
CA ILE D 102 -16.63 -48.03 -43.66
C ILE D 102 -17.03 -49.21 -42.76
N LEU D 103 -16.12 -49.80 -42.00
CA LEU D 103 -16.48 -50.88 -41.08
C LEU D 103 -17.36 -50.40 -39.94
N GLY D 104 -17.22 -49.14 -39.54
CA GLY D 104 -17.99 -48.53 -38.42
C GLY D 104 -17.45 -48.91 -37.06
N GLY D 105 -18.34 -49.31 -36.16
CA GLY D 105 -17.92 -49.89 -34.87
C GLY D 105 -17.10 -48.96 -33.98
N THR D 106 -16.31 -49.59 -33.08
CA THR D 106 -15.58 -48.95 -31.97
C THR D 106 -14.15 -49.54 -31.86
N VAL D 107 -13.13 -48.70 -31.57
CA VAL D 107 -11.75 -49.20 -31.35
C VAL D 107 -11.44 -49.44 -29.87
N PHE D 108 -10.90 -50.60 -29.55
CA PHE D 108 -10.55 -50.90 -28.16
C PHE D 108 -9.04 -50.96 -27.95
N ARG D 109 -8.52 -50.08 -27.10
CA ARG D 109 -7.07 -50.03 -26.85
C ARG D 109 -6.72 -50.32 -25.38
N GLU D 110 -5.84 -51.28 -25.15
CA GLU D 110 -5.45 -51.61 -23.80
C GLU D 110 -4.05 -52.25 -23.73
N PRO D 111 -3.33 -52.02 -22.61
CA PRO D 111 -1.89 -52.29 -22.63
C PRO D 111 -1.50 -53.73 -22.55
N ILE D 112 -0.35 -54.03 -23.15
CA ILE D 112 0.29 -55.33 -23.15
C ILE D 112 1.11 -55.34 -21.89
N ILE D 113 0.67 -56.18 -20.96
CA ILE D 113 0.79 -55.85 -19.55
C ILE D 113 1.95 -56.64 -18.98
N CYS D 114 3.13 -56.26 -19.46
CA CYS D 114 4.40 -56.93 -19.13
C CYS D 114 4.74 -56.67 -17.65
N SER D 115 5.14 -57.70 -16.89
CA SER D 115 5.28 -57.56 -15.43
C SER D 115 6.60 -56.91 -14.93
N ASN D 116 7.72 -57.21 -15.62
CA ASN D 116 9.04 -56.65 -15.29
C ASN D 116 9.34 -55.24 -15.82
N VAL D 117 8.34 -54.60 -16.43
CA VAL D 117 8.46 -53.21 -16.86
C VAL D 117 7.63 -52.33 -15.90
N PRO D 118 8.27 -51.31 -15.31
CA PRO D 118 7.54 -50.43 -14.42
C PRO D 118 6.74 -49.40 -15.23
N ARG D 119 5.62 -48.98 -14.66
CA ARG D 119 4.70 -48.06 -15.30
C ARG D 119 5.07 -46.67 -14.88
N LEU D 120 5.05 -45.73 -15.81
CA LEU D 120 5.47 -44.35 -15.56
C LEU D 120 4.56 -43.57 -14.60
N VAL D 121 3.53 -44.21 -14.03
CA VAL D 121 2.66 -43.58 -13.04
C VAL D 121 2.50 -44.47 -11.80
N THR D 122 2.96 -43.95 -10.67
CA THR D 122 3.05 -44.69 -9.39
C THR D 122 1.74 -45.31 -8.86
N THR D 123 0.59 -44.83 -9.31
CA THR D 123 -0.69 -45.36 -8.86
C THR D 123 -1.30 -46.46 -9.75
N TRP D 124 -0.89 -46.53 -11.02
CA TRP D 124 -1.60 -47.37 -12.03
C TRP D 124 -1.34 -48.87 -11.82
N LYS D 125 -2.19 -49.55 -11.04
CA LYS D 125 -1.98 -50.97 -10.70
C LYS D 125 -2.49 -51.97 -11.74
N LYS D 126 -3.79 -51.89 -12.02
CA LYS D 126 -4.48 -52.76 -12.98
C LYS D 126 -4.64 -52.02 -14.30
N PRO D 127 -4.75 -52.79 -15.41
CA PRO D 127 -4.90 -52.15 -16.72
C PRO D 127 -6.25 -51.48 -16.96
N VAL D 128 -6.24 -50.59 -17.94
CA VAL D 128 -7.35 -49.73 -18.35
C VAL D 128 -7.53 -49.87 -19.85
N VAL D 129 -8.78 -50.00 -20.29
CA VAL D 129 -9.09 -50.17 -21.69
C VAL D 129 -9.76 -48.89 -22.13
N ILE D 130 -9.17 -48.23 -23.13
CA ILE D 130 -9.84 -47.15 -23.83
C ILE D 130 -10.73 -47.68 -25.01
N GLY D 131 -11.95 -47.15 -25.05
CA GLY D 131 -12.95 -47.45 -26.08
C GLY D 131 -13.22 -46.22 -26.96
N ARG D 132 -12.55 -46.18 -28.10
CA ARG D 132 -12.64 -45.05 -29.03
C ARG D 132 -13.76 -45.19 -30.07
N HIS D 133 -14.65 -44.18 -30.10
CA HIS D 133 -15.78 -44.10 -31.05
C HIS D 133 -15.51 -44.51 -32.49
N ALA D 134 -14.51 -43.97 -33.17
CA ALA D 134 -14.17 -44.51 -34.53
C ALA D 134 -15.03 -44.01 -35.71
N PHE D 135 -16.04 -43.20 -35.49
CA PHE D 135 -16.67 -42.55 -36.61
C PHE D 135 -16.89 -41.07 -36.31
N GLY D 136 -16.54 -40.21 -37.28
CA GLY D 136 -17.03 -38.85 -37.29
C GLY D 136 -16.29 -37.86 -36.43
N ASP D 137 -17.02 -36.86 -35.95
CA ASP D 137 -16.44 -35.69 -35.35
C ASP D 137 -15.38 -35.12 -36.32
N GLN D 138 -14.22 -34.72 -35.84
CA GLN D 138 -13.16 -34.17 -36.74
C GLN D 138 -12.62 -35.15 -37.80
N TYR D 139 -12.80 -36.43 -37.62
CA TYR D 139 -12.09 -37.36 -38.48
C TYR D 139 -12.77 -37.40 -39.85
N SER D 140 -14.05 -37.00 -39.85
CA SER D 140 -14.76 -36.57 -41.07
C SER D 140 -15.46 -35.24 -40.76
N ALA D 141 -14.65 -34.19 -40.71
CA ALA D 141 -15.12 -32.84 -40.71
C ALA D 141 -14.66 -32.24 -42.00
N THR D 142 -15.21 -31.07 -42.30
CA THR D 142 -14.85 -30.29 -43.48
C THR D 142 -14.28 -28.98 -42.94
N ASP D 143 -13.08 -28.65 -43.38
CA ASP D 143 -12.37 -27.47 -42.87
C ASP D 143 -11.90 -26.54 -44.01
N ALA D 144 -12.11 -25.21 -43.85
CA ALA D 144 -11.59 -24.18 -44.78
C ALA D 144 -10.68 -23.20 -44.05
N VAL D 145 -9.56 -22.81 -44.69
CA VAL D 145 -8.79 -21.59 -44.27
C VAL D 145 -9.44 -20.40 -45.00
N VAL D 146 -9.97 -19.45 -44.26
CA VAL D 146 -10.60 -18.26 -44.82
C VAL D 146 -9.48 -17.25 -45.29
N LYS D 147 -9.81 -16.32 -46.18
CA LYS D 147 -8.86 -15.31 -46.70
C LYS D 147 -9.44 -13.87 -46.77
N GLU D 148 -10.53 -13.69 -47.53
CA GLU D 148 -11.36 -12.46 -47.55
C GLU D 148 -12.13 -12.22 -46.23
N PRO D 149 -12.49 -10.95 -45.96
CA PRO D 149 -13.58 -10.70 -45.01
C PRO D 149 -14.94 -11.29 -45.48
N GLY D 150 -15.47 -12.29 -44.80
CA GLY D 150 -16.74 -12.88 -45.21
C GLY D 150 -17.63 -13.22 -44.06
N THR D 151 -18.25 -14.39 -44.12
CA THR D 151 -19.25 -14.84 -43.12
C THR D 151 -19.49 -16.36 -43.22
N PHE D 152 -19.55 -17.01 -42.06
CA PHE D 152 -19.66 -18.46 -41.96
C PHE D 152 -21.09 -18.77 -41.56
N GLU D 153 -21.83 -19.38 -42.50
CA GLU D 153 -23.20 -19.79 -42.27
C GLU D 153 -23.13 -21.29 -42.01
N MET D 154 -24.20 -21.85 -41.46
CA MET D 154 -24.43 -23.30 -41.47
C MET D 154 -25.87 -23.46 -41.87
N ARG D 155 -26.14 -24.27 -42.89
CA ARG D 155 -27.53 -24.62 -43.25
C ARG D 155 -27.87 -26.10 -42.99
N PHE D 156 -29.02 -26.37 -42.39
CA PHE D 156 -29.56 -27.73 -42.46
C PHE D 156 -30.82 -27.63 -43.33
N ILE D 157 -30.81 -28.42 -44.41
CA ILE D 157 -31.89 -28.54 -45.40
C ILE D 157 -32.57 -29.88 -45.20
N PRO D 158 -33.79 -29.89 -44.62
CA PRO D 158 -34.49 -31.20 -44.58
C PRO D 158 -34.74 -31.83 -45.98
N ALA D 159 -34.61 -33.15 -46.09
CA ALA D 159 -34.82 -33.89 -47.37
C ALA D 159 -36.31 -34.09 -47.72
N ASN D 160 -37.18 -33.95 -46.71
CA ASN D 160 -38.64 -33.78 -46.91
C ASN D 160 -39.10 -32.34 -47.32
N GLY D 161 -38.27 -31.62 -48.09
CA GLY D 161 -38.45 -30.20 -48.40
C GLY D 161 -39.24 -29.36 -47.40
N GLY D 162 -38.64 -29.15 -46.22
CA GLY D 162 -39.26 -28.42 -45.11
C GLY D 162 -38.58 -27.11 -44.80
N GLU D 163 -38.90 -26.53 -43.63
CA GLU D 163 -38.17 -25.37 -43.14
C GLU D 163 -36.66 -25.65 -43.05
N PRO D 164 -35.85 -24.97 -43.90
CA PRO D 164 -34.41 -24.94 -43.62
C PRO D 164 -34.13 -24.14 -42.35
N LYS D 165 -33.02 -24.44 -41.69
CA LYS D 165 -32.59 -23.69 -40.51
C LYS D 165 -31.27 -23.07 -40.87
N VAL D 166 -31.13 -21.77 -40.63
CA VAL D 166 -29.86 -21.05 -40.85
C VAL D 166 -29.22 -20.74 -39.49
N TYR D 167 -27.90 -21.01 -39.39
CA TYR D 167 -27.03 -20.52 -38.29
C TYR D 167 -25.85 -19.71 -38.84
N LYS D 168 -25.72 -18.44 -38.43
CA LYS D 168 -24.45 -17.71 -38.64
C LYS D 168 -23.54 -18.00 -37.47
N VAL D 169 -22.29 -18.26 -37.81
CA VAL D 169 -21.29 -18.78 -36.88
C VAL D 169 -20.22 -17.73 -36.57
N PHE D 170 -19.79 -17.00 -37.61
CA PHE D 170 -18.88 -15.86 -37.45
C PHE D 170 -18.87 -14.89 -38.62
N ASP D 171 -18.45 -13.66 -38.34
CA ASP D 171 -18.00 -12.71 -39.38
C ASP D 171 -16.46 -12.54 -39.35
N TYR D 172 -15.79 -13.01 -40.40
CA TYR D 172 -14.34 -12.83 -40.54
C TYR D 172 -14.01 -11.40 -40.97
N LYS D 173 -13.12 -10.76 -40.21
CA LYS D 173 -12.64 -9.42 -40.48
C LYS D 173 -11.27 -9.43 -41.13
N SER D 174 -10.52 -10.50 -40.96
CA SER D 174 -9.23 -10.65 -41.59
C SER D 174 -9.19 -12.08 -42.11
N GLY D 175 -8.01 -12.69 -42.17
CA GLY D 175 -7.92 -14.11 -42.45
C GLY D 175 -8.40 -14.94 -41.26
N GLY D 176 -8.41 -16.25 -41.45
CA GLY D 176 -8.83 -17.15 -40.39
C GLY D 176 -9.00 -18.59 -40.82
N VAL D 177 -9.93 -19.25 -40.12
CA VAL D 177 -10.12 -20.68 -40.29
C VAL D 177 -11.52 -21.09 -39.79
N MET D 178 -12.14 -22.03 -40.51
CA MET D 178 -13.47 -22.55 -40.15
C MET D 178 -13.54 -24.03 -40.42
N MET D 179 -14.39 -24.71 -39.64
CA MET D 179 -14.74 -26.10 -39.93
C MET D 179 -15.99 -26.51 -39.20
N GLY D 180 -16.70 -27.48 -39.79
CA GLY D 180 -17.88 -28.12 -39.22
C GLY D 180 -17.85 -29.64 -39.35
N MET D 181 -18.58 -30.29 -38.46
CA MET D 181 -18.46 -31.73 -38.31
C MET D 181 -19.73 -32.25 -37.78
N TYR D 182 -19.85 -33.57 -37.90
CA TYR D 182 -21.14 -34.23 -37.74
C TYR D 182 -20.93 -35.54 -37.06
N ASN D 183 -22.02 -36.06 -36.53
CA ASN D 183 -22.09 -37.45 -36.12
C ASN D 183 -23.54 -37.95 -36.10
N THR D 184 -23.74 -39.26 -36.28
CA THR D 184 -25.06 -39.86 -36.37
C THR D 184 -25.47 -40.51 -35.07
N ASP D 185 -26.77 -40.50 -34.81
CA ASP D 185 -27.35 -41.21 -33.69
C ASP D 185 -27.07 -42.72 -33.73
N ASP D 186 -26.82 -43.28 -34.91
CA ASP D 186 -26.73 -44.74 -35.04
C ASP D 186 -25.32 -45.23 -34.91
N SER D 187 -24.34 -44.38 -35.17
CA SER D 187 -22.99 -44.76 -34.83
C SER D 187 -22.85 -44.57 -33.36
N ILE D 188 -23.38 -43.49 -32.82
CA ILE D 188 -23.28 -43.30 -31.38
C ILE D 188 -23.97 -44.44 -30.63
N ARG D 189 -25.06 -44.95 -31.17
CA ARG D 189 -25.79 -46.05 -30.56
C ARG D 189 -24.92 -47.29 -30.52
N ASP D 190 -24.37 -47.65 -31.67
CA ASP D 190 -23.48 -48.83 -31.81
C ASP D 190 -22.21 -48.75 -30.98
N PHE D 191 -21.78 -47.52 -30.73
CA PHE D 191 -20.66 -47.23 -29.84
C PHE D 191 -21.09 -47.58 -28.40
N ALA D 192 -22.06 -46.84 -27.84
CA ALA D 192 -22.57 -47.14 -26.51
C ALA D 192 -22.89 -48.60 -26.34
N ARG D 193 -23.63 -49.20 -27.27
CA ARG D 193 -23.96 -50.62 -27.16
C ARG D 193 -22.70 -51.45 -26.94
N SER D 194 -21.78 -51.39 -27.90
CA SER D 194 -20.57 -52.20 -27.88
C SER D 194 -19.65 -52.02 -26.65
N CYS D 195 -19.76 -50.84 -26.02
CA CYS D 195 -19.00 -50.48 -24.79
C CYS D 195 -19.57 -51.08 -23.51
N PHE D 196 -20.90 -50.98 -23.34
CA PHE D 196 -21.57 -51.73 -22.25
C PHE D 196 -21.28 -53.24 -22.38
N GLU D 197 -21.41 -53.78 -23.59
CA GLU D 197 -21.20 -55.20 -23.84
C GLU D 197 -19.82 -55.65 -23.42
N PHE D 198 -18.82 -54.86 -23.78
CA PHE D 198 -17.40 -55.11 -23.44
C PHE D 198 -17.14 -55.12 -21.96
N ALA D 199 -17.68 -54.08 -21.31
CA ALA D 199 -17.42 -53.75 -19.91
C ALA D 199 -18.05 -54.80 -19.04
N LEU D 200 -19.34 -54.98 -19.26
CA LEU D 200 -20.09 -56.05 -18.65
C LEU D 200 -19.28 -57.32 -18.69
N ALA D 201 -18.97 -57.75 -19.93
CA ALA D 201 -18.38 -59.06 -20.17
C ALA D 201 -17.01 -59.21 -19.55
N ARG D 202 -16.32 -58.09 -19.34
CA ARG D 202 -15.03 -58.07 -18.64
C ARG D 202 -15.17 -57.71 -17.17
N LYS D 203 -16.40 -57.75 -16.67
CA LYS D 203 -16.73 -57.45 -15.28
C LYS D 203 -16.03 -56.19 -14.70
N TRP D 204 -15.96 -55.10 -15.48
CA TRP D 204 -15.41 -53.83 -14.98
C TRP D 204 -16.37 -52.69 -15.20
N PRO D 205 -16.28 -51.66 -14.39
CA PRO D 205 -17.08 -50.47 -14.63
C PRO D 205 -16.64 -49.60 -15.85
N LEU D 206 -17.62 -48.89 -16.43
CA LEU D 206 -17.46 -48.07 -17.62
C LEU D 206 -17.75 -46.59 -17.35
N TYR D 207 -16.82 -45.71 -17.72
CA TYR D 207 -17.00 -44.27 -17.63
C TYR D 207 -17.11 -43.67 -19.03
N LEU D 208 -17.89 -42.60 -19.18
CA LEU D 208 -18.01 -41.87 -20.46
C LEU D 208 -17.69 -40.39 -20.29
N SER D 209 -16.93 -39.88 -21.28
CA SER D 209 -16.28 -38.57 -21.22
C SER D 209 -16.63 -37.63 -22.38
N THR D 210 -17.44 -36.65 -22.00
CA THR D 210 -17.85 -35.53 -22.83
C THR D 210 -17.33 -34.17 -22.35
N LYS D 211 -17.31 -33.20 -23.26
CA LYS D 211 -17.30 -31.77 -22.91
C LYS D 211 -18.67 -31.12 -23.20
N ASN D 212 -19.72 -31.70 -22.62
CA ASN D 212 -21.13 -31.24 -22.77
C ASN D 212 -21.53 -29.93 -22.02
N THR D 213 -20.60 -29.40 -21.24
CA THR D 213 -20.67 -28.09 -20.63
C THR D 213 -20.50 -27.02 -21.68
N ILE D 214 -19.90 -27.43 -22.79
CA ILE D 214 -19.47 -26.56 -23.84
C ILE D 214 -20.29 -26.87 -25.08
N LEU D 215 -20.12 -28.07 -25.61
CA LEU D 215 -20.96 -28.56 -26.71
C LEU D 215 -22.28 -29.15 -26.15
N LYS D 216 -23.19 -28.27 -25.71
CA LYS D 216 -24.42 -28.73 -25.03
C LYS D 216 -25.31 -29.63 -25.89
N HIS D 217 -25.44 -29.29 -27.17
CA HIS D 217 -26.23 -30.08 -28.14
C HIS D 217 -25.43 -31.24 -28.77
N TYR D 218 -24.21 -30.97 -29.23
CA TYR D 218 -23.43 -31.97 -29.97
C TYR D 218 -22.99 -33.13 -29.06
N ASP D 219 -22.49 -32.81 -27.85
CA ASP D 219 -22.08 -33.80 -26.82
C ASP D 219 -23.20 -34.33 -25.91
N GLY D 220 -24.25 -33.53 -25.71
CA GLY D 220 -25.44 -33.94 -24.94
C GLY D 220 -26.08 -35.18 -25.51
N ARG D 221 -26.10 -35.26 -26.84
CA ARG D 221 -26.60 -36.44 -27.54
C ARG D 221 -25.91 -37.70 -26.98
N PHE D 222 -24.58 -37.67 -26.88
CA PHE D 222 -23.76 -38.81 -26.39
C PHE D 222 -24.17 -39.19 -24.99
N LYS D 223 -24.24 -38.19 -24.12
CA LYS D 223 -24.60 -38.47 -22.74
C LYS D 223 -25.99 -39.09 -22.67
N ASP D 224 -26.93 -38.48 -23.41
CA ASP D 224 -28.33 -38.88 -23.32
C ASP D 224 -28.56 -40.26 -23.99
N ILE D 225 -27.83 -40.58 -25.07
CA ILE D 225 -27.94 -41.90 -25.67
C ILE D 225 -27.45 -42.94 -24.69
N PHE D 226 -26.30 -42.71 -24.08
CA PHE D 226 -25.77 -43.71 -23.15
C PHE D 226 -26.73 -43.93 -21.97
N ALA D 227 -27.15 -42.85 -21.33
CA ALA D 227 -28.07 -42.94 -20.21
C ALA D 227 -29.37 -43.67 -20.60
N GLU D 228 -29.98 -43.27 -21.73
CA GLU D 228 -31.13 -43.99 -22.39
C GLU D 228 -30.80 -45.48 -22.37
N MET D 229 -29.67 -45.84 -22.96
CA MET D 229 -29.28 -47.23 -23.14
C MET D 229 -29.01 -47.99 -21.84
N TYR D 230 -28.43 -47.30 -20.84
CA TYR D 230 -28.14 -47.90 -19.54
C TYR D 230 -29.47 -48.30 -18.93
N LYS D 231 -30.28 -47.27 -18.68
CA LYS D 231 -31.66 -47.37 -18.14
C LYS D 231 -32.38 -48.65 -18.62
N ALA D 232 -32.48 -48.84 -19.93
CA ALA D 232 -33.11 -50.03 -20.50
C ALA D 232 -32.22 -51.27 -20.33
N LEU D 233 -31.30 -51.52 -21.26
CA LEU D 233 -30.72 -52.86 -21.44
C LEU D 233 -29.74 -53.34 -20.37
N TYR D 234 -29.13 -52.42 -19.62
CA TYR D 234 -27.88 -52.76 -18.94
C TYR D 234 -27.84 -52.62 -17.43
N GLU D 235 -28.37 -51.53 -16.89
CA GLU D 235 -28.22 -51.20 -15.47
C GLU D 235 -28.52 -52.33 -14.47
N THR D 236 -29.55 -53.14 -14.74
CA THR D 236 -29.82 -54.31 -13.89
C THR D 236 -28.71 -55.38 -14.03
N LYS D 237 -28.20 -55.57 -15.26
CA LYS D 237 -27.05 -56.45 -15.48
C LYS D 237 -25.77 -55.93 -14.80
N PHE D 238 -25.62 -54.61 -14.80
CA PHE D 238 -24.43 -53.99 -14.21
C PHE D 238 -24.38 -54.11 -12.69
N LYS D 239 -25.53 -53.89 -12.01
CA LYS D 239 -25.54 -53.87 -10.53
C LYS D 239 -25.42 -55.28 -9.98
N THR D 240 -26.22 -56.18 -10.54
CA THR D 240 -26.10 -57.65 -10.41
C THR D 240 -24.67 -58.16 -10.29
N CYS D 241 -23.87 -57.65 -11.21
CA CYS D 241 -22.56 -58.11 -11.57
C CYS D 241 -21.42 -57.34 -10.92
N GLY D 242 -21.73 -56.29 -10.16
CA GLY D 242 -20.77 -55.60 -9.28
C GLY D 242 -20.08 -54.37 -9.84
N ILE D 243 -20.60 -53.87 -10.96
CA ILE D 243 -20.00 -52.78 -11.71
C ILE D 243 -21.03 -51.66 -11.86
N PHE D 244 -20.70 -50.62 -12.62
CA PHE D 244 -21.53 -49.43 -12.73
C PHE D 244 -21.10 -48.57 -13.93
N TYR D 245 -22.05 -47.87 -14.52
CA TYR D 245 -21.74 -46.85 -15.53
C TYR D 245 -21.92 -45.49 -14.86
N GLU D 246 -21.21 -44.52 -15.39
CA GLU D 246 -21.25 -43.21 -14.86
C GLU D 246 -20.56 -42.38 -15.90
N HIS D 247 -20.93 -41.11 -15.97
CA HIS D 247 -20.41 -40.13 -16.93
C HIS D 247 -19.64 -39.02 -16.20
N ARG D 248 -18.58 -38.50 -16.82
CA ARG D 248 -17.87 -37.31 -16.27
C ARG D 248 -17.43 -36.44 -17.39
N LEU D 249 -17.11 -35.19 -17.07
CA LEU D 249 -16.46 -34.31 -18.04
C LEU D 249 -15.10 -34.88 -18.38
N ILE D 250 -14.62 -34.60 -19.59
CA ILE D 250 -13.30 -35.05 -20.05
C ILE D 250 -12.21 -34.62 -19.11
N ASP D 251 -12.34 -33.43 -18.57
CA ASP D 251 -11.33 -32.91 -17.66
C ASP D 251 -11.34 -33.58 -16.27
N ASP D 252 -12.51 -33.99 -15.75
CA ASP D 252 -12.56 -34.87 -14.57
C ASP D 252 -11.80 -36.14 -14.87
N MET D 253 -12.15 -36.74 -16.00
CA MET D 253 -11.81 -38.12 -16.26
C MET D 253 -10.32 -38.33 -16.59
N VAL D 254 -9.61 -37.33 -17.14
CA VAL D 254 -8.15 -37.45 -17.33
C VAL D 254 -7.43 -37.43 -15.99
N ALA D 255 -7.89 -36.57 -15.10
CA ALA D 255 -7.33 -36.44 -13.78
C ALA D 255 -7.77 -37.59 -12.90
N HIS D 256 -8.92 -38.17 -13.22
CA HIS D 256 -9.31 -39.46 -12.65
C HIS D 256 -8.27 -40.48 -13.06
N CYS D 257 -8.10 -40.69 -14.35
CA CYS D 257 -7.15 -41.66 -14.88
C CYS D 257 -5.79 -41.55 -14.19
N MET D 258 -5.36 -40.31 -13.99
CA MET D 258 -4.06 -40.05 -13.42
C MET D 258 -3.98 -40.54 -11.98
N ARG D 259 -5.03 -40.27 -11.20
CA ARG D 259 -5.05 -40.58 -9.76
C ARG D 259 -5.51 -41.97 -9.43
N SER D 260 -6.38 -42.52 -10.29
CA SER D 260 -7.00 -43.85 -10.14
C SER D 260 -6.03 -45.05 -10.13
N GLU D 261 -6.44 -46.10 -9.47
CA GLU D 261 -5.60 -47.25 -9.42
C GLU D 261 -5.89 -48.23 -10.58
N GLY D 262 -6.51 -47.74 -11.67
CA GLY D 262 -6.80 -48.56 -12.88
C GLY D 262 -8.09 -49.38 -12.83
N GLY D 263 -8.21 -50.36 -13.73
CA GLY D 263 -9.28 -51.38 -13.73
C GLY D 263 -10.69 -51.02 -14.22
N TYR D 264 -10.77 -50.33 -15.33
CA TYR D 264 -12.05 -49.78 -15.79
C TYR D 264 -11.99 -49.67 -17.26
N VAL D 265 -13.15 -49.43 -17.88
CA VAL D 265 -13.26 -49.36 -19.34
C VAL D 265 -13.69 -47.97 -19.71
N TRP D 266 -12.98 -47.30 -20.59
CA TRP D 266 -13.17 -45.85 -20.78
C TRP D 266 -13.58 -45.49 -22.21
N ALA D 267 -14.89 -45.45 -22.44
CA ALA D 267 -15.42 -44.96 -23.69
C ALA D 267 -15.28 -43.42 -23.76
N CYS D 268 -14.46 -42.96 -24.70
CA CYS D 268 -14.33 -41.54 -24.99
C CYS D 268 -14.39 -41.43 -26.47
N LYS D 269 -14.56 -40.22 -26.97
CA LYS D 269 -14.96 -40.00 -28.37
C LYS D 269 -13.77 -39.96 -29.36
N ASN D 270 -14.06 -39.91 -30.65
CA ASN D 270 -13.05 -40.10 -31.72
C ASN D 270 -11.77 -39.40 -31.40
N TYR D 271 -11.84 -38.09 -31.25
CA TYR D 271 -10.68 -37.29 -30.96
C TYR D 271 -10.08 -37.67 -29.60
N ASP D 272 -10.93 -37.71 -28.57
CA ASP D 272 -10.46 -38.00 -27.21
C ASP D 272 -9.75 -39.35 -27.12
N GLY D 273 -10.31 -40.39 -27.69
CA GLY D 273 -9.64 -41.69 -27.76
C GLY D 273 -8.24 -41.69 -28.39
N ASP D 274 -8.02 -40.92 -29.43
CA ASP D 274 -6.68 -40.81 -30.04
C ASP D 274 -5.57 -40.19 -29.12
N VAL D 275 -5.97 -39.14 -28.39
CA VAL D 275 -5.11 -38.45 -27.44
C VAL D 275 -4.83 -39.36 -26.22
N GLN D 276 -5.90 -39.76 -25.55
CA GLN D 276 -5.78 -40.46 -24.28
C GLN D 276 -5.24 -41.85 -24.39
N SER D 277 -5.50 -42.51 -25.50
CA SER D 277 -4.94 -43.82 -25.78
C SER D 277 -3.43 -43.77 -25.80
N ASP D 278 -2.88 -42.66 -26.26
CA ASP D 278 -1.43 -42.52 -26.36
C ASP D 278 -0.82 -42.14 -25.02
N SER D 279 -1.40 -41.15 -24.33
CA SER D 279 -0.99 -40.84 -22.95
C SER D 279 -1.02 -42.06 -22.06
N LEU D 280 -2.10 -42.82 -22.19
CA LEU D 280 -2.32 -44.05 -21.45
C LEU D 280 -1.27 -45.10 -21.79
N ALA D 281 -1.03 -45.34 -23.06
CA ALA D 281 -0.03 -46.31 -23.47
C ALA D 281 1.32 -45.98 -22.88
N GLN D 282 1.83 -44.81 -23.22
CA GLN D 282 3.14 -44.42 -22.72
C GLN D 282 3.20 -44.49 -21.25
N GLY D 283 2.07 -44.22 -20.61
CA GLY D 283 1.96 -44.29 -19.14
C GLY D 283 2.10 -45.67 -18.52
N PHE D 284 1.84 -46.73 -19.31
CA PHE D 284 2.26 -48.10 -18.99
C PHE D 284 3.62 -48.21 -19.67
N GLY D 285 4.12 -49.39 -19.98
CA GLY D 285 5.40 -49.49 -20.72
C GLY D 285 5.77 -48.38 -21.73
N SER D 286 5.05 -48.32 -22.85
CA SER D 286 5.37 -47.41 -23.93
C SER D 286 4.19 -47.36 -24.88
N LEU D 287 4.36 -46.77 -26.07
CA LEU D 287 3.35 -46.84 -27.12
C LEU D 287 3.45 -48.20 -27.83
N GLY D 288 4.65 -48.70 -28.03
CA GLY D 288 4.81 -50.01 -28.66
C GLY D 288 4.21 -51.23 -27.96
N MET D 289 3.66 -51.06 -26.74
CA MET D 289 3.28 -52.17 -25.88
C MET D 289 1.82 -52.07 -25.60
N MET D 290 1.02 -51.87 -26.64
CA MET D 290 -0.42 -51.64 -26.45
C MET D 290 -1.24 -51.79 -27.74
N THR D 291 -2.23 -52.68 -27.64
CA THR D 291 -2.88 -53.31 -28.79
C THR D 291 -4.05 -52.47 -29.21
N SER D 292 -4.38 -52.52 -30.49
CA SER D 292 -5.59 -51.89 -30.99
C SER D 292 -6.49 -52.95 -31.64
N ILE D 293 -7.77 -52.61 -31.87
CA ILE D 293 -8.76 -53.55 -32.49
C ILE D 293 -10.11 -52.86 -32.65
N LEU D 294 -10.64 -52.87 -33.87
CA LEU D 294 -11.97 -52.36 -34.16
C LEU D 294 -12.95 -53.52 -34.13
N MET D 295 -13.98 -53.43 -33.29
CA MET D 295 -15.06 -54.43 -33.25
C MET D 295 -16.40 -53.76 -33.59
N THR D 296 -17.00 -54.20 -34.69
CA THR D 296 -18.34 -53.81 -35.11
C THR D 296 -19.37 -54.43 -34.10
N PRO D 297 -20.62 -53.88 -34.00
CA PRO D 297 -21.58 -54.39 -33.00
C PRO D 297 -21.85 -55.89 -33.11
N ASP D 298 -22.18 -56.37 -34.32
CA ASP D 298 -22.11 -57.81 -34.63
C ASP D 298 -20.67 -58.26 -34.40
N GLY D 299 -20.47 -59.22 -33.50
CA GLY D 299 -19.13 -59.66 -33.16
C GLY D 299 -18.54 -60.42 -34.34
N LYS D 300 -18.44 -59.75 -35.49
CA LYS D 300 -18.19 -60.37 -36.79
C LYS D 300 -16.97 -59.75 -37.46
N THR D 301 -17.04 -58.48 -37.79
CA THR D 301 -15.95 -57.78 -38.51
C THR D 301 -14.90 -57.10 -37.55
N VAL D 302 -13.61 -57.33 -37.79
CA VAL D 302 -12.56 -56.95 -36.86
C VAL D 302 -11.36 -56.47 -37.70
N GLU D 303 -10.87 -55.26 -37.39
CA GLU D 303 -9.63 -54.69 -37.97
C GLU D 303 -8.72 -54.48 -36.79
N VAL D 304 -7.57 -55.18 -36.79
CA VAL D 304 -6.60 -55.11 -35.71
C VAL D 304 -5.31 -54.45 -36.22
N GLU D 305 -4.80 -53.50 -35.42
CA GLU D 305 -3.60 -52.69 -35.73
C GLU D 305 -2.70 -52.43 -34.48
N ALA D 306 -1.52 -51.89 -34.70
CA ALA D 306 -0.81 -51.25 -33.62
C ALA D 306 -1.47 -49.87 -33.45
N ALA D 307 -1.41 -49.33 -32.23
CA ALA D 307 -2.07 -48.05 -31.83
C ALA D 307 -1.21 -46.81 -32.13
N HIS D 308 0.10 -47.03 -32.09
CA HIS D 308 1.12 -46.10 -32.57
C HIS D 308 1.07 -45.82 -34.08
N GLY D 309 1.90 -44.88 -34.53
CA GLY D 309 1.93 -44.45 -35.92
C GLY D 309 3.03 -45.10 -36.75
N THR D 310 3.49 -44.40 -37.79
CA THR D 310 4.57 -44.94 -38.63
C THR D 310 5.91 -44.86 -37.93
N VAL D 311 5.92 -44.23 -36.73
CA VAL D 311 7.12 -43.86 -35.97
C VAL D 311 8.15 -43.30 -36.94
N THR D 312 7.83 -42.11 -37.45
CA THR D 312 8.57 -41.52 -38.59
C THR D 312 9.94 -41.05 -38.10
N ARG D 313 10.08 -40.89 -36.78
CA ARG D 313 11.35 -40.47 -36.17
C ARG D 313 12.45 -41.53 -36.36
N HIS D 314 12.11 -42.75 -35.98
CA HIS D 314 12.97 -43.91 -36.17
C HIS D 314 13.28 -44.14 -37.66
N TYR D 315 12.28 -44.08 -38.54
CA TYR D 315 12.52 -44.31 -39.99
C TYR D 315 13.62 -43.40 -40.51
N ARG D 316 13.52 -42.13 -40.14
CA ARG D 316 14.55 -41.13 -40.43
C ARG D 316 15.95 -41.54 -40.03
N ASP D 317 16.10 -42.26 -38.91
CA ASP D 317 17.38 -42.84 -38.43
C ASP D 317 17.83 -44.12 -39.16
N TYR D 318 16.89 -44.88 -39.71
CA TYR D 318 17.21 -46.12 -40.46
C TYR D 318 17.78 -45.74 -41.85
N GLN D 319 17.17 -44.74 -42.50
CA GLN D 319 17.80 -43.96 -43.59
C GLN D 319 19.00 -43.29 -42.90
N LYS D 320 20.22 -43.63 -43.28
CA LYS D 320 21.27 -43.70 -42.25
C LYS D 320 21.68 -42.47 -41.44
N GLY D 321 22.55 -42.74 -40.44
CA GLY D 321 22.78 -41.93 -39.23
C GLY D 321 22.90 -42.83 -37.99
N LYS D 322 22.04 -43.86 -37.96
CA LYS D 322 21.95 -44.82 -36.85
C LYS D 322 21.23 -46.19 -37.15
N GLU D 323 21.26 -47.04 -36.12
CA GLU D 323 20.59 -48.33 -36.03
C GLU D 323 19.41 -48.08 -35.11
N THR D 324 18.23 -48.57 -35.47
CA THR D 324 16.99 -48.25 -34.72
C THR D 324 16.62 -49.36 -33.70
N SER D 325 15.69 -49.05 -32.79
CA SER D 325 15.23 -50.01 -31.78
C SER D 325 13.73 -49.78 -31.44
N THR D 326 12.96 -49.56 -32.50
CA THR D 326 11.50 -49.33 -32.42
C THR D 326 10.85 -50.66 -32.06
N ASN D 327 9.77 -50.59 -31.29
CA ASN D 327 9.23 -51.75 -30.56
C ASN D 327 8.18 -52.56 -31.31
N PRO D 328 8.51 -53.81 -31.65
CA PRO D 328 7.64 -54.50 -32.58
C PRO D 328 6.34 -55.04 -32.01
N VAL D 329 6.15 -55.04 -30.69
CA VAL D 329 5.15 -55.95 -30.13
C VAL D 329 3.68 -55.50 -30.29
N ALA D 330 3.41 -54.19 -30.32
CA ALA D 330 2.10 -53.72 -30.75
C ALA D 330 1.81 -54.28 -32.12
N SER D 331 2.82 -54.24 -33.02
CA SER D 331 2.70 -54.66 -34.44
C SER D 331 2.66 -56.18 -34.68
N ILE D 332 3.19 -56.97 -33.75
CA ILE D 332 3.02 -58.42 -33.81
C ILE D 332 1.64 -58.85 -33.25
N PHE D 333 1.25 -58.28 -32.09
CA PHE D 333 -0.05 -58.58 -31.45
C PHE D 333 -1.25 -58.15 -32.31
N ALA D 334 -0.97 -57.23 -33.22
CA ALA D 334 -1.81 -57.02 -34.37
C ALA D 334 -2.09 -58.35 -35.12
N TRP D 335 -1.05 -59.05 -35.57
CA TRP D 335 -1.24 -60.33 -36.28
C TRP D 335 -1.79 -61.43 -35.38
N THR D 336 -1.21 -61.60 -34.19
CA THR D 336 -1.67 -62.62 -33.24
C THR D 336 -3.19 -62.49 -32.94
N ARG D 337 -3.69 -61.29 -32.57
CA ARG D 337 -5.17 -61.12 -32.44
C ARG D 337 -5.94 -61.35 -33.76
N ALA D 338 -5.36 -60.92 -34.89
CA ALA D 338 -5.98 -61.04 -36.22
C ALA D 338 -6.17 -62.47 -36.59
N LEU D 339 -5.14 -63.25 -36.36
CA LEU D 339 -5.19 -64.67 -36.59
C LEU D 339 -6.20 -65.33 -35.63
N ALA D 340 -6.22 -64.91 -34.36
CA ALA D 340 -7.09 -65.51 -33.32
C ALA D 340 -8.60 -65.37 -33.55
N HIS D 341 -9.04 -64.32 -34.24
CA HIS D 341 -10.48 -64.09 -34.48
C HIS D 341 -10.94 -64.89 -35.65
N ARG D 342 -10.10 -64.87 -36.70
CA ARG D 342 -10.16 -65.82 -37.85
C ARG D 342 -10.19 -67.23 -37.37
N ALA D 343 -9.35 -67.56 -36.39
CA ALA D 343 -9.37 -68.88 -35.75
C ALA D 343 -10.70 -69.11 -35.02
N ARG D 344 -11.14 -68.15 -34.20
CA ARG D 344 -12.44 -68.23 -33.50
C ARG D 344 -13.60 -68.61 -34.43
N VAL D 345 -13.66 -67.93 -35.57
CA VAL D 345 -14.81 -67.99 -36.46
C VAL D 345 -14.75 -69.18 -37.47
N ASP D 346 -13.55 -69.69 -37.79
CA ASP D 346 -13.37 -70.97 -38.54
C ASP D 346 -13.46 -72.20 -37.65
N ASN D 347 -13.67 -71.98 -36.36
CA ASN D 347 -13.47 -73.00 -35.33
C ASN D 347 -12.06 -73.62 -35.20
N ASN D 348 -11.24 -73.62 -36.27
CA ASN D 348 -9.79 -73.87 -36.20
C ASN D 348 -9.13 -73.73 -34.79
N ASN D 349 -9.12 -74.83 -34.05
CA ASN D 349 -8.65 -74.83 -32.67
C ASN D 349 -7.10 -74.81 -32.52
N THR D 350 -6.33 -75.37 -33.47
CA THR D 350 -4.83 -75.33 -33.35
C THR D 350 -4.20 -73.97 -33.76
N LEU D 351 -4.93 -73.10 -34.48
CA LEU D 351 -4.39 -71.77 -34.87
C LEU D 351 -4.48 -70.76 -33.73
N LEU D 352 -5.63 -70.76 -33.04
CA LEU D 352 -5.87 -70.03 -31.79
C LEU D 352 -4.74 -70.14 -30.76
N GLU D 353 -4.21 -71.35 -30.59
CA GLU D 353 -3.17 -71.66 -29.60
C GLU D 353 -1.77 -71.40 -30.07
N PHE D 354 -1.52 -71.32 -31.38
CA PHE D 354 -0.28 -70.68 -31.90
C PHE D 354 -0.30 -69.20 -31.51
N THR D 355 -1.45 -68.55 -31.72
CA THR D 355 -1.55 -67.12 -31.40
C THR D 355 -1.24 -66.86 -29.92
N GLN D 356 -1.86 -67.63 -28.99
CA GLN D 356 -1.65 -67.43 -27.52
C GLN D 356 -0.19 -67.67 -27.11
N ARG D 357 0.41 -68.76 -27.59
CA ARG D 357 1.84 -69.03 -27.41
C ARG D 357 2.76 -67.85 -27.84
N LEU D 358 2.52 -67.31 -29.05
CA LEU D 358 3.34 -66.23 -29.57
C LEU D 358 3.15 -64.93 -28.77
N GLU D 359 1.91 -64.53 -28.49
CA GLU D 359 1.64 -63.45 -27.49
C GLU D 359 2.47 -63.73 -26.20
N ASP D 360 2.41 -64.98 -25.72
CA ASP D 360 3.03 -65.37 -24.46
C ASP D 360 4.54 -65.30 -24.44
N VAL D 361 5.26 -65.93 -25.37
CA VAL D 361 6.75 -65.81 -25.33
C VAL D 361 7.27 -64.41 -25.63
N ILE D 362 6.49 -63.59 -26.35
CA ILE D 362 6.82 -62.14 -26.51
C ILE D 362 6.80 -61.47 -25.15
N ILE D 363 5.84 -61.88 -24.32
CA ILE D 363 5.86 -61.59 -22.89
C ILE D 363 7.09 -62.25 -22.18
N ALA D 364 7.29 -63.57 -22.29
CA ALA D 364 8.46 -64.25 -21.66
C ALA D 364 9.82 -63.59 -21.95
N THR D 365 9.96 -63.16 -23.21
CA THR D 365 11.20 -62.59 -23.77
C THR D 365 11.68 -61.28 -23.10
N ILE D 366 10.73 -60.40 -22.87
CA ILE D 366 10.96 -59.12 -22.17
C ILE D 366 11.32 -59.37 -20.65
N GLU D 367 10.48 -60.20 -20.00
CA GLU D 367 10.58 -60.51 -18.57
C GLU D 367 11.79 -61.31 -18.16
N ALA D 368 12.23 -62.25 -19.01
CA ALA D 368 13.45 -62.95 -18.72
C ALA D 368 14.67 -62.29 -19.37
N GLY D 369 14.63 -60.98 -19.69
CA GLY D 369 15.82 -60.23 -20.20
C GLY D 369 15.68 -59.33 -21.46
N ALA D 370 15.82 -59.96 -22.66
CA ALA D 370 15.67 -59.33 -24.01
C ALA D 370 14.46 -58.35 -24.24
N MET D 371 14.78 -57.09 -24.50
CA MET D 371 13.82 -56.03 -24.70
C MET D 371 14.46 -54.95 -25.57
N THR D 372 13.73 -53.87 -25.84
CA THR D 372 14.08 -52.89 -26.88
C THR D 372 14.41 -51.56 -26.21
N GLU D 373 14.93 -50.61 -26.98
CA GLU D 373 15.42 -49.36 -26.39
C GLU D 373 14.39 -48.75 -25.45
N ASP D 374 13.11 -48.78 -25.83
CA ASP D 374 12.06 -48.07 -25.08
C ASP D 374 11.73 -48.74 -23.75
N LEU D 375 11.70 -50.06 -23.74
CA LEU D 375 11.38 -50.82 -22.51
C LEU D 375 12.62 -50.96 -21.65
N ALA D 376 13.79 -50.82 -22.28
CA ALA D 376 15.03 -50.66 -21.56
C ALA D 376 15.02 -49.31 -20.86
N ILE D 377 14.76 -48.20 -21.58
CA ILE D 377 14.62 -46.85 -20.93
C ILE D 377 13.53 -46.79 -19.84
N CYS D 378 12.55 -47.70 -19.89
CA CYS D 378 11.54 -47.86 -18.82
C CYS D 378 12.06 -48.39 -17.52
N ILE D 379 12.71 -49.57 -17.57
CA ILE D 379 13.23 -50.28 -16.35
C ILE D 379 14.47 -49.58 -15.79
N LYS D 380 15.30 -49.00 -16.68
CA LYS D 380 16.43 -48.10 -16.34
C LYS D 380 15.90 -46.67 -16.13
N GLY D 381 16.78 -45.67 -16.11
CA GLY D 381 16.39 -44.28 -16.44
C GLY D 381 16.50 -44.07 -17.94
N GLU D 382 16.44 -42.82 -18.39
CA GLU D 382 16.71 -42.45 -19.81
C GLU D 382 18.21 -42.31 -20.09
N LYS D 383 18.92 -41.62 -19.21
CA LYS D 383 20.37 -41.39 -19.36
C LYS D 383 21.20 -42.61 -18.96
N ASN D 384 20.66 -43.46 -18.08
CA ASN D 384 21.40 -44.63 -17.57
C ASN D 384 21.63 -45.81 -18.59
N VAL D 385 20.85 -45.85 -19.67
CA VAL D 385 20.87 -47.00 -20.61
C VAL D 385 22.09 -47.02 -21.49
N VAL D 386 22.34 -48.21 -22.05
CA VAL D 386 23.55 -48.55 -22.82
C VAL D 386 23.23 -49.61 -23.93
N ARG D 387 24.11 -49.81 -24.92
CA ARG D 387 23.83 -50.80 -25.99
C ARG D 387 23.51 -52.18 -25.44
N ALA D 388 24.43 -52.78 -24.67
CA ALA D 388 24.23 -54.15 -24.16
C ALA D 388 23.12 -54.31 -23.08
N ASP D 389 22.38 -53.21 -22.80
CA ASP D 389 21.11 -53.19 -22.01
C ASP D 389 19.80 -53.40 -22.84
N TYR D 390 19.86 -53.26 -24.18
CA TYR D 390 18.69 -53.53 -25.08
C TYR D 390 19.07 -54.38 -26.30
N LEU D 391 18.17 -54.49 -27.27
CA LEU D 391 18.45 -55.11 -28.56
C LEU D 391 17.89 -54.19 -29.64
N ASN D 392 18.53 -54.12 -30.82
CA ASN D 392 17.90 -53.48 -32.00
C ASN D 392 16.63 -54.22 -32.43
N THR D 393 15.75 -53.54 -33.18
CA THR D 393 14.43 -54.05 -33.58
C THR D 393 14.48 -55.42 -34.24
N ASP D 394 15.38 -55.53 -35.22
CA ASP D 394 15.59 -56.71 -36.03
C ASP D 394 16.20 -57.87 -35.17
N GLU D 395 17.21 -57.57 -34.32
CA GLU D 395 17.82 -58.61 -33.44
C GLU D 395 16.90 -59.05 -32.31
N PHE D 396 16.08 -58.13 -31.77
CA PHE D 396 15.00 -58.50 -30.83
C PHE D 396 14.03 -59.54 -31.39
N ILE D 397 13.44 -59.27 -32.55
CA ILE D 397 12.53 -60.23 -33.22
C ILE D 397 13.21 -61.60 -33.40
N ASP D 398 14.51 -61.60 -33.65
CA ASP D 398 15.25 -62.86 -33.71
C ASP D 398 15.35 -63.54 -32.32
N ALA D 399 15.64 -62.78 -31.26
CA ALA D 399 15.64 -63.34 -29.90
C ALA D 399 14.29 -63.96 -29.55
N VAL D 400 13.21 -63.32 -30.01
CA VAL D 400 11.85 -63.83 -29.81
C VAL D 400 11.59 -65.06 -30.69
N SER D 401 12.02 -65.00 -31.95
CA SER D 401 12.01 -66.15 -32.86
C SER D 401 12.63 -67.37 -32.17
N GLN D 402 13.85 -67.17 -31.62
CA GLN D 402 14.59 -68.24 -30.92
C GLN D 402 13.80 -68.84 -29.76
N ARG D 403 13.03 -68.03 -29.05
CA ARG D 403 12.20 -68.49 -27.94
C ARG D 403 10.87 -69.17 -28.32
N LEU D 404 10.35 -68.87 -29.52
CA LEU D 404 9.13 -69.51 -30.00
C LEU D 404 9.47 -70.96 -30.31
N LYS D 405 10.52 -71.21 -31.10
CA LYS D 405 10.90 -72.58 -31.52
C LYS D 405 11.01 -73.52 -30.34
N VAL D 406 11.75 -73.08 -29.30
CA VAL D 406 12.02 -73.94 -28.13
C VAL D 406 10.72 -74.22 -27.40
N ALA D 407 9.97 -73.18 -27.07
CA ALA D 407 8.67 -73.34 -26.41
C ALA D 407 7.48 -73.76 -27.36
N MET D 408 7.69 -73.84 -28.67
CA MET D 408 6.66 -74.38 -29.60
C MET D 408 6.50 -75.90 -29.44
N GLN D 409 7.62 -76.63 -29.51
CA GLN D 409 7.63 -78.11 -29.48
C GLN D 409 7.64 -78.79 -28.09
N LYS D 410 7.95 -78.04 -27.02
CA LYS D 410 7.74 -78.56 -25.66
C LYS D 410 6.24 -78.78 -25.39
N SER D 411 5.37 -77.94 -25.98
CA SER D 411 3.91 -78.05 -25.79
C SER D 411 3.47 -79.41 -26.30
N LYS D 412 2.38 -79.93 -25.73
CA LYS D 412 1.98 -81.35 -25.89
C LYS D 412 1.86 -81.79 -27.38
N VAL D 413 2.98 -82.27 -27.94
CA VAL D 413 3.12 -82.56 -29.40
C VAL D 413 2.45 -83.91 -29.79
PA NAD E . -2.81 13.34 21.70
O1A NAD E . -2.72 11.83 21.47
O2A NAD E . -2.72 14.34 20.55
O5B NAD E . -4.18 13.65 22.45
C5B NAD E . -4.18 14.38 23.68
C4B NAD E . -5.60 14.81 23.91
O4B NAD E . -5.92 15.61 22.78
C3B NAD E . -6.59 13.65 24.02
O3B NAD E . -7.32 13.78 25.25
C2B NAD E . -7.50 13.82 22.84
O2B NAD E . -8.86 13.92 23.27
C1B NAD E . -7.10 15.14 22.19
N9A NAD E . -7.00 14.99 20.72
C8A NAD E . -5.93 14.92 19.90
N7A NAD E . -6.30 14.79 18.61
C5A NAD E . -7.64 14.75 18.59
C6A NAD E . -8.71 14.60 17.60
N6A NAD E . -8.43 14.48 16.31
N1A NAD E . -9.97 14.62 17.99
C2A NAD E . -10.32 14.75 19.28
N3A NAD E . -9.42 14.88 20.28
C4A NAD E . -8.09 14.89 19.98
O3 NAD E . -1.68 13.73 22.78
PN NAD E . -1.05 12.63 23.77
O1N NAD E . -2.22 11.86 24.34
O2N NAD E . -0.05 13.36 24.62
O5D NAD E . -0.25 11.55 22.84
C5D NAD E . -0.43 10.12 22.92
C4D NAD E . 0.58 9.31 22.08
O4D NAD E . 0.69 9.86 20.77
C3D NAD E . 1.97 9.33 22.72
O3D NAD E . 2.38 8.00 23.04
C2D NAD E . 2.90 10.04 21.73
O2D NAD E . 4.19 9.42 21.53
C1D NAD E . 2.05 10.12 20.45
N1N NAD E . 2.28 11.41 19.73
C2N NAD E . 2.73 11.36 18.47
C3N NAD E . 2.97 12.50 17.69
C7N NAD E . 3.49 12.40 16.26
O7N NAD E . 3.70 13.41 15.60
N7N NAD E . 3.74 11.24 15.65
C4N NAD E . 2.74 13.75 18.31
C5N NAD E . 2.28 13.80 19.62
C6N NAD E . 2.05 12.61 20.32
CA CA F . 5.46 23.36 22.86
PA NAD G . 2.07 54.88 25.03
O1A NAD G . 1.74 56.11 25.86
O2A NAD G . 2.40 53.59 25.75
O5B NAD G . 0.85 54.49 24.07
C5B NAD G . 0.94 53.60 22.95
C4B NAD G . -0.20 53.87 21.96
O4B NAD G . -1.40 53.29 22.49
C3B NAD G . -0.48 55.36 21.71
O3B NAD G . -0.27 55.79 20.34
C2B NAD G . -1.92 55.58 22.13
O2B NAD G . -2.69 55.99 21.01
C1B NAD G . -2.40 54.27 22.77
N9A NAD G . -2.63 54.44 24.24
C8A NAD G . -1.86 54.01 25.26
N7A NAD G . -2.39 54.38 26.47
C5A NAD G . -3.51 55.07 26.23
C6A NAD G . -4.54 55.74 27.03
N6A NAD G . -4.45 55.74 28.36
N1A NAD G . -5.58 56.36 26.43
C2A NAD G . -5.65 56.35 25.09
N3A NAD G . -4.75 55.74 24.28
C4A NAD G . -3.67 55.10 24.77
O3 NAD G . 3.14 55.33 23.91
PN NAD G . 4.56 54.64 23.47
O1N NAD G . 4.60 54.73 21.97
O2N NAD G . 4.79 53.26 24.06
O5D NAD G . 5.66 55.66 24.11
C5D NAD G . 5.43 57.01 24.55
C4D NAD G . 6.38 57.38 25.69
O4D NAD G . 6.06 56.61 26.85
C3D NAD G . 7.85 57.09 25.40
O3D NAD G . 8.63 58.29 25.59
C2D NAD G . 8.26 55.96 26.36
O2D NAD G . 9.57 56.17 26.87
C1D NAD G . 7.20 56.01 27.49
N1N NAD G . 6.77 54.76 28.21
C2N NAD G . 6.42 54.87 29.54
C3N NAD G . 5.97 53.79 30.32
C7N NAD G . 5.57 53.91 31.80
O7N NAD G . 4.71 53.13 32.20
N7N NAD G . 6.06 54.84 32.64
C4N NAD G . 5.88 52.54 29.69
C5N NAD G . 6.22 52.44 28.34
C6N NAD G . 6.66 53.56 27.63
CA CA H . 7.62 45.12 25.82
PA NAD I . -9.45 -23.85 -4.48
O1A NAD I . -8.18 -24.14 -5.31
O2A NAD I . -9.56 -22.77 -3.43
O5B NAD I . -9.96 -25.21 -3.81
C5B NAD I . -9.52 -26.54 -4.05
C4B NAD I . -9.37 -27.23 -2.70
O4B NAD I . -8.13 -27.91 -2.75
C3B NAD I . -9.31 -26.28 -1.47
O3B NAD I . -10.55 -25.83 -0.85
C2B NAD I . -8.38 -27.04 -0.56
O2B NAD I . -9.05 -28.09 0.17
C1B NAD I . -7.36 -27.55 -1.58
N9A NAD I . -6.33 -26.46 -1.80
C8A NAD I . -6.31 -25.57 -2.82
N7A NAD I . -5.27 -24.69 -2.72
C5A NAD I . -4.57 -25.01 -1.61
C6A NAD I . -3.35 -24.47 -0.93
N6A NAD I . -2.70 -23.41 -1.48
N1A NAD I . -2.93 -25.10 0.20
C2A NAD I . -3.59 -26.15 0.71
N3A NAD I . -4.70 -26.69 0.14
C4A NAD I . -5.25 -26.17 -1.00
O3 NAD I . -10.71 -23.53 -5.42
PN NAD I . -12.18 -23.70 -4.77
O1N NAD I . -12.00 -23.95 -3.25
O2N NAD I . -12.88 -24.65 -5.71
O5D NAD I . -12.77 -22.19 -4.92
C5D NAD I . -13.22 -21.46 -3.78
C4D NAD I . -13.33 -20.02 -4.19
O4D NAD I . -12.12 -19.70 -4.90
C3D NAD I . -14.45 -19.76 -5.14
O3D NAD I . -14.93 -18.46 -4.84
C2D NAD I . -13.82 -19.80 -6.50
O2D NAD I . -14.55 -19.00 -7.38
C1D NAD I . -12.45 -19.20 -6.20
N1N NAD I . -11.37 -19.42 -7.19
C2N NAD I . -10.64 -18.35 -7.57
C3N NAD I . -9.58 -18.41 -8.48
C7N NAD I . -8.79 -17.18 -8.86
O7N NAD I . -7.82 -17.32 -9.59
N7N NAD I . -9.06 -15.94 -8.43
C4N NAD I . -9.27 -19.65 -9.02
C5N NAD I . -10.02 -20.77 -8.61
C6N NAD I . -11.06 -20.63 -7.69
CA CA J . -10.32 -27.47 -17.14
PA NAD K . 3.99 -41.92 -33.72
O1A NAD K . 2.58 -41.43 -33.41
O2A NAD K . 4.24 -43.42 -33.81
O5B NAD K . 4.97 -41.38 -32.55
C5B NAD K . 6.37 -41.10 -32.77
C4B NAD K . 7.08 -40.94 -31.42
O4B NAD K . 6.54 -41.91 -30.51
C3B NAD K . 8.59 -41.16 -31.47
O3B NAD K . 9.28 -40.09 -30.78
C2B NAD K . 8.85 -42.50 -30.80
O2B NAD K . 9.89 -42.44 -29.81
C1B NAD K . 7.53 -42.88 -30.15
N9A NAD K . 7.09 -44.22 -30.56
C8A NAD K . 5.95 -44.51 -31.21
N7A NAD K . 5.87 -45.84 -31.42
C5A NAD K . 6.95 -46.39 -30.90
C6A NAD K . 7.44 -47.76 -30.80
N6A NAD K . 6.71 -48.76 -31.35
N1A NAD K . 8.64 -47.96 -30.17
C2A NAD K . 9.36 -46.93 -29.64
N3A NAD K . 8.93 -45.65 -29.71
C4A NAD K . 7.75 -45.33 -30.32
O3 NAD K . 4.65 -41.18 -35.02
PN NAD K . 4.42 -39.62 -35.43
O1N NAD K . 3.34 -38.94 -34.59
O2N NAD K . 5.83 -39.06 -35.70
O5D NAD K . 3.70 -39.83 -36.88
C5D NAD K . 4.37 -40.37 -38.03
C4D NAD K . 3.40 -40.65 -39.16
O4D NAD K . 2.48 -41.62 -38.68
C3D NAD K . 2.60 -39.44 -39.60
O3D NAD K . 2.66 -39.29 -41.02
C2D NAD K . 1.19 -39.71 -39.07
O2D NAD K . 0.04 -39.13 -39.76
C1D NAD K . 1.14 -41.24 -39.04
N1N NAD K . 0.12 -41.86 -38.14
C2N NAD K . -0.36 -43.07 -38.50
C3N NAD K . -1.29 -43.75 -37.74
C7N NAD K . -1.78 -45.11 -38.18
O7N NAD K . -2.62 -45.16 -39.05
N7N NAD K . -1.29 -46.24 -37.66
C4N NAD K . -1.72 -43.20 -36.56
C5N NAD K . -1.23 -41.95 -36.19
C6N NAD K . -0.31 -41.28 -36.98
C1 AKG L . -4.53 -43.51 -34.56
O1 AKG L . -4.90 -44.44 -35.33
O2 AKG L . -4.17 -43.80 -33.41
C2 AKG L . -4.49 -42.08 -34.97
O5 AKG L . -3.77 -41.28 -34.36
C3 AKG L . -5.25 -41.54 -36.15
C4 AKG L . -4.18 -41.51 -37.23
C5 AKG L . -4.58 -40.92 -38.53
O3 AKG L . -5.76 -41.09 -38.87
O4 AKG L . -3.68 -40.33 -39.17
CA CA M . -2.80 -42.22 -31.96
#